data_5UEP
# 
_entry.id   5UEP 
# 
_audit_conform.dict_name       mmcif_pdbx.dic 
_audit_conform.dict_version    5.389 
_audit_conform.dict_location   http://mmcif.pdb.org/dictionaries/ascii/mmcif_pdbx.dic 
# 
loop_
_database_2.database_id 
_database_2.database_code 
_database_2.pdbx_database_accession 
_database_2.pdbx_DOI 
PDB   5UEP         pdb_00005uep 10.2210/pdb5uep/pdb 
WWPDB D_1000224269 ?            ?                   
# 
loop_
_pdbx_audit_revision_history.ordinal 
_pdbx_audit_revision_history.data_content_type 
_pdbx_audit_revision_history.major_revision 
_pdbx_audit_revision_history.minor_revision 
_pdbx_audit_revision_history.revision_date 
1 'Structure model' 1 0 2017-06-14 
2 'Structure model' 1 1 2024-03-06 
3 'Structure model' 1 2 2024-04-03 
# 
_pdbx_audit_revision_details.ordinal             1 
_pdbx_audit_revision_details.revision_ordinal    1 
_pdbx_audit_revision_details.data_content_type   'Structure model' 
_pdbx_audit_revision_details.provider            repository 
_pdbx_audit_revision_details.type                'Initial release' 
_pdbx_audit_revision_details.description         ? 
_pdbx_audit_revision_details.details             ? 
# 
loop_
_pdbx_audit_revision_group.ordinal 
_pdbx_audit_revision_group.revision_ordinal 
_pdbx_audit_revision_group.data_content_type 
_pdbx_audit_revision_group.group 
1 2 'Structure model' Advisory                 
2 2 'Structure model' 'Data collection'        
3 2 'Structure model' 'Database references'    
4 3 'Structure model' 'Refinement description' 
# 
loop_
_pdbx_audit_revision_category.ordinal 
_pdbx_audit_revision_category.revision_ordinal 
_pdbx_audit_revision_category.data_content_type 
_pdbx_audit_revision_category.category 
1 2 'Structure model' chem_comp_atom                
2 2 'Structure model' chem_comp_bond                
3 2 'Structure model' database_2                    
4 2 'Structure model' pdbx_unobs_or_zero_occ_atoms  
5 3 'Structure model' pdbx_initial_refinement_model 
# 
loop_
_pdbx_audit_revision_item.ordinal 
_pdbx_audit_revision_item.revision_ordinal 
_pdbx_audit_revision_item.data_content_type 
_pdbx_audit_revision_item.item 
1 2 'Structure model' '_database_2.pdbx_DOI'                
2 2 'Structure model' '_database_2.pdbx_database_accession' 
# 
_pdbx_database_status.status_code                     REL 
_pdbx_database_status.status_code_sf                  REL 
_pdbx_database_status.status_code_mr                  ? 
_pdbx_database_status.entry_id                        5UEP 
_pdbx_database_status.recvd_initial_deposition_date   2017-01-03 
_pdbx_database_status.SG_entry                        N 
_pdbx_database_status.deposit_site                    RCSB 
_pdbx_database_status.process_site                    RCSB 
_pdbx_database_status.status_code_cs                  ? 
_pdbx_database_status.methods_development_category    ? 
_pdbx_database_status.pdb_format_compatible           Y 
_pdbx_database_status.status_code_nmr_data            ? 
# 
loop_
_pdbx_database_related.content_type 
_pdbx_database_related.db_id 
_pdbx_database_related.db_name 
_pdbx_database_related.details 
unspecified 5UF0 PDB . 
unspecified 5UEZ PDB . 
unspecified 5UEY PDB . 
unspecified 5UEX PDB . 
unspecified 5UEV PDB . 
unspecified 5UET PDB . 
unspecified 5UES PDB . 
unspecified 5UER PDB . 
unspecified 5UEQ PDB . 
unspecified 5UEU PDB . 
unspecified 5UEO PDB . 
unspecified 5UEW PDB . 
# 
_audit_author.name               'Park, C.H.' 
_audit_author.pdbx_ordinal       1 
_audit_author.identifier_ORCID   ? 
# 
_citation.abstract                  ? 
_citation.abstract_id_CAS           ? 
_citation.book_id_ISBN              ? 
_citation.book_publisher            ? 
_citation.book_publisher_city       ? 
_citation.book_title                ? 
_citation.coordinate_linkage        ? 
_citation.country                   ? 
_citation.database_id_Medline       ? 
_citation.details                   ? 
_citation.id                        primary 
_citation.journal_abbrev            'To Be Published' 
_citation.journal_id_ASTM           ? 
_citation.journal_id_CSD            0353 
_citation.journal_id_ISSN           ? 
_citation.journal_full              ? 
_citation.journal_issue             ? 
_citation.journal_volume            ? 
_citation.language                  ? 
_citation.page_first                ? 
_citation.page_last                 ? 
_citation.title                     'Complex structure of BRD4_BD2_A-581577' 
_citation.year                      ? 
_citation.database_id_CSD           ? 
_citation.pdbx_database_id_DOI      ? 
_citation.pdbx_database_id_PubMed   ? 
_citation.unpublished_flag          ? 
# 
_citation_author.citation_id        primary 
_citation_author.name               'Park, C.H.' 
_citation_author.ordinal            1 
_citation_author.identifier_ORCID   ? 
# 
loop_
_entity.id 
_entity.type 
_entity.src_method 
_entity.pdbx_description 
_entity.formula_weight 
_entity.pdbx_number_of_molecules 
_entity.pdbx_ec 
_entity.pdbx_mutation 
_entity.pdbx_fragment 
_entity.details 
1 polymer     man 'Bromodomain-containing protein 4'                                   12806.933 1   ? ? 'residues 352-457' ? 
2 non-polymer syn 'ethyl 3-methyl-4-oxo-4,5,6,7-tetrahydro-2H-isoindole-1-carboxylate' 221.252   1   ? ? ?                  ? 
3 water       nat water                                                                18.015    139 ? ? ?                  ? 
# 
_entity_name_com.entity_id   1 
_entity_name_com.name        'Protein HUNK1' 
# 
_entity_poly.entity_id                      1 
_entity_poly.type                           'polypeptide(L)' 
_entity_poly.nstd_linkage                   no 
_entity_poly.nstd_monomer                   no 
_entity_poly.pdbx_seq_one_letter_code       
;SHMEQLKCCSGILKEMFAKKHAAYAWPFYKPVDVEALGLHDYCDIIKHPMDMSTIKSKLEAREYRDAQEFGADVRLMFSN
CYKYNPPDHEVVAMARKLQDVFEMRFAKM
;
_entity_poly.pdbx_seq_one_letter_code_can   
;SHMEQLKCCSGILKEMFAKKHAAYAWPFYKPVDVEALGLHDYCDIIKHPMDMSTIKSKLEAREYRDAQEFGADVRLMFSN
CYKYNPPDHEVVAMARKLQDVFEMRFAKM
;
_entity_poly.pdbx_strand_id                 A 
_entity_poly.pdbx_target_identifier         ? 
# 
loop_
_pdbx_entity_nonpoly.entity_id 
_pdbx_entity_nonpoly.name 
_pdbx_entity_nonpoly.comp_id 
2 'ethyl 3-methyl-4-oxo-4,5,6,7-tetrahydro-2H-isoindole-1-carboxylate' 88P 
3 water                                                                HOH 
# 
loop_
_entity_poly_seq.entity_id 
_entity_poly_seq.num 
_entity_poly_seq.mon_id 
_entity_poly_seq.hetero 
1 1   SER n 
1 2   HIS n 
1 3   MET n 
1 4   GLU n 
1 5   GLN n 
1 6   LEU n 
1 7   LYS n 
1 8   CYS n 
1 9   CYS n 
1 10  SER n 
1 11  GLY n 
1 12  ILE n 
1 13  LEU n 
1 14  LYS n 
1 15  GLU n 
1 16  MET n 
1 17  PHE n 
1 18  ALA n 
1 19  LYS n 
1 20  LYS n 
1 21  HIS n 
1 22  ALA n 
1 23  ALA n 
1 24  TYR n 
1 25  ALA n 
1 26  TRP n 
1 27  PRO n 
1 28  PHE n 
1 29  TYR n 
1 30  LYS n 
1 31  PRO n 
1 32  VAL n 
1 33  ASP n 
1 34  VAL n 
1 35  GLU n 
1 36  ALA n 
1 37  LEU n 
1 38  GLY n 
1 39  LEU n 
1 40  HIS n 
1 41  ASP n 
1 42  TYR n 
1 43  CYS n 
1 44  ASP n 
1 45  ILE n 
1 46  ILE n 
1 47  LYS n 
1 48  HIS n 
1 49  PRO n 
1 50  MET n 
1 51  ASP n 
1 52  MET n 
1 53  SER n 
1 54  THR n 
1 55  ILE n 
1 56  LYS n 
1 57  SER n 
1 58  LYS n 
1 59  LEU n 
1 60  GLU n 
1 61  ALA n 
1 62  ARG n 
1 63  GLU n 
1 64  TYR n 
1 65  ARG n 
1 66  ASP n 
1 67  ALA n 
1 68  GLN n 
1 69  GLU n 
1 70  PHE n 
1 71  GLY n 
1 72  ALA n 
1 73  ASP n 
1 74  VAL n 
1 75  ARG n 
1 76  LEU n 
1 77  MET n 
1 78  PHE n 
1 79  SER n 
1 80  ASN n 
1 81  CYS n 
1 82  TYR n 
1 83  LYS n 
1 84  TYR n 
1 85  ASN n 
1 86  PRO n 
1 87  PRO n 
1 88  ASP n 
1 89  HIS n 
1 90  GLU n 
1 91  VAL n 
1 92  VAL n 
1 93  ALA n 
1 94  MET n 
1 95  ALA n 
1 96  ARG n 
1 97  LYS n 
1 98  LEU n 
1 99  GLN n 
1 100 ASP n 
1 101 VAL n 
1 102 PHE n 
1 103 GLU n 
1 104 MET n 
1 105 ARG n 
1 106 PHE n 
1 107 ALA n 
1 108 LYS n 
1 109 MET n 
# 
_entity_src_gen.entity_id                          1 
_entity_src_gen.pdbx_src_id                        1 
_entity_src_gen.pdbx_alt_source_flag               sample 
_entity_src_gen.pdbx_seq_type                      'Biological sequence' 
_entity_src_gen.pdbx_beg_seq_num                   1 
_entity_src_gen.pdbx_end_seq_num                   109 
_entity_src_gen.gene_src_common_name               Human 
_entity_src_gen.gene_src_genus                     ? 
_entity_src_gen.pdbx_gene_src_gene                 'BRD4, HUNK1' 
_entity_src_gen.gene_src_species                   ? 
_entity_src_gen.gene_src_strain                    ? 
_entity_src_gen.gene_src_tissue                    ? 
_entity_src_gen.gene_src_tissue_fraction           ? 
_entity_src_gen.gene_src_details                   ? 
_entity_src_gen.pdbx_gene_src_fragment             ? 
_entity_src_gen.pdbx_gene_src_scientific_name      'Homo sapiens' 
_entity_src_gen.pdbx_gene_src_ncbi_taxonomy_id     9606 
_entity_src_gen.pdbx_gene_src_variant              ? 
_entity_src_gen.pdbx_gene_src_cell_line            ? 
_entity_src_gen.pdbx_gene_src_atcc                 ? 
_entity_src_gen.pdbx_gene_src_organ                ? 
_entity_src_gen.pdbx_gene_src_organelle            ? 
_entity_src_gen.pdbx_gene_src_cell                 ? 
_entity_src_gen.pdbx_gene_src_cellular_location    ? 
_entity_src_gen.host_org_common_name               ? 
_entity_src_gen.pdbx_host_org_scientific_name      'Enterobacteria phage L1' 
_entity_src_gen.pdbx_host_org_ncbi_taxonomy_id     268588 
_entity_src_gen.host_org_genus                     ? 
_entity_src_gen.pdbx_host_org_gene                 ? 
_entity_src_gen.pdbx_host_org_organ                ? 
_entity_src_gen.host_org_species                   ? 
_entity_src_gen.pdbx_host_org_tissue               ? 
_entity_src_gen.pdbx_host_org_tissue_fraction      ? 
_entity_src_gen.pdbx_host_org_strain               ? 
_entity_src_gen.pdbx_host_org_variant              ? 
_entity_src_gen.pdbx_host_org_cell_line            ? 
_entity_src_gen.pdbx_host_org_atcc                 ? 
_entity_src_gen.pdbx_host_org_culture_collection   ? 
_entity_src_gen.pdbx_host_org_cell                 ? 
_entity_src_gen.pdbx_host_org_organelle            ? 
_entity_src_gen.pdbx_host_org_cellular_location    ? 
_entity_src_gen.pdbx_host_org_vector_type          ? 
_entity_src_gen.pdbx_host_org_vector               ? 
_entity_src_gen.host_org_details                   ? 
_entity_src_gen.expression_system_id               ? 
_entity_src_gen.plasmid_name                       ? 
_entity_src_gen.plasmid_details                    ? 
_entity_src_gen.pdbx_description                   ? 
# 
loop_
_chem_comp.id 
_chem_comp.type 
_chem_comp.mon_nstd_flag 
_chem_comp.name 
_chem_comp.pdbx_synonyms 
_chem_comp.formula 
_chem_comp.formula_weight 
88P non-polymer         . 'ethyl 3-methyl-4-oxo-4,5,6,7-tetrahydro-2H-isoindole-1-carboxylate' ? 'C12 H15 N O3'   221.252 
ALA 'L-peptide linking' y ALANINE                                                              ? 'C3 H7 N O2'     89.093  
ARG 'L-peptide linking' y ARGININE                                                             ? 'C6 H15 N4 O2 1' 175.209 
ASN 'L-peptide linking' y ASPARAGINE                                                           ? 'C4 H8 N2 O3'    132.118 
ASP 'L-peptide linking' y 'ASPARTIC ACID'                                                      ? 'C4 H7 N O4'     133.103 
CYS 'L-peptide linking' y CYSTEINE                                                             ? 'C3 H7 N O2 S'   121.158 
GLN 'L-peptide linking' y GLUTAMINE                                                            ? 'C5 H10 N2 O3'   146.144 
GLU 'L-peptide linking' y 'GLUTAMIC ACID'                                                      ? 'C5 H9 N O4'     147.129 
GLY 'peptide linking'   y GLYCINE                                                              ? 'C2 H5 N O2'     75.067  
HIS 'L-peptide linking' y HISTIDINE                                                            ? 'C6 H10 N3 O2 1' 156.162 
HOH non-polymer         . WATER                                                                ? 'H2 O'           18.015  
ILE 'L-peptide linking' y ISOLEUCINE                                                           ? 'C6 H13 N O2'    131.173 
LEU 'L-peptide linking' y LEUCINE                                                              ? 'C6 H13 N O2'    131.173 
LYS 'L-peptide linking' y LYSINE                                                               ? 'C6 H15 N2 O2 1' 147.195 
MET 'L-peptide linking' y METHIONINE                                                           ? 'C5 H11 N O2 S'  149.211 
PHE 'L-peptide linking' y PHENYLALANINE                                                        ? 'C9 H11 N O2'    165.189 
PRO 'L-peptide linking' y PROLINE                                                              ? 'C5 H9 N O2'     115.130 
SER 'L-peptide linking' y SERINE                                                               ? 'C3 H7 N O3'     105.093 
THR 'L-peptide linking' y THREONINE                                                            ? 'C4 H9 N O3'     119.119 
TRP 'L-peptide linking' y TRYPTOPHAN                                                           ? 'C11 H12 N2 O2'  204.225 
TYR 'L-peptide linking' y TYROSINE                                                             ? 'C9 H11 N O3'    181.189 
VAL 'L-peptide linking' y VALINE                                                               ? 'C5 H11 N O2'    117.146 
# 
loop_
_pdbx_poly_seq_scheme.asym_id 
_pdbx_poly_seq_scheme.entity_id 
_pdbx_poly_seq_scheme.seq_id 
_pdbx_poly_seq_scheme.mon_id 
_pdbx_poly_seq_scheme.ndb_seq_num 
_pdbx_poly_seq_scheme.pdb_seq_num 
_pdbx_poly_seq_scheme.auth_seq_num 
_pdbx_poly_seq_scheme.pdb_mon_id 
_pdbx_poly_seq_scheme.auth_mon_id 
_pdbx_poly_seq_scheme.pdb_strand_id 
_pdbx_poly_seq_scheme.pdb_ins_code 
_pdbx_poly_seq_scheme.hetero 
A 1 1   SER 1   349 349 SER SER A . n 
A 1 2   HIS 2   350 350 HIS HIS A . n 
A 1 3   MET 3   351 351 MET MET A . n 
A 1 4   GLU 4   352 352 GLU GLU A . n 
A 1 5   GLN 5   353 353 GLN GLN A . n 
A 1 6   LEU 6   354 354 LEU LEU A . n 
A 1 7   LYS 7   355 355 LYS LYS A . n 
A 1 8   CYS 8   356 356 CYS CYS A . n 
A 1 9   CYS 9   357 357 CYS CYS A . n 
A 1 10  SER 10  358 358 SER SER A . n 
A 1 11  GLY 11  359 359 GLY GLY A . n 
A 1 12  ILE 12  360 360 ILE ILE A . n 
A 1 13  LEU 13  361 361 LEU LEU A . n 
A 1 14  LYS 14  362 362 LYS LYS A . n 
A 1 15  GLU 15  363 363 GLU GLU A . n 
A 1 16  MET 16  364 364 MET MET A . n 
A 1 17  PHE 17  365 365 PHE PHE A . n 
A 1 18  ALA 18  366 366 ALA ALA A . n 
A 1 19  LYS 19  367 367 LYS LYS A . n 
A 1 20  LYS 20  368 368 LYS LYS A . n 
A 1 21  HIS 21  369 369 HIS HIS A . n 
A 1 22  ALA 22  370 370 ALA ALA A . n 
A 1 23  ALA 23  371 371 ALA ALA A . n 
A 1 24  TYR 24  372 372 TYR TYR A . n 
A 1 25  ALA 25  373 373 ALA ALA A . n 
A 1 26  TRP 26  374 374 TRP TRP A . n 
A 1 27  PRO 27  375 375 PRO PRO A . n 
A 1 28  PHE 28  376 376 PHE PHE A . n 
A 1 29  TYR 29  377 377 TYR TYR A . n 
A 1 30  LYS 30  378 378 LYS LYS A . n 
A 1 31  PRO 31  379 379 PRO PRO A . n 
A 1 32  VAL 32  380 380 VAL VAL A . n 
A 1 33  ASP 33  381 381 ASP ASP A . n 
A 1 34  VAL 34  382 382 VAL VAL A . n 
A 1 35  GLU 35  383 383 GLU GLU A . n 
A 1 36  ALA 36  384 384 ALA ALA A . n 
A 1 37  LEU 37  385 385 LEU LEU A . n 
A 1 38  GLY 38  386 386 GLY GLY A . n 
A 1 39  LEU 39  387 387 LEU LEU A . n 
A 1 40  HIS 40  388 388 HIS HIS A . n 
A 1 41  ASP 41  389 389 ASP ASP A . n 
A 1 42  TYR 42  390 390 TYR TYR A . n 
A 1 43  CYS 43  391 391 CYS CYS A . n 
A 1 44  ASP 44  392 392 ASP ASP A . n 
A 1 45  ILE 45  393 393 ILE ILE A . n 
A 1 46  ILE 46  394 394 ILE ILE A . n 
A 1 47  LYS 47  395 395 LYS LYS A . n 
A 1 48  HIS 48  396 396 HIS HIS A . n 
A 1 49  PRO 49  397 397 PRO PRO A . n 
A 1 50  MET 50  398 398 MET MET A . n 
A 1 51  ASP 51  399 399 ASP ASP A . n 
A 1 52  MET 52  400 400 MET MET A . n 
A 1 53  SER 53  401 401 SER SER A . n 
A 1 54  THR 54  402 402 THR THR A . n 
A 1 55  ILE 55  403 403 ILE ILE A . n 
A 1 56  LYS 56  404 404 LYS LYS A . n 
A 1 57  SER 57  405 405 SER SER A . n 
A 1 58  LYS 58  406 406 LYS LYS A . n 
A 1 59  LEU 59  407 407 LEU LEU A . n 
A 1 60  GLU 60  408 408 GLU GLU A . n 
A 1 61  ALA 61  409 409 ALA ALA A . n 
A 1 62  ARG 62  410 410 ARG ARG A . n 
A 1 63  GLU 63  411 411 GLU GLU A . n 
A 1 64  TYR 64  412 412 TYR TYR A . n 
A 1 65  ARG 65  413 413 ARG ARG A . n 
A 1 66  ASP 66  414 414 ASP ASP A . n 
A 1 67  ALA 67  415 415 ALA ALA A . n 
A 1 68  GLN 68  416 416 GLN GLN A . n 
A 1 69  GLU 69  417 417 GLU GLU A . n 
A 1 70  PHE 70  418 418 PHE PHE A . n 
A 1 71  GLY 71  419 419 GLY GLY A . n 
A 1 72  ALA 72  420 420 ALA ALA A . n 
A 1 73  ASP 73  421 421 ASP ASP A . n 
A 1 74  VAL 74  422 422 VAL VAL A . n 
A 1 75  ARG 75  423 423 ARG ARG A . n 
A 1 76  LEU 76  424 424 LEU LEU A . n 
A 1 77  MET 77  425 425 MET MET A . n 
A 1 78  PHE 78  426 426 PHE PHE A . n 
A 1 79  SER 79  427 427 SER SER A . n 
A 1 80  ASN 80  428 428 ASN ASN A . n 
A 1 81  CYS 81  429 429 CYS CYS A . n 
A 1 82  TYR 82  430 430 TYR TYR A . n 
A 1 83  LYS 83  431 431 LYS LYS A . n 
A 1 84  TYR 84  432 432 TYR TYR A . n 
A 1 85  ASN 85  433 433 ASN ASN A . n 
A 1 86  PRO 86  434 434 PRO PRO A . n 
A 1 87  PRO 87  435 435 PRO PRO A . n 
A 1 88  ASP 88  436 436 ASP ASP A . n 
A 1 89  HIS 89  437 437 HIS HIS A . n 
A 1 90  GLU 90  438 438 GLU GLU A . n 
A 1 91  VAL 91  439 439 VAL VAL A . n 
A 1 92  VAL 92  440 440 VAL VAL A . n 
A 1 93  ALA 93  441 441 ALA ALA A . n 
A 1 94  MET 94  442 442 MET MET A . n 
A 1 95  ALA 95  443 443 ALA ALA A . n 
A 1 96  ARG 96  444 444 ARG ARG A . n 
A 1 97  LYS 97  445 445 LYS LYS A . n 
A 1 98  LEU 98  446 446 LEU LEU A . n 
A 1 99  GLN 99  447 447 GLN GLN A . n 
A 1 100 ASP 100 448 448 ASP ASP A . n 
A 1 101 VAL 101 449 449 VAL VAL A . n 
A 1 102 PHE 102 450 450 PHE PHE A . n 
A 1 103 GLU 103 451 451 GLU GLU A . n 
A 1 104 MET 104 452 452 MET MET A . n 
A 1 105 ARG 105 453 453 ARG ARG A . n 
A 1 106 PHE 106 454 454 PHE PHE A . n 
A 1 107 ALA 107 455 455 ALA ALA A . n 
A 1 108 LYS 108 456 456 LYS LYS A . n 
A 1 109 MET 109 457 457 MET MET A . n 
# 
loop_
_pdbx_nonpoly_scheme.asym_id 
_pdbx_nonpoly_scheme.entity_id 
_pdbx_nonpoly_scheme.mon_id 
_pdbx_nonpoly_scheme.ndb_seq_num 
_pdbx_nonpoly_scheme.pdb_seq_num 
_pdbx_nonpoly_scheme.auth_seq_num 
_pdbx_nonpoly_scheme.pdb_mon_id 
_pdbx_nonpoly_scheme.auth_mon_id 
_pdbx_nonpoly_scheme.pdb_strand_id 
_pdbx_nonpoly_scheme.pdb_ins_code 
B 2 88P 1   501 1   88P LIG A . 
C 3 HOH 1   601 56  HOH HOH A . 
C 3 HOH 2   602 1   HOH HOH A . 
C 3 HOH 3   603 74  HOH HOH A . 
C 3 HOH 4   604 8   HOH HOH A . 
C 3 HOH 5   605 7   HOH HOH A . 
C 3 HOH 6   606 137 HOH HOH A . 
C 3 HOH 7   607 108 HOH HOH A . 
C 3 HOH 8   608 135 HOH HOH A . 
C 3 HOH 9   609 45  HOH HOH A . 
C 3 HOH 10  610 95  HOH HOH A . 
C 3 HOH 11  611 23  HOH HOH A . 
C 3 HOH 12  612 5   HOH HOH A . 
C 3 HOH 13  613 14  HOH HOH A . 
C 3 HOH 14  614 107 HOH HOH A . 
C 3 HOH 15  615 13  HOH HOH A . 
C 3 HOH 16  616 15  HOH HOH A . 
C 3 HOH 17  617 12  HOH HOH A . 
C 3 HOH 18  618 114 HOH HOH A . 
C 3 HOH 19  619 42  HOH HOH A . 
C 3 HOH 20  620 48  HOH HOH A . 
C 3 HOH 21  621 71  HOH HOH A . 
C 3 HOH 22  622 65  HOH HOH A . 
C 3 HOH 23  623 59  HOH HOH A . 
C 3 HOH 24  624 116 HOH HOH A . 
C 3 HOH 25  625 85  HOH HOH A . 
C 3 HOH 26  626 40  HOH HOH A . 
C 3 HOH 27  627 78  HOH HOH A . 
C 3 HOH 28  628 33  HOH HOH A . 
C 3 HOH 29  629 138 HOH HOH A . 
C 3 HOH 30  630 124 HOH HOH A . 
C 3 HOH 31  631 46  HOH HOH A . 
C 3 HOH 32  632 34  HOH HOH A . 
C 3 HOH 33  633 16  HOH HOH A . 
C 3 HOH 34  634 9   HOH HOH A . 
C 3 HOH 35  635 121 HOH HOH A . 
C 3 HOH 36  636 11  HOH HOH A . 
C 3 HOH 37  637 44  HOH HOH A . 
C 3 HOH 38  638 88  HOH HOH A . 
C 3 HOH 39  639 24  HOH HOH A . 
C 3 HOH 40  640 83  HOH HOH A . 
C 3 HOH 41  641 26  HOH HOH A . 
C 3 HOH 42  642 28  HOH HOH A . 
C 3 HOH 43  643 30  HOH HOH A . 
C 3 HOH 44  644 76  HOH HOH A . 
C 3 HOH 45  645 18  HOH HOH A . 
C 3 HOH 46  646 113 HOH HOH A . 
C 3 HOH 47  647 49  HOH HOH A . 
C 3 HOH 48  648 80  HOH HOH A . 
C 3 HOH 49  649 112 HOH HOH A . 
C 3 HOH 50  650 31  HOH HOH A . 
C 3 HOH 51  651 19  HOH HOH A . 
C 3 HOH 52  652 4   HOH HOH A . 
C 3 HOH 53  653 136 HOH HOH A . 
C 3 HOH 54  654 104 HOH HOH A . 
C 3 HOH 55  655 106 HOH HOH A . 
C 3 HOH 56  656 125 HOH HOH A . 
C 3 HOH 57  657 126 HOH HOH A . 
C 3 HOH 58  658 68  HOH HOH A . 
C 3 HOH 59  659 27  HOH HOH A . 
C 3 HOH 60  660 38  HOH HOH A . 
C 3 HOH 61  661 70  HOH HOH A . 
C 3 HOH 62  662 67  HOH HOH A . 
C 3 HOH 63  663 60  HOH HOH A . 
C 3 HOH 64  664 39  HOH HOH A . 
C 3 HOH 65  665 22  HOH HOH A . 
C 3 HOH 66  666 139 HOH HOH A . 
C 3 HOH 67  667 21  HOH HOH A . 
C 3 HOH 68  668 57  HOH HOH A . 
C 3 HOH 69  669 73  HOH HOH A . 
C 3 HOH 70  670 37  HOH HOH A . 
C 3 HOH 71  671 103 HOH HOH A . 
C 3 HOH 72  672 93  HOH HOH A . 
C 3 HOH 73  673 117 HOH HOH A . 
C 3 HOH 74  674 3   HOH HOH A . 
C 3 HOH 75  675 2   HOH HOH A . 
C 3 HOH 76  676 20  HOH HOH A . 
C 3 HOH 77  677 62  HOH HOH A . 
C 3 HOH 78  678 25  HOH HOH A . 
C 3 HOH 79  679 118 HOH HOH A . 
C 3 HOH 80  680 10  HOH HOH A . 
C 3 HOH 81  681 29  HOH HOH A . 
C 3 HOH 82  682 132 HOH HOH A . 
C 3 HOH 83  683 36  HOH HOH A . 
C 3 HOH 84  684 41  HOH HOH A . 
C 3 HOH 85  685 17  HOH HOH A . 
C 3 HOH 86  686 47  HOH HOH A . 
C 3 HOH 87  687 6   HOH HOH A . 
C 3 HOH 88  688 119 HOH HOH A . 
C 3 HOH 89  689 32  HOH HOH A . 
C 3 HOH 90  690 102 HOH HOH A . 
C 3 HOH 91  691 50  HOH HOH A . 
C 3 HOH 92  692 66  HOH HOH A . 
C 3 HOH 93  693 91  HOH HOH A . 
C 3 HOH 94  694 52  HOH HOH A . 
C 3 HOH 95  695 100 HOH HOH A . 
C 3 HOH 96  696 51  HOH HOH A . 
C 3 HOH 97  697 128 HOH HOH A . 
C 3 HOH 98  698 89  HOH HOH A . 
C 3 HOH 99  699 43  HOH HOH A . 
C 3 HOH 100 700 81  HOH HOH A . 
C 3 HOH 101 701 86  HOH HOH A . 
C 3 HOH 102 702 87  HOH HOH A . 
C 3 HOH 103 703 69  HOH HOH A . 
C 3 HOH 104 704 75  HOH HOH A . 
C 3 HOH 105 705 134 HOH HOH A . 
C 3 HOH 106 706 35  HOH HOH A . 
C 3 HOH 107 707 53  HOH HOH A . 
C 3 HOH 108 708 63  HOH HOH A . 
C 3 HOH 109 709 84  HOH HOH A . 
C 3 HOH 110 710 122 HOH HOH A . 
C 3 HOH 111 711 123 HOH HOH A . 
C 3 HOH 112 712 133 HOH HOH A . 
C 3 HOH 113 713 129 HOH HOH A . 
C 3 HOH 114 714 94  HOH HOH A . 
C 3 HOH 115 715 92  HOH HOH A . 
C 3 HOH 116 716 98  HOH HOH A . 
C 3 HOH 117 717 130 HOH HOH A . 
C 3 HOH 118 718 101 HOH HOH A . 
C 3 HOH 119 719 61  HOH HOH A . 
C 3 HOH 120 720 55  HOH HOH A . 
C 3 HOH 121 721 127 HOH HOH A . 
C 3 HOH 122 722 97  HOH HOH A . 
C 3 HOH 123 723 58  HOH HOH A . 
C 3 HOH 124 724 79  HOH HOH A . 
C 3 HOH 125 725 99  HOH HOH A . 
C 3 HOH 126 726 131 HOH HOH A . 
C 3 HOH 127 727 54  HOH HOH A . 
C 3 HOH 128 728 109 HOH HOH A . 
C 3 HOH 129 729 115 HOH HOH A . 
C 3 HOH 130 730 72  HOH HOH A . 
C 3 HOH 131 731 64  HOH HOH A . 
C 3 HOH 132 732 96  HOH HOH A . 
C 3 HOH 133 733 110 HOH HOH A . 
C 3 HOH 134 734 111 HOH HOH A . 
C 3 HOH 135 735 120 HOH HOH A . 
C 3 HOH 136 736 77  HOH HOH A . 
C 3 HOH 137 737 105 HOH HOH A . 
C 3 HOH 138 738 90  HOH HOH A . 
C 3 HOH 139 739 82  HOH HOH A . 
# 
_pdbx_unobs_or_zero_occ_atoms.id               1 
_pdbx_unobs_or_zero_occ_atoms.PDB_model_num    1 
_pdbx_unobs_or_zero_occ_atoms.polymer_flag     Y 
_pdbx_unobs_or_zero_occ_atoms.occupancy_flag   0 
_pdbx_unobs_or_zero_occ_atoms.auth_asym_id     A 
_pdbx_unobs_or_zero_occ_atoms.auth_comp_id     CYS 
_pdbx_unobs_or_zero_occ_atoms.auth_seq_id      356 
_pdbx_unobs_or_zero_occ_atoms.PDB_ins_code     ? 
_pdbx_unobs_or_zero_occ_atoms.auth_atom_id     CA 
_pdbx_unobs_or_zero_occ_atoms.label_alt_id     ? 
_pdbx_unobs_or_zero_occ_atoms.label_asym_id    A 
_pdbx_unobs_or_zero_occ_atoms.label_comp_id    CYS 
_pdbx_unobs_or_zero_occ_atoms.label_seq_id     8 
_pdbx_unobs_or_zero_occ_atoms.label_atom_id    CA 
# 
loop_
_software.citation_id 
_software.classification 
_software.compiler_name 
_software.compiler_version 
_software.contact_author 
_software.contact_author_email 
_software.date 
_software.description 
_software.dependencies 
_software.hardware 
_software.language 
_software.location 
_software.mods 
_software.name 
_software.os 
_software.os_version 
_software.type 
_software.version 
_software.pdbx_ordinal 
? 'data reduction' ? ? ? ? ? ? ? ? ? ? ? XDS    ? ? ? 2.11.7 1 
? 'data scaling'   ? ? ? ? ? ? ? ? ? ? ? SCALA  ? ? ? .      2 
? 'model building' ? ? ? ? ? ? ? ? ? ? ? Coot   ? ? ? .      3 
? refinement       ? ? ? ? ? ? ? ? ? ? ? BUSTER ? ? ? 2.11.7 4 
# 
_cell.angle_alpha                  90.00 
_cell.angle_alpha_esd              ? 
_cell.angle_beta                   90.00 
_cell.angle_beta_esd               ? 
_cell.angle_gamma                  90.00 
_cell.angle_gamma_esd              ? 
_cell.entry_id                     5UEP 
_cell.details                      ? 
_cell.formula_units_Z              ? 
_cell.length_a                     56.802 
_cell.length_a_esd                 ? 
_cell.length_b                     73.604 
_cell.length_b_esd                 ? 
_cell.length_c                     33.533 
_cell.length_c_esd                 ? 
_cell.volume                       ? 
_cell.volume_esd                   ? 
_cell.Z_PDB                        4 
_cell.reciprocal_angle_alpha       ? 
_cell.reciprocal_angle_beta        ? 
_cell.reciprocal_angle_gamma       ? 
_cell.reciprocal_angle_alpha_esd   ? 
_cell.reciprocal_angle_beta_esd    ? 
_cell.reciprocal_angle_gamma_esd   ? 
_cell.reciprocal_length_a          ? 
_cell.reciprocal_length_b          ? 
_cell.reciprocal_length_c          ? 
_cell.reciprocal_length_a_esd      ? 
_cell.reciprocal_length_b_esd      ? 
_cell.reciprocal_length_c_esd      ? 
_cell.pdbx_unique_axis             ? 
# 
_symmetry.entry_id                         5UEP 
_symmetry.cell_setting                     ? 
_symmetry.Int_Tables_number                18 
_symmetry.space_group_name_Hall            ? 
_symmetry.space_group_name_H-M             'P 21 21 2' 
_symmetry.pdbx_full_space_group_name_H-M   ? 
# 
_exptl.absorpt_coefficient_mu     ? 
_exptl.absorpt_correction_T_max   ? 
_exptl.absorpt_correction_T_min   ? 
_exptl.absorpt_correction_type    ? 
_exptl.absorpt_process_details    ? 
_exptl.entry_id                   5UEP 
_exptl.crystals_number            1 
_exptl.details                    ? 
_exptl.method                     'X-RAY DIFFRACTION' 
_exptl.method_details             ? 
# 
_exptl_crystal.colour                      ? 
_exptl_crystal.density_diffrn              ? 
_exptl_crystal.density_Matthews            2.74 
_exptl_crystal.density_method              ? 
_exptl_crystal.density_percent_sol         55.06 
_exptl_crystal.description                 ? 
_exptl_crystal.F_000                       ? 
_exptl_crystal.id                          1 
_exptl_crystal.preparation                 ? 
_exptl_crystal.size_max                    ? 
_exptl_crystal.size_mid                    ? 
_exptl_crystal.size_min                    ? 
_exptl_crystal.size_rad                    ? 
_exptl_crystal.colour_lustre               ? 
_exptl_crystal.colour_modifier             ? 
_exptl_crystal.colour_primary              ? 
_exptl_crystal.density_meas                ? 
_exptl_crystal.density_meas_esd            ? 
_exptl_crystal.density_meas_gt             ? 
_exptl_crystal.density_meas_lt             ? 
_exptl_crystal.density_meas_temp           ? 
_exptl_crystal.density_meas_temp_esd       ? 
_exptl_crystal.density_meas_temp_gt        ? 
_exptl_crystal.density_meas_temp_lt        ? 
_exptl_crystal.pdbx_crystal_image_url      ? 
_exptl_crystal.pdbx_crystal_image_format   ? 
_exptl_crystal.pdbx_mosaicity              ? 
_exptl_crystal.pdbx_mosaicity_esd          ? 
# 
_exptl_crystal_grow.apparatus       ? 
_exptl_crystal_grow.atmosphere      ? 
_exptl_crystal_grow.crystal_id      1 
_exptl_crystal_grow.details         ? 
_exptl_crystal_grow.method          'VAPOR DIFFUSION' 
_exptl_crystal_grow.method_ref      ? 
_exptl_crystal_grow.pH              ? 
_exptl_crystal_grow.pressure        ? 
_exptl_crystal_grow.pressure_esd    ? 
_exptl_crystal_grow.seeding         ? 
_exptl_crystal_grow.seeding_ref     ? 
_exptl_crystal_grow.temp            277 
_exptl_crystal_grow.temp_details    ? 
_exptl_crystal_grow.temp_esd        ? 
_exptl_crystal_grow.time            ? 
_exptl_crystal_grow.pdbx_details    
;Protein Buffer :
10 mM HEPES PH 7.5
100 mM NaCl   5 mM DTT
Crystallization :
15 % (v/v) Ethanol   Tris 7.0
;
_exptl_crystal_grow.pdbx_pH_range   ? 
# 
_diffrn.ambient_environment    ? 
_diffrn.ambient_temp           100 
_diffrn.ambient_temp_details   ? 
_diffrn.ambient_temp_esd       ? 
_diffrn.crystal_id             1 
_diffrn.crystal_support        ? 
_diffrn.crystal_treatment      ? 
_diffrn.details                ? 
_diffrn.id                     1 
_diffrn.ambient_pressure       ? 
_diffrn.ambient_pressure_esd   ? 
_diffrn.ambient_pressure_gt    ? 
_diffrn.ambient_pressure_lt    ? 
_diffrn.ambient_temp_gt        ? 
_diffrn.ambient_temp_lt        ? 
# 
_diffrn_detector.details                      ? 
_diffrn_detector.detector                     PIXEL 
_diffrn_detector.diffrn_id                    1 
_diffrn_detector.type                         'DECTRIS PILATUS3 S 6M' 
_diffrn_detector.area_resol_mean              ? 
_diffrn_detector.dtime                        ? 
_diffrn_detector.pdbx_frames_total            ? 
_diffrn_detector.pdbx_collection_time_total   ? 
_diffrn_detector.pdbx_collection_date         2010-08-09 
# 
_diffrn_radiation.collimation                      ? 
_diffrn_radiation.diffrn_id                        1 
_diffrn_radiation.filter_edge                      ? 
_diffrn_radiation.inhomogeneity                    ? 
_diffrn_radiation.monochromator                    ? 
_diffrn_radiation.polarisn_norm                    ? 
_diffrn_radiation.polarisn_ratio                   ? 
_diffrn_radiation.probe                            ? 
_diffrn_radiation.type                             ? 
_diffrn_radiation.xray_symbol                      ? 
_diffrn_radiation.wavelength_id                    1 
_diffrn_radiation.pdbx_monochromatic_or_laue_m_l   M 
_diffrn_radiation.pdbx_wavelength_list             ? 
_diffrn_radiation.pdbx_wavelength                  ? 
_diffrn_radiation.pdbx_diffrn_protocol             'SINGLE WAVELENGTH' 
_diffrn_radiation.pdbx_analyzer                    ? 
_diffrn_radiation.pdbx_scattering_type             x-ray 
# 
_diffrn_radiation_wavelength.id           1 
_diffrn_radiation_wavelength.wavelength   1.0 
_diffrn_radiation_wavelength.wt           1.0 
# 
_diffrn_source.current                     ? 
_diffrn_source.details                     ? 
_diffrn_source.diffrn_id                   1 
_diffrn_source.power                       ? 
_diffrn_source.size                        ? 
_diffrn_source.source                      SYNCHROTRON 
_diffrn_source.target                      ? 
_diffrn_source.type                        'APS BEAMLINE 17-ID' 
_diffrn_source.voltage                     ? 
_diffrn_source.take-off_angle              ? 
_diffrn_source.pdbx_wavelength_list        1.0 
_diffrn_source.pdbx_wavelength             ? 
_diffrn_source.pdbx_synchrotron_beamline   17-ID 
_diffrn_source.pdbx_synchrotron_site       APS 
# 
_reflns.B_iso_Wilson_estimate            30.39 
_reflns.entry_id                         5UEP 
_reflns.data_reduction_details           ? 
_reflns.data_reduction_method            ? 
_reflns.d_resolution_high                1.77 
_reflns.d_resolution_low                 73.6 
_reflns.details                          ? 
_reflns.limit_h_max                      ? 
_reflns.limit_h_min                      ? 
_reflns.limit_k_max                      ? 
_reflns.limit_k_min                      ? 
_reflns.limit_l_max                      ? 
_reflns.limit_l_min                      ? 
_reflns.number_all                       ? 
_reflns.number_obs                       14367 
_reflns.observed_criterion               ? 
_reflns.observed_criterion_F_max         ? 
_reflns.observed_criterion_F_min         ? 
_reflns.observed_criterion_I_max         ? 
_reflns.observed_criterion_I_min         ? 
_reflns.observed_criterion_sigma_F       ? 
_reflns.observed_criterion_sigma_I       ? 
_reflns.percent_possible_obs             99.9 
_reflns.R_free_details                   ? 
_reflns.Rmerge_F_all                     ? 
_reflns.Rmerge_F_obs                     ? 
_reflns.Friedel_coverage                 ? 
_reflns.number_gt                        ? 
_reflns.threshold_expression             ? 
_reflns.pdbx_redundancy                  6.2 
_reflns.pdbx_Rmerge_I_obs                ? 
_reflns.pdbx_Rmerge_I_all                ? 
_reflns.pdbx_Rsym_value                  ? 
_reflns.pdbx_netI_over_av_sigmaI         ? 
_reflns.pdbx_netI_over_sigmaI            14.8 
_reflns.pdbx_res_netI_over_av_sigmaI_2   ? 
_reflns.pdbx_res_netI_over_sigmaI_2      ? 
_reflns.pdbx_chi_squared                 ? 
_reflns.pdbx_scaling_rejects             ? 
_reflns.pdbx_d_res_high_opt              ? 
_reflns.pdbx_d_res_low_opt               ? 
_reflns.pdbx_d_res_opt_method            ? 
_reflns.phase_calculation_details        ? 
_reflns.pdbx_Rrim_I_all                  ? 
_reflns.pdbx_Rpim_I_all                  ? 
_reflns.pdbx_d_opt                       ? 
_reflns.pdbx_number_measured_all         ? 
_reflns.pdbx_diffrn_id                   1 
_reflns.pdbx_ordinal                     1 
_reflns.pdbx_CC_half                     ? 
_reflns.pdbx_R_split                     ? 
# 
_reflns_shell.d_res_high                  . 
_reflns_shell.d_res_low                   ? 
_reflns_shell.meanI_over_sigI_all         ? 
_reflns_shell.meanI_over_sigI_obs         ? 
_reflns_shell.number_measured_all         ? 
_reflns_shell.number_measured_obs         ? 
_reflns_shell.number_possible             ? 
_reflns_shell.number_unique_all           ? 
_reflns_shell.number_unique_obs           ? 
_reflns_shell.percent_possible_all        ? 
_reflns_shell.percent_possible_obs        ? 
_reflns_shell.Rmerge_F_all                ? 
_reflns_shell.Rmerge_F_obs                ? 
_reflns_shell.Rmerge_I_all                ? 
_reflns_shell.Rmerge_I_obs                ? 
_reflns_shell.meanI_over_sigI_gt          ? 
_reflns_shell.meanI_over_uI_all           ? 
_reflns_shell.meanI_over_uI_gt            ? 
_reflns_shell.number_measured_gt          ? 
_reflns_shell.number_unique_gt            ? 
_reflns_shell.percent_possible_gt         ? 
_reflns_shell.Rmerge_F_gt                 ? 
_reflns_shell.Rmerge_I_gt                 ? 
_reflns_shell.pdbx_redundancy             ? 
_reflns_shell.pdbx_Rsym_value             ? 
_reflns_shell.pdbx_chi_squared            ? 
_reflns_shell.pdbx_netI_over_sigmaI_all   ? 
_reflns_shell.pdbx_netI_over_sigmaI_obs   ? 
_reflns_shell.pdbx_Rrim_I_all             ? 
_reflns_shell.pdbx_Rpim_I_all             ? 
_reflns_shell.pdbx_rejects                ? 
_reflns_shell.pdbx_ordinal                1 
_reflns_shell.pdbx_diffrn_id              1 
_reflns_shell.pdbx_CC_half                ? 
_reflns_shell.pdbx_R_split                ? 
# 
_refine.aniso_B[1][1]                            -5.94170 
_refine.aniso_B[1][2]                            0.00000 
_refine.aniso_B[1][3]                            0.00000 
_refine.aniso_B[2][2]                            6.43160 
_refine.aniso_B[2][3]                            0.00000 
_refine.aniso_B[3][3]                            -0.48990 
_refine.B_iso_max                                ? 
_refine.B_iso_mean                               34.69 
_refine.B_iso_min                                ? 
_refine.correlation_coeff_Fo_to_Fc               0.952 
_refine.correlation_coeff_Fo_to_Fc_free          0.938 
_refine.details                                  ? 
_refine.diff_density_max                         ? 
_refine.diff_density_max_esd                     ? 
_refine.diff_density_min                         ? 
_refine.diff_density_min_esd                     ? 
_refine.diff_density_rms                         ? 
_refine.diff_density_rms_esd                     ? 
_refine.entry_id                                 5UEP 
_refine.pdbx_refine_id                           'X-RAY DIFFRACTION' 
_refine.ls_abs_structure_details                 ? 
_refine.ls_abs_structure_Flack                   ? 
_refine.ls_abs_structure_Flack_esd               ? 
_refine.ls_abs_structure_Rogers                  ? 
_refine.ls_abs_structure_Rogers_esd              ? 
_refine.ls_d_res_high                            1.77 
_refine.ls_d_res_low                             36.80 
_refine.ls_extinction_coef                       ? 
_refine.ls_extinction_coef_esd                   ? 
_refine.ls_extinction_expression                 ? 
_refine.ls_extinction_method                     ? 
_refine.ls_goodness_of_fit_all                   ? 
_refine.ls_goodness_of_fit_all_esd               ? 
_refine.ls_goodness_of_fit_obs                   ? 
_refine.ls_goodness_of_fit_obs_esd               ? 
_refine.ls_hydrogen_treatment                    ? 
_refine.ls_matrix_type                           ? 
_refine.ls_number_constraints                    ? 
_refine.ls_number_parameters                     ? 
_refine.ls_number_reflns_all                     ? 
_refine.ls_number_reflns_obs                     14278 
_refine.ls_number_reflns_R_free                  711 
_refine.ls_number_reflns_R_work                  ? 
_refine.ls_number_restraints                     ? 
_refine.ls_percent_reflns_obs                    99.9 
_refine.ls_percent_reflns_R_free                 4.980 
_refine.ls_R_factor_all                          ? 
_refine.ls_R_factor_obs                          0.184 
_refine.ls_R_factor_R_free                       0.219 
_refine.ls_R_factor_R_free_error                 0.02 
_refine.ls_R_factor_R_free_error_details         ? 
_refine.ls_R_factor_R_work                       0.182 
_refine.ls_R_Fsqd_factor_obs                     ? 
_refine.ls_R_I_factor_obs                        ? 
_refine.ls_redundancy_reflns_all                 ? 
_refine.ls_redundancy_reflns_obs                 ? 
_refine.ls_restrained_S_all                      ? 
_refine.ls_restrained_S_obs                      ? 
_refine.ls_shift_over_esd_max                    ? 
_refine.ls_shift_over_esd_mean                   ? 
_refine.ls_structure_factor_coef                 ? 
_refine.ls_weighting_details                     ? 
_refine.ls_weighting_scheme                      ? 
_refine.ls_wR_factor_all                         ? 
_refine.ls_wR_factor_obs                         ? 
_refine.ls_wR_factor_R_free                      ? 
_refine.ls_wR_factor_R_work                      ? 
_refine.occupancy_max                            ? 
_refine.occupancy_min                            ? 
_refine.solvent_model_details                    ? 
_refine.solvent_model_param_bsol                 ? 
_refine.solvent_model_param_ksol                 ? 
_refine.ls_R_factor_gt                           ? 
_refine.ls_goodness_of_fit_gt                    ? 
_refine.ls_goodness_of_fit_ref                   ? 
_refine.ls_shift_over_su_max                     ? 
_refine.ls_shift_over_su_max_lt                  ? 
_refine.ls_shift_over_su_mean                    ? 
_refine.ls_shift_over_su_mean_lt                 ? 
_refine.pdbx_ls_sigma_I                          ? 
_refine.pdbx_ls_sigma_F                          0.000 
_refine.pdbx_ls_sigma_Fsqd                       ? 
_refine.pdbx_data_cutoff_high_absF               ? 
_refine.pdbx_data_cutoff_high_rms_absF           ? 
_refine.pdbx_data_cutoff_low_absF                ? 
_refine.pdbx_isotropic_thermal_model             ? 
_refine.pdbx_ls_cross_valid_method               THROUGHOUT 
_refine.pdbx_method_to_determine_struct          'MOLECULAR REPLACEMENT' 
_refine.pdbx_starting_model                      'Apo BRD4_BD2' 
_refine.pdbx_stereochemistry_target_values       ? 
_refine.pdbx_R_Free_selection_details            RANDOM 
_refine.pdbx_stereochem_target_val_spec_case     ? 
_refine.pdbx_overall_ESU_R                       ? 
_refine.pdbx_overall_ESU_R_Free                  ? 
_refine.pdbx_solvent_vdw_probe_radii             ? 
_refine.pdbx_solvent_ion_probe_radii             ? 
_refine.pdbx_solvent_shrinkage_radii             ? 
_refine.pdbx_real_space_R                        ? 
_refine.pdbx_density_correlation                 ? 
_refine.pdbx_pd_number_of_powder_patterns        ? 
_refine.pdbx_pd_number_of_points                 ? 
_refine.pdbx_pd_meas_number_of_points            ? 
_refine.pdbx_pd_proc_ls_prof_R_factor            ? 
_refine.pdbx_pd_proc_ls_prof_wR_factor           ? 
_refine.pdbx_pd_Marquardt_correlation_coeff      ? 
_refine.pdbx_pd_Fsqrd_R_factor                   ? 
_refine.pdbx_pd_ls_matrix_band_width             ? 
_refine.pdbx_overall_phase_error                 ? 
_refine.pdbx_overall_SU_R_free_Cruickshank_DPI   0.105 
_refine.pdbx_overall_SU_R_free_Blow_DPI          0.113 
_refine.pdbx_overall_SU_R_Blow_DPI               0.117 
_refine.pdbx_TLS_residual_ADP_flag               ? 
_refine.pdbx_diffrn_id                           1 
_refine.overall_SU_B                             ? 
_refine.overall_SU_ML                            ? 
_refine.overall_SU_R_Cruickshank_DPI             0.104 
_refine.overall_SU_R_free                        ? 
_refine.overall_FOM_free_R_set                   ? 
_refine.overall_FOM_work_R_set                   ? 
_refine.pdbx_average_fsc_overall                 ? 
_refine.pdbx_average_fsc_work                    ? 
_refine.pdbx_average_fsc_free                    ? 
# 
_refine_analyze.entry_id                        5UEP 
_refine_analyze.pdbx_refine_id                  'X-RAY DIFFRACTION' 
_refine_analyze.Luzzati_coordinate_error_free   ? 
_refine_analyze.Luzzati_coordinate_error_obs    0.23 
_refine_analyze.Luzzati_d_res_low_free          ? 
_refine_analyze.Luzzati_d_res_low_obs           ? 
_refine_analyze.Luzzati_sigma_a_free            ? 
_refine_analyze.Luzzati_sigma_a_free_details    ? 
_refine_analyze.Luzzati_sigma_a_obs             ? 
_refine_analyze.Luzzati_sigma_a_obs_details     ? 
_refine_analyze.number_disordered_residues      ? 
_refine_analyze.occupancy_sum_hydrogen          ? 
_refine_analyze.occupancy_sum_non_hydrogen      ? 
_refine_analyze.RG_d_res_high                   ? 
_refine_analyze.RG_d_res_low                    ? 
_refine_analyze.RG_free                         ? 
_refine_analyze.RG_work                         ? 
_refine_analyze.RG_free_work_ratio              ? 
_refine_analyze.pdbx_Luzzati_d_res_high_obs     ? 
# 
_refine_hist.pdbx_refine_id                   'X-RAY DIFFRACTION' 
_refine_hist.cycle_id                         1 
_refine_hist.pdbx_number_atoms_protein        891 
_refine_hist.pdbx_number_atoms_nucleic_acid   0 
_refine_hist.pdbx_number_atoms_ligand         16 
_refine_hist.number_atoms_solvent             139 
_refine_hist.number_atoms_total               1046 
_refine_hist.d_res_high                       1.77 
_refine_hist.d_res_low                        36.80 
# 
loop_
_refine_ls_restr.pdbx_refine_id 
_refine_ls_restr.criterion 
_refine_ls_restr.dev_ideal 
_refine_ls_restr.dev_ideal_target 
_refine_ls_restr.number 
_refine_ls_restr.rejects 
_refine_ls_restr.type 
_refine_ls_restr.weight 
_refine_ls_restr.pdbx_restraint_function 
'X-RAY DIFFRACTION' ? 0.010 ? 938  ? t_bond_d                  2.00  HARMONIC     
'X-RAY DIFFRACTION' ? 0.90  ? 1257 ? t_angle_deg               2.00  HARMONIC     
'X-RAY DIFFRACTION' ? ?     ? 337  ? t_dihedral_angle_d        2.00  SINUSOIDAL   
'X-RAY DIFFRACTION' ? ?     ? ?    ? t_incorr_chiral_ct        ?     ?            
'X-RAY DIFFRACTION' ? ?     ? ?    ? t_pseud_angle             ?     ?            
'X-RAY DIFFRACTION' ? ?     ? 21   ? t_trig_c_planes           2.00  HARMONIC     
'X-RAY DIFFRACTION' ? ?     ? 136  ? t_gen_planes              5.00  HARMONIC     
'X-RAY DIFFRACTION' ? ?     ? 938  ? t_it                      20.00 HARMONIC     
'X-RAY DIFFRACTION' ? ?     ? ?    ? t_nbd                     ?     ?            
'X-RAY DIFFRACTION' ? 2.99  ? ?    ? t_omega_torsion           ?     ?            
'X-RAY DIFFRACTION' ? 15.93 ? ?    ? t_other_torsion           ?     ?            
'X-RAY DIFFRACTION' ? ?     ? ?    ? t_improper_torsion        ?     ?            
'X-RAY DIFFRACTION' ? ?     ? 111  ? t_chiral_improper_torsion 5.00  SEMIHARMONIC 
'X-RAY DIFFRACTION' ? ?     ? ?    ? t_sum_occupancies         ?     ?            
'X-RAY DIFFRACTION' ? ?     ? ?    ? t_utility_distance        ?     ?            
'X-RAY DIFFRACTION' ? ?     ? ?    ? t_utility_angle           ?     ?            
'X-RAY DIFFRACTION' ? ?     ? ?    ? t_utility_torsion         ?     ?            
'X-RAY DIFFRACTION' ? ?     ? 1214 ? t_ideal_dist_contact      4.00  SEMIHARMONIC 
# 
_refine_ls_shell.pdbx_refine_id                   'X-RAY DIFFRACTION' 
_refine_ls_shell.d_res_high                       1.77 
_refine_ls_shell.d_res_low                        1.91 
_refine_ls_shell.number_reflns_all                2878 
_refine_ls_shell.number_reflns_obs                ? 
_refine_ls_shell.number_reflns_R_free             162 
_refine_ls_shell.number_reflns_R_work             2716 
_refine_ls_shell.percent_reflns_obs               99.97 
_refine_ls_shell.percent_reflns_R_free            5.63 
_refine_ls_shell.R_factor_all                     0.214 
_refine_ls_shell.R_factor_obs                     ? 
_refine_ls_shell.R_factor_R_free                  0.257 
_refine_ls_shell.R_factor_R_free_error            0.000 
_refine_ls_shell.R_factor_R_work                  0.211 
_refine_ls_shell.redundancy_reflns_all            ? 
_refine_ls_shell.redundancy_reflns_obs            ? 
_refine_ls_shell.wR_factor_all                    ? 
_refine_ls_shell.wR_factor_obs                    ? 
_refine_ls_shell.wR_factor_R_free                 ? 
_refine_ls_shell.wR_factor_R_work                 ? 
_refine_ls_shell.pdbx_total_number_of_bins_used   7 
_refine_ls_shell.pdbx_phase_error                 ? 
_refine_ls_shell.pdbx_fsc_work                    ? 
_refine_ls_shell.pdbx_fsc_free                    ? 
# 
_struct.entry_id                     5UEP 
_struct.title                        BRD4_BD2_A-581577 
_struct.pdbx_model_details           ? 
_struct.pdbx_formula_weight          ? 
_struct.pdbx_formula_weight_method   ? 
_struct.pdbx_model_type_details      ? 
_struct.pdbx_CASP_flag               N 
# 
_struct_keywords.entry_id        5UEP 
_struct_keywords.text            'SIGNALING PROTEIN-INHIBITOR complex' 
_struct_keywords.pdbx_keywords   'SIGNALING PROTEIN/INHIBITOR' 
# 
loop_
_struct_asym.id 
_struct_asym.pdbx_blank_PDB_chainid_flag 
_struct_asym.pdbx_modified 
_struct_asym.entity_id 
_struct_asym.details 
A N N 1 ? 
B N N 2 ? 
C N N 3 ? 
# 
_struct_ref.id                         1 
_struct_ref.db_name                    UNP 
_struct_ref.db_code                    BRD4_HUMAN 
_struct_ref.pdbx_db_accession          O60885 
_struct_ref.pdbx_db_isoform            ? 
_struct_ref.entity_id                  1 
_struct_ref.pdbx_seq_one_letter_code   
;EQLKCCSGILKEMFAKKHAAYAWPFYKPVDVEALGLHDYCDIIKHPMDMSTIKSKLEAREYRDAQEFGADVRLMFSNCYK
YNPPDHEVVAMARKLQDVFEMRFAKM
;
_struct_ref.pdbx_align_begin           352 
# 
_struct_ref_seq.align_id                      1 
_struct_ref_seq.ref_id                        1 
_struct_ref_seq.pdbx_PDB_id_code              5UEP 
_struct_ref_seq.pdbx_strand_id                A 
_struct_ref_seq.seq_align_beg                 4 
_struct_ref_seq.pdbx_seq_align_beg_ins_code   ? 
_struct_ref_seq.seq_align_end                 109 
_struct_ref_seq.pdbx_seq_align_end_ins_code   ? 
_struct_ref_seq.pdbx_db_accession             O60885 
_struct_ref_seq.db_align_beg                  352 
_struct_ref_seq.pdbx_db_align_beg_ins_code    ? 
_struct_ref_seq.db_align_end                  457 
_struct_ref_seq.pdbx_db_align_end_ins_code    ? 
_struct_ref_seq.pdbx_auth_seq_align_beg       352 
_struct_ref_seq.pdbx_auth_seq_align_end       457 
# 
loop_
_struct_ref_seq_dif.align_id 
_struct_ref_seq_dif.pdbx_pdb_id_code 
_struct_ref_seq_dif.mon_id 
_struct_ref_seq_dif.pdbx_pdb_strand_id 
_struct_ref_seq_dif.seq_num 
_struct_ref_seq_dif.pdbx_pdb_ins_code 
_struct_ref_seq_dif.pdbx_seq_db_name 
_struct_ref_seq_dif.pdbx_seq_db_accession_code 
_struct_ref_seq_dif.db_mon_id 
_struct_ref_seq_dif.pdbx_seq_db_seq_num 
_struct_ref_seq_dif.details 
_struct_ref_seq_dif.pdbx_auth_seq_num 
_struct_ref_seq_dif.pdbx_ordinal 
1 5UEP SER A 1 ? UNP O60885 ? ? 'expression tag' 349 1 
1 5UEP HIS A 2 ? UNP O60885 ? ? 'expression tag' 350 2 
1 5UEP MET A 3 ? UNP O60885 ? ? 'expression tag' 351 3 
# 
_pdbx_struct_assembly.id                   1 
_pdbx_struct_assembly.details              author_and_software_defined_assembly 
_pdbx_struct_assembly.method_details       PISA 
_pdbx_struct_assembly.oligomeric_details   monomeric 
_pdbx_struct_assembly.oligomeric_count     1 
# 
loop_
_pdbx_struct_assembly_prop.biol_id 
_pdbx_struct_assembly_prop.type 
_pdbx_struct_assembly_prop.value 
_pdbx_struct_assembly_prop.details 
1 'ABSA (A^2)' 0    ? 
1 MORE         0    ? 
1 'SSA (A^2)'  7010 ? 
# 
_pdbx_struct_assembly_gen.assembly_id       1 
_pdbx_struct_assembly_gen.oper_expression   1 
_pdbx_struct_assembly_gen.asym_id_list      A,B,C 
# 
_pdbx_struct_oper_list.id                   1 
_pdbx_struct_oper_list.type                 'identity operation' 
_pdbx_struct_oper_list.name                 1_555 
_pdbx_struct_oper_list.symmetry_operation   x,y,z 
_pdbx_struct_oper_list.matrix[1][1]         1.0000000000 
_pdbx_struct_oper_list.matrix[1][2]         0.0000000000 
_pdbx_struct_oper_list.matrix[1][3]         0.0000000000 
_pdbx_struct_oper_list.vector[1]            0.0000000000 
_pdbx_struct_oper_list.matrix[2][1]         0.0000000000 
_pdbx_struct_oper_list.matrix[2][2]         1.0000000000 
_pdbx_struct_oper_list.matrix[2][3]         0.0000000000 
_pdbx_struct_oper_list.vector[2]            0.0000000000 
_pdbx_struct_oper_list.matrix[3][1]         0.0000000000 
_pdbx_struct_oper_list.matrix[3][2]         0.0000000000 
_pdbx_struct_oper_list.matrix[3][3]         1.0000000000 
_pdbx_struct_oper_list.vector[3]            0.0000000000 
# 
loop_
_struct_conf.conf_type_id 
_struct_conf.id 
_struct_conf.pdbx_PDB_helix_id 
_struct_conf.beg_label_comp_id 
_struct_conf.beg_label_asym_id 
_struct_conf.beg_label_seq_id 
_struct_conf.pdbx_beg_PDB_ins_code 
_struct_conf.end_label_comp_id 
_struct_conf.end_label_asym_id 
_struct_conf.end_label_seq_id 
_struct_conf.pdbx_end_PDB_ins_code 
_struct_conf.beg_auth_comp_id 
_struct_conf.beg_auth_asym_id 
_struct_conf.beg_auth_seq_id 
_struct_conf.end_auth_comp_id 
_struct_conf.end_auth_asym_id 
_struct_conf.end_auth_seq_id 
_struct_conf.pdbx_PDB_helix_class 
_struct_conf.details 
_struct_conf.pdbx_PDB_helix_length 
HELX_P HELX_P1 AA1 SER A 1  ? PHE A 17  ? SER A 349 PHE A 365 1 ? 17 
HELX_P HELX_P2 AA2 ALA A 18 ? LYS A 20  ? ALA A 366 LYS A 368 5 ? 3  
HELX_P HELX_P3 AA3 HIS A 21 ? TRP A 26  ? HIS A 369 TRP A 374 1 ? 6  
HELX_P HELX_P4 AA4 PRO A 27 ? TYR A 29  ? PRO A 375 TYR A 377 5 ? 3  
HELX_P HELX_P5 AA5 ASP A 41 ? ILE A 46  ? ASP A 389 ILE A 394 1 ? 6  
HELX_P HELX_P6 AA6 ASP A 51 ? ALA A 61  ? ASP A 399 ALA A 409 1 ? 11 
HELX_P HELX_P7 AA7 ASP A 66 ? ASN A 85  ? ASP A 414 ASN A 433 1 ? 20 
HELX_P HELX_P8 AA8 HIS A 89 ? LYS A 108 ? HIS A 437 LYS A 456 1 ? 20 
# 
_struct_conf_type.id          HELX_P 
_struct_conf_type.criteria    ? 
_struct_conf_type.reference   ? 
# 
_struct_site.id                   AC1 
_struct_site.pdbx_evidence_code   Software 
_struct_site.pdbx_auth_asym_id    A 
_struct_site.pdbx_auth_comp_id    88P 
_struct_site.pdbx_auth_seq_id     501 
_struct_site.pdbx_auth_ins_code   ? 
_struct_site.pdbx_num_residues    6 
_struct_site.details              'binding site for residue 88P A 501' 
# 
loop_
_struct_site_gen.id 
_struct_site_gen.site_id 
_struct_site_gen.pdbx_num_res 
_struct_site_gen.label_comp_id 
_struct_site_gen.label_asym_id 
_struct_site_gen.label_seq_id 
_struct_site_gen.pdbx_auth_ins_code 
_struct_site_gen.auth_comp_id 
_struct_site_gen.auth_asym_id 
_struct_site_gen.auth_seq_id 
_struct_site_gen.label_atom_id 
_struct_site_gen.label_alt_id 
_struct_site_gen.symmetry 
_struct_site_gen.details 
1 AC1 6 PRO A 27 ? PRO A 375 . ? 1_555 ? 
2 AC1 6 PHE A 28 ? PHE A 376 . ? 1_555 ? 
3 AC1 6 LEU A 39 ? LEU A 387 . ? 1_555 ? 
4 AC1 6 ASN A 85 ? ASN A 433 . ? 1_555 ? 
5 AC1 6 HOH C .  ? HOH A 613 . ? 1_555 ? 
6 AC1 6 HOH C .  ? HOH A 684 . ? 1_555 ? 
# 
_pdbx_struct_special_symmetry.id              1 
_pdbx_struct_special_symmetry.PDB_model_num   1 
_pdbx_struct_special_symmetry.auth_asym_id    A 
_pdbx_struct_special_symmetry.auth_comp_id    HOH 
_pdbx_struct_special_symmetry.auth_seq_id     710 
_pdbx_struct_special_symmetry.PDB_ins_code    ? 
_pdbx_struct_special_symmetry.label_asym_id   C 
_pdbx_struct_special_symmetry.label_comp_id   HOH 
_pdbx_struct_special_symmetry.label_seq_id    . 
# 
_pdbx_distant_solvent_atoms.id                                1 
_pdbx_distant_solvent_atoms.PDB_model_num                     1 
_pdbx_distant_solvent_atoms.auth_atom_id                      O 
_pdbx_distant_solvent_atoms.label_alt_id                      ? 
_pdbx_distant_solvent_atoms.auth_asym_id                      A 
_pdbx_distant_solvent_atoms.auth_comp_id                      HOH 
_pdbx_distant_solvent_atoms.auth_seq_id                       739 
_pdbx_distant_solvent_atoms.PDB_ins_code                      ? 
_pdbx_distant_solvent_atoms.neighbor_macromolecule_distance   6.54 
_pdbx_distant_solvent_atoms.neighbor_ligand_distance          . 
# 
loop_
_chem_comp_atom.comp_id 
_chem_comp_atom.atom_id 
_chem_comp_atom.type_symbol 
_chem_comp_atom.pdbx_aromatic_flag 
_chem_comp_atom.pdbx_stereo_config 
_chem_comp_atom.pdbx_ordinal 
88P C4   C Y N 1   
88P C5   C N N 2   
88P C6   C N N 3   
88P C7   C Y N 4   
88P C8   C Y N 5   
88P C10  C N N 6   
88P C3   C Y N 7   
88P C9   C N N 8   
88P C2   C N N 9   
88P C1   C N N 10  
88P C12  C N N 11  
88P C11  C N N 12  
88P N13  N Y N 13  
88P O14  O N N 14  
88P O16  O N N 15  
88P O15  O N N 16  
88P H1   H N N 17  
88P H2   H N N 18  
88P H3   H N N 19  
88P H4   H N N 20  
88P H5   H N N 21  
88P H6   H N N 22  
88P H7   H N N 23  
88P H8   H N N 24  
88P H9   H N N 25  
88P H10  H N N 26  
88P H11  H N N 27  
88P H12  H N N 28  
88P H13  H N N 29  
88P H14  H N N 30  
88P H15  H N N 31  
ALA N    N N N 32  
ALA CA   C N S 33  
ALA C    C N N 34  
ALA O    O N N 35  
ALA CB   C N N 36  
ALA OXT  O N N 37  
ALA H    H N N 38  
ALA H2   H N N 39  
ALA HA   H N N 40  
ALA HB1  H N N 41  
ALA HB2  H N N 42  
ALA HB3  H N N 43  
ALA HXT  H N N 44  
ARG N    N N N 45  
ARG CA   C N S 46  
ARG C    C N N 47  
ARG O    O N N 48  
ARG CB   C N N 49  
ARG CG   C N N 50  
ARG CD   C N N 51  
ARG NE   N N N 52  
ARG CZ   C N N 53  
ARG NH1  N N N 54  
ARG NH2  N N N 55  
ARG OXT  O N N 56  
ARG H    H N N 57  
ARG H2   H N N 58  
ARG HA   H N N 59  
ARG HB2  H N N 60  
ARG HB3  H N N 61  
ARG HG2  H N N 62  
ARG HG3  H N N 63  
ARG HD2  H N N 64  
ARG HD3  H N N 65  
ARG HE   H N N 66  
ARG HH11 H N N 67  
ARG HH12 H N N 68  
ARG HH21 H N N 69  
ARG HH22 H N N 70  
ARG HXT  H N N 71  
ASN N    N N N 72  
ASN CA   C N S 73  
ASN C    C N N 74  
ASN O    O N N 75  
ASN CB   C N N 76  
ASN CG   C N N 77  
ASN OD1  O N N 78  
ASN ND2  N N N 79  
ASN OXT  O N N 80  
ASN H    H N N 81  
ASN H2   H N N 82  
ASN HA   H N N 83  
ASN HB2  H N N 84  
ASN HB3  H N N 85  
ASN HD21 H N N 86  
ASN HD22 H N N 87  
ASN HXT  H N N 88  
ASP N    N N N 89  
ASP CA   C N S 90  
ASP C    C N N 91  
ASP O    O N N 92  
ASP CB   C N N 93  
ASP CG   C N N 94  
ASP OD1  O N N 95  
ASP OD2  O N N 96  
ASP OXT  O N N 97  
ASP H    H N N 98  
ASP H2   H N N 99  
ASP HA   H N N 100 
ASP HB2  H N N 101 
ASP HB3  H N N 102 
ASP HD2  H N N 103 
ASP HXT  H N N 104 
CYS N    N N N 105 
CYS CA   C N R 106 
CYS C    C N N 107 
CYS O    O N N 108 
CYS CB   C N N 109 
CYS SG   S N N 110 
CYS OXT  O N N 111 
CYS H    H N N 112 
CYS H2   H N N 113 
CYS HA   H N N 114 
CYS HB2  H N N 115 
CYS HB3  H N N 116 
CYS HG   H N N 117 
CYS HXT  H N N 118 
GLN N    N N N 119 
GLN CA   C N S 120 
GLN C    C N N 121 
GLN O    O N N 122 
GLN CB   C N N 123 
GLN CG   C N N 124 
GLN CD   C N N 125 
GLN OE1  O N N 126 
GLN NE2  N N N 127 
GLN OXT  O N N 128 
GLN H    H N N 129 
GLN H2   H N N 130 
GLN HA   H N N 131 
GLN HB2  H N N 132 
GLN HB3  H N N 133 
GLN HG2  H N N 134 
GLN HG3  H N N 135 
GLN HE21 H N N 136 
GLN HE22 H N N 137 
GLN HXT  H N N 138 
GLU N    N N N 139 
GLU CA   C N S 140 
GLU C    C N N 141 
GLU O    O N N 142 
GLU CB   C N N 143 
GLU CG   C N N 144 
GLU CD   C N N 145 
GLU OE1  O N N 146 
GLU OE2  O N N 147 
GLU OXT  O N N 148 
GLU H    H N N 149 
GLU H2   H N N 150 
GLU HA   H N N 151 
GLU HB2  H N N 152 
GLU HB3  H N N 153 
GLU HG2  H N N 154 
GLU HG3  H N N 155 
GLU HE2  H N N 156 
GLU HXT  H N N 157 
GLY N    N N N 158 
GLY CA   C N N 159 
GLY C    C N N 160 
GLY O    O N N 161 
GLY OXT  O N N 162 
GLY H    H N N 163 
GLY H2   H N N 164 
GLY HA2  H N N 165 
GLY HA3  H N N 166 
GLY HXT  H N N 167 
HIS N    N N N 168 
HIS CA   C N S 169 
HIS C    C N N 170 
HIS O    O N N 171 
HIS CB   C N N 172 
HIS CG   C Y N 173 
HIS ND1  N Y N 174 
HIS CD2  C Y N 175 
HIS CE1  C Y N 176 
HIS NE2  N Y N 177 
HIS OXT  O N N 178 
HIS H    H N N 179 
HIS H2   H N N 180 
HIS HA   H N N 181 
HIS HB2  H N N 182 
HIS HB3  H N N 183 
HIS HD1  H N N 184 
HIS HD2  H N N 185 
HIS HE1  H N N 186 
HIS HE2  H N N 187 
HIS HXT  H N N 188 
HOH O    O N N 189 
HOH H1   H N N 190 
HOH H2   H N N 191 
ILE N    N N N 192 
ILE CA   C N S 193 
ILE C    C N N 194 
ILE O    O N N 195 
ILE CB   C N S 196 
ILE CG1  C N N 197 
ILE CG2  C N N 198 
ILE CD1  C N N 199 
ILE OXT  O N N 200 
ILE H    H N N 201 
ILE H2   H N N 202 
ILE HA   H N N 203 
ILE HB   H N N 204 
ILE HG12 H N N 205 
ILE HG13 H N N 206 
ILE HG21 H N N 207 
ILE HG22 H N N 208 
ILE HG23 H N N 209 
ILE HD11 H N N 210 
ILE HD12 H N N 211 
ILE HD13 H N N 212 
ILE HXT  H N N 213 
LEU N    N N N 214 
LEU CA   C N S 215 
LEU C    C N N 216 
LEU O    O N N 217 
LEU CB   C N N 218 
LEU CG   C N N 219 
LEU CD1  C N N 220 
LEU CD2  C N N 221 
LEU OXT  O N N 222 
LEU H    H N N 223 
LEU H2   H N N 224 
LEU HA   H N N 225 
LEU HB2  H N N 226 
LEU HB3  H N N 227 
LEU HG   H N N 228 
LEU HD11 H N N 229 
LEU HD12 H N N 230 
LEU HD13 H N N 231 
LEU HD21 H N N 232 
LEU HD22 H N N 233 
LEU HD23 H N N 234 
LEU HXT  H N N 235 
LYS N    N N N 236 
LYS CA   C N S 237 
LYS C    C N N 238 
LYS O    O N N 239 
LYS CB   C N N 240 
LYS CG   C N N 241 
LYS CD   C N N 242 
LYS CE   C N N 243 
LYS NZ   N N N 244 
LYS OXT  O N N 245 
LYS H    H N N 246 
LYS H2   H N N 247 
LYS HA   H N N 248 
LYS HB2  H N N 249 
LYS HB3  H N N 250 
LYS HG2  H N N 251 
LYS HG3  H N N 252 
LYS HD2  H N N 253 
LYS HD3  H N N 254 
LYS HE2  H N N 255 
LYS HE3  H N N 256 
LYS HZ1  H N N 257 
LYS HZ2  H N N 258 
LYS HZ3  H N N 259 
LYS HXT  H N N 260 
MET N    N N N 261 
MET CA   C N S 262 
MET C    C N N 263 
MET O    O N N 264 
MET CB   C N N 265 
MET CG   C N N 266 
MET SD   S N N 267 
MET CE   C N N 268 
MET OXT  O N N 269 
MET H    H N N 270 
MET H2   H N N 271 
MET HA   H N N 272 
MET HB2  H N N 273 
MET HB3  H N N 274 
MET HG2  H N N 275 
MET HG3  H N N 276 
MET HE1  H N N 277 
MET HE2  H N N 278 
MET HE3  H N N 279 
MET HXT  H N N 280 
PHE N    N N N 281 
PHE CA   C N S 282 
PHE C    C N N 283 
PHE O    O N N 284 
PHE CB   C N N 285 
PHE CG   C Y N 286 
PHE CD1  C Y N 287 
PHE CD2  C Y N 288 
PHE CE1  C Y N 289 
PHE CE2  C Y N 290 
PHE CZ   C Y N 291 
PHE OXT  O N N 292 
PHE H    H N N 293 
PHE H2   H N N 294 
PHE HA   H N N 295 
PHE HB2  H N N 296 
PHE HB3  H N N 297 
PHE HD1  H N N 298 
PHE HD2  H N N 299 
PHE HE1  H N N 300 
PHE HE2  H N N 301 
PHE HZ   H N N 302 
PHE HXT  H N N 303 
PRO N    N N N 304 
PRO CA   C N S 305 
PRO C    C N N 306 
PRO O    O N N 307 
PRO CB   C N N 308 
PRO CG   C N N 309 
PRO CD   C N N 310 
PRO OXT  O N N 311 
PRO H    H N N 312 
PRO HA   H N N 313 
PRO HB2  H N N 314 
PRO HB3  H N N 315 
PRO HG2  H N N 316 
PRO HG3  H N N 317 
PRO HD2  H N N 318 
PRO HD3  H N N 319 
PRO HXT  H N N 320 
SER N    N N N 321 
SER CA   C N S 322 
SER C    C N N 323 
SER O    O N N 324 
SER CB   C N N 325 
SER OG   O N N 326 
SER OXT  O N N 327 
SER H    H N N 328 
SER H2   H N N 329 
SER HA   H N N 330 
SER HB2  H N N 331 
SER HB3  H N N 332 
SER HG   H N N 333 
SER HXT  H N N 334 
THR N    N N N 335 
THR CA   C N S 336 
THR C    C N N 337 
THR O    O N N 338 
THR CB   C N R 339 
THR OG1  O N N 340 
THR CG2  C N N 341 
THR OXT  O N N 342 
THR H    H N N 343 
THR H2   H N N 344 
THR HA   H N N 345 
THR HB   H N N 346 
THR HG1  H N N 347 
THR HG21 H N N 348 
THR HG22 H N N 349 
THR HG23 H N N 350 
THR HXT  H N N 351 
TRP N    N N N 352 
TRP CA   C N S 353 
TRP C    C N N 354 
TRP O    O N N 355 
TRP CB   C N N 356 
TRP CG   C Y N 357 
TRP CD1  C Y N 358 
TRP CD2  C Y N 359 
TRP NE1  N Y N 360 
TRP CE2  C Y N 361 
TRP CE3  C Y N 362 
TRP CZ2  C Y N 363 
TRP CZ3  C Y N 364 
TRP CH2  C Y N 365 
TRP OXT  O N N 366 
TRP H    H N N 367 
TRP H2   H N N 368 
TRP HA   H N N 369 
TRP HB2  H N N 370 
TRP HB3  H N N 371 
TRP HD1  H N N 372 
TRP HE1  H N N 373 
TRP HE3  H N N 374 
TRP HZ2  H N N 375 
TRP HZ3  H N N 376 
TRP HH2  H N N 377 
TRP HXT  H N N 378 
TYR N    N N N 379 
TYR CA   C N S 380 
TYR C    C N N 381 
TYR O    O N N 382 
TYR CB   C N N 383 
TYR CG   C Y N 384 
TYR CD1  C Y N 385 
TYR CD2  C Y N 386 
TYR CE1  C Y N 387 
TYR CE2  C Y N 388 
TYR CZ   C Y N 389 
TYR OH   O N N 390 
TYR OXT  O N N 391 
TYR H    H N N 392 
TYR H2   H N N 393 
TYR HA   H N N 394 
TYR HB2  H N N 395 
TYR HB3  H N N 396 
TYR HD1  H N N 397 
TYR HD2  H N N 398 
TYR HE1  H N N 399 
TYR HE2  H N N 400 
TYR HH   H N N 401 
TYR HXT  H N N 402 
VAL N    N N N 403 
VAL CA   C N S 404 
VAL C    C N N 405 
VAL O    O N N 406 
VAL CB   C N N 407 
VAL CG1  C N N 408 
VAL CG2  C N N 409 
VAL OXT  O N N 410 
VAL H    H N N 411 
VAL H2   H N N 412 
VAL HA   H N N 413 
VAL HB   H N N 414 
VAL HG11 H N N 415 
VAL HG12 H N N 416 
VAL HG13 H N N 417 
VAL HG21 H N N 418 
VAL HG22 H N N 419 
VAL HG23 H N N 420 
VAL HXT  H N N 421 
# 
loop_
_chem_comp_bond.comp_id 
_chem_comp_bond.atom_id_1 
_chem_comp_bond.atom_id_2 
_chem_comp_bond.value_order 
_chem_comp_bond.pdbx_aromatic_flag 
_chem_comp_bond.pdbx_stereo_config 
_chem_comp_bond.pdbx_ordinal 
88P C12 C8   sing N N 1   
88P O14 C5   doub N N 2   
88P C8  C4   doub Y N 3   
88P C8  N13  sing Y N 4   
88P C5  C4   sing N N 5   
88P C5  C6   sing N N 6   
88P C4  C3   sing Y N 7   
88P N13 C7   sing Y N 8   
88P C6  C1   sing N N 9   
88P C3  C7   doub Y N 10  
88P C3  C2   sing N N 11  
88P C7  C9   sing N N 12  
88P O16 C9   doub N N 13  
88P C2  C1   sing N N 14  
88P C9  O15  sing N N 15  
88P O15 C10  sing N N 16  
88P C10 C11  sing N N 17  
88P C6  H1   sing N N 18  
88P C6  H2   sing N N 19  
88P C10 H3   sing N N 20  
88P C10 H4   sing N N 21  
88P C2  H5   sing N N 22  
88P C2  H6   sing N N 23  
88P C1  H7   sing N N 24  
88P C1  H8   sing N N 25  
88P C12 H9   sing N N 26  
88P C12 H10  sing N N 27  
88P C12 H11  sing N N 28  
88P C11 H12  sing N N 29  
88P C11 H13  sing N N 30  
88P C11 H14  sing N N 31  
88P N13 H15  sing N N 32  
ALA N   CA   sing N N 33  
ALA N   H    sing N N 34  
ALA N   H2   sing N N 35  
ALA CA  C    sing N N 36  
ALA CA  CB   sing N N 37  
ALA CA  HA   sing N N 38  
ALA C   O    doub N N 39  
ALA C   OXT  sing N N 40  
ALA CB  HB1  sing N N 41  
ALA CB  HB2  sing N N 42  
ALA CB  HB3  sing N N 43  
ALA OXT HXT  sing N N 44  
ARG N   CA   sing N N 45  
ARG N   H    sing N N 46  
ARG N   H2   sing N N 47  
ARG CA  C    sing N N 48  
ARG CA  CB   sing N N 49  
ARG CA  HA   sing N N 50  
ARG C   O    doub N N 51  
ARG C   OXT  sing N N 52  
ARG CB  CG   sing N N 53  
ARG CB  HB2  sing N N 54  
ARG CB  HB3  sing N N 55  
ARG CG  CD   sing N N 56  
ARG CG  HG2  sing N N 57  
ARG CG  HG3  sing N N 58  
ARG CD  NE   sing N N 59  
ARG CD  HD2  sing N N 60  
ARG CD  HD3  sing N N 61  
ARG NE  CZ   sing N N 62  
ARG NE  HE   sing N N 63  
ARG CZ  NH1  sing N N 64  
ARG CZ  NH2  doub N N 65  
ARG NH1 HH11 sing N N 66  
ARG NH1 HH12 sing N N 67  
ARG NH2 HH21 sing N N 68  
ARG NH2 HH22 sing N N 69  
ARG OXT HXT  sing N N 70  
ASN N   CA   sing N N 71  
ASN N   H    sing N N 72  
ASN N   H2   sing N N 73  
ASN CA  C    sing N N 74  
ASN CA  CB   sing N N 75  
ASN CA  HA   sing N N 76  
ASN C   O    doub N N 77  
ASN C   OXT  sing N N 78  
ASN CB  CG   sing N N 79  
ASN CB  HB2  sing N N 80  
ASN CB  HB3  sing N N 81  
ASN CG  OD1  doub N N 82  
ASN CG  ND2  sing N N 83  
ASN ND2 HD21 sing N N 84  
ASN ND2 HD22 sing N N 85  
ASN OXT HXT  sing N N 86  
ASP N   CA   sing N N 87  
ASP N   H    sing N N 88  
ASP N   H2   sing N N 89  
ASP CA  C    sing N N 90  
ASP CA  CB   sing N N 91  
ASP CA  HA   sing N N 92  
ASP C   O    doub N N 93  
ASP C   OXT  sing N N 94  
ASP CB  CG   sing N N 95  
ASP CB  HB2  sing N N 96  
ASP CB  HB3  sing N N 97  
ASP CG  OD1  doub N N 98  
ASP CG  OD2  sing N N 99  
ASP OD2 HD2  sing N N 100 
ASP OXT HXT  sing N N 101 
CYS N   CA   sing N N 102 
CYS N   H    sing N N 103 
CYS N   H2   sing N N 104 
CYS CA  C    sing N N 105 
CYS CA  CB   sing N N 106 
CYS CA  HA   sing N N 107 
CYS C   O    doub N N 108 
CYS C   OXT  sing N N 109 
CYS CB  SG   sing N N 110 
CYS CB  HB2  sing N N 111 
CYS CB  HB3  sing N N 112 
CYS SG  HG   sing N N 113 
CYS OXT HXT  sing N N 114 
GLN N   CA   sing N N 115 
GLN N   H    sing N N 116 
GLN N   H2   sing N N 117 
GLN CA  C    sing N N 118 
GLN CA  CB   sing N N 119 
GLN CA  HA   sing N N 120 
GLN C   O    doub N N 121 
GLN C   OXT  sing N N 122 
GLN CB  CG   sing N N 123 
GLN CB  HB2  sing N N 124 
GLN CB  HB3  sing N N 125 
GLN CG  CD   sing N N 126 
GLN CG  HG2  sing N N 127 
GLN CG  HG3  sing N N 128 
GLN CD  OE1  doub N N 129 
GLN CD  NE2  sing N N 130 
GLN NE2 HE21 sing N N 131 
GLN NE2 HE22 sing N N 132 
GLN OXT HXT  sing N N 133 
GLU N   CA   sing N N 134 
GLU N   H    sing N N 135 
GLU N   H2   sing N N 136 
GLU CA  C    sing N N 137 
GLU CA  CB   sing N N 138 
GLU CA  HA   sing N N 139 
GLU C   O    doub N N 140 
GLU C   OXT  sing N N 141 
GLU CB  CG   sing N N 142 
GLU CB  HB2  sing N N 143 
GLU CB  HB3  sing N N 144 
GLU CG  CD   sing N N 145 
GLU CG  HG2  sing N N 146 
GLU CG  HG3  sing N N 147 
GLU CD  OE1  doub N N 148 
GLU CD  OE2  sing N N 149 
GLU OE2 HE2  sing N N 150 
GLU OXT HXT  sing N N 151 
GLY N   CA   sing N N 152 
GLY N   H    sing N N 153 
GLY N   H2   sing N N 154 
GLY CA  C    sing N N 155 
GLY CA  HA2  sing N N 156 
GLY CA  HA3  sing N N 157 
GLY C   O    doub N N 158 
GLY C   OXT  sing N N 159 
GLY OXT HXT  sing N N 160 
HIS N   CA   sing N N 161 
HIS N   H    sing N N 162 
HIS N   H2   sing N N 163 
HIS CA  C    sing N N 164 
HIS CA  CB   sing N N 165 
HIS CA  HA   sing N N 166 
HIS C   O    doub N N 167 
HIS C   OXT  sing N N 168 
HIS CB  CG   sing N N 169 
HIS CB  HB2  sing N N 170 
HIS CB  HB3  sing N N 171 
HIS CG  ND1  sing Y N 172 
HIS CG  CD2  doub Y N 173 
HIS ND1 CE1  doub Y N 174 
HIS ND1 HD1  sing N N 175 
HIS CD2 NE2  sing Y N 176 
HIS CD2 HD2  sing N N 177 
HIS CE1 NE2  sing Y N 178 
HIS CE1 HE1  sing N N 179 
HIS NE2 HE2  sing N N 180 
HIS OXT HXT  sing N N 181 
HOH O   H1   sing N N 182 
HOH O   H2   sing N N 183 
ILE N   CA   sing N N 184 
ILE N   H    sing N N 185 
ILE N   H2   sing N N 186 
ILE CA  C    sing N N 187 
ILE CA  CB   sing N N 188 
ILE CA  HA   sing N N 189 
ILE C   O    doub N N 190 
ILE C   OXT  sing N N 191 
ILE CB  CG1  sing N N 192 
ILE CB  CG2  sing N N 193 
ILE CB  HB   sing N N 194 
ILE CG1 CD1  sing N N 195 
ILE CG1 HG12 sing N N 196 
ILE CG1 HG13 sing N N 197 
ILE CG2 HG21 sing N N 198 
ILE CG2 HG22 sing N N 199 
ILE CG2 HG23 sing N N 200 
ILE CD1 HD11 sing N N 201 
ILE CD1 HD12 sing N N 202 
ILE CD1 HD13 sing N N 203 
ILE OXT HXT  sing N N 204 
LEU N   CA   sing N N 205 
LEU N   H    sing N N 206 
LEU N   H2   sing N N 207 
LEU CA  C    sing N N 208 
LEU CA  CB   sing N N 209 
LEU CA  HA   sing N N 210 
LEU C   O    doub N N 211 
LEU C   OXT  sing N N 212 
LEU CB  CG   sing N N 213 
LEU CB  HB2  sing N N 214 
LEU CB  HB3  sing N N 215 
LEU CG  CD1  sing N N 216 
LEU CG  CD2  sing N N 217 
LEU CG  HG   sing N N 218 
LEU CD1 HD11 sing N N 219 
LEU CD1 HD12 sing N N 220 
LEU CD1 HD13 sing N N 221 
LEU CD2 HD21 sing N N 222 
LEU CD2 HD22 sing N N 223 
LEU CD2 HD23 sing N N 224 
LEU OXT HXT  sing N N 225 
LYS N   CA   sing N N 226 
LYS N   H    sing N N 227 
LYS N   H2   sing N N 228 
LYS CA  C    sing N N 229 
LYS CA  CB   sing N N 230 
LYS CA  HA   sing N N 231 
LYS C   O    doub N N 232 
LYS C   OXT  sing N N 233 
LYS CB  CG   sing N N 234 
LYS CB  HB2  sing N N 235 
LYS CB  HB3  sing N N 236 
LYS CG  CD   sing N N 237 
LYS CG  HG2  sing N N 238 
LYS CG  HG3  sing N N 239 
LYS CD  CE   sing N N 240 
LYS CD  HD2  sing N N 241 
LYS CD  HD3  sing N N 242 
LYS CE  NZ   sing N N 243 
LYS CE  HE2  sing N N 244 
LYS CE  HE3  sing N N 245 
LYS NZ  HZ1  sing N N 246 
LYS NZ  HZ2  sing N N 247 
LYS NZ  HZ3  sing N N 248 
LYS OXT HXT  sing N N 249 
MET N   CA   sing N N 250 
MET N   H    sing N N 251 
MET N   H2   sing N N 252 
MET CA  C    sing N N 253 
MET CA  CB   sing N N 254 
MET CA  HA   sing N N 255 
MET C   O    doub N N 256 
MET C   OXT  sing N N 257 
MET CB  CG   sing N N 258 
MET CB  HB2  sing N N 259 
MET CB  HB3  sing N N 260 
MET CG  SD   sing N N 261 
MET CG  HG2  sing N N 262 
MET CG  HG3  sing N N 263 
MET SD  CE   sing N N 264 
MET CE  HE1  sing N N 265 
MET CE  HE2  sing N N 266 
MET CE  HE3  sing N N 267 
MET OXT HXT  sing N N 268 
PHE N   CA   sing N N 269 
PHE N   H    sing N N 270 
PHE N   H2   sing N N 271 
PHE CA  C    sing N N 272 
PHE CA  CB   sing N N 273 
PHE CA  HA   sing N N 274 
PHE C   O    doub N N 275 
PHE C   OXT  sing N N 276 
PHE CB  CG   sing N N 277 
PHE CB  HB2  sing N N 278 
PHE CB  HB3  sing N N 279 
PHE CG  CD1  doub Y N 280 
PHE CG  CD2  sing Y N 281 
PHE CD1 CE1  sing Y N 282 
PHE CD1 HD1  sing N N 283 
PHE CD2 CE2  doub Y N 284 
PHE CD2 HD2  sing N N 285 
PHE CE1 CZ   doub Y N 286 
PHE CE1 HE1  sing N N 287 
PHE CE2 CZ   sing Y N 288 
PHE CE2 HE2  sing N N 289 
PHE CZ  HZ   sing N N 290 
PHE OXT HXT  sing N N 291 
PRO N   CA   sing N N 292 
PRO N   CD   sing N N 293 
PRO N   H    sing N N 294 
PRO CA  C    sing N N 295 
PRO CA  CB   sing N N 296 
PRO CA  HA   sing N N 297 
PRO C   O    doub N N 298 
PRO C   OXT  sing N N 299 
PRO CB  CG   sing N N 300 
PRO CB  HB2  sing N N 301 
PRO CB  HB3  sing N N 302 
PRO CG  CD   sing N N 303 
PRO CG  HG2  sing N N 304 
PRO CG  HG3  sing N N 305 
PRO CD  HD2  sing N N 306 
PRO CD  HD3  sing N N 307 
PRO OXT HXT  sing N N 308 
SER N   CA   sing N N 309 
SER N   H    sing N N 310 
SER N   H2   sing N N 311 
SER CA  C    sing N N 312 
SER CA  CB   sing N N 313 
SER CA  HA   sing N N 314 
SER C   O    doub N N 315 
SER C   OXT  sing N N 316 
SER CB  OG   sing N N 317 
SER CB  HB2  sing N N 318 
SER CB  HB3  sing N N 319 
SER OG  HG   sing N N 320 
SER OXT HXT  sing N N 321 
THR N   CA   sing N N 322 
THR N   H    sing N N 323 
THR N   H2   sing N N 324 
THR CA  C    sing N N 325 
THR CA  CB   sing N N 326 
THR CA  HA   sing N N 327 
THR C   O    doub N N 328 
THR C   OXT  sing N N 329 
THR CB  OG1  sing N N 330 
THR CB  CG2  sing N N 331 
THR CB  HB   sing N N 332 
THR OG1 HG1  sing N N 333 
THR CG2 HG21 sing N N 334 
THR CG2 HG22 sing N N 335 
THR CG2 HG23 sing N N 336 
THR OXT HXT  sing N N 337 
TRP N   CA   sing N N 338 
TRP N   H    sing N N 339 
TRP N   H2   sing N N 340 
TRP CA  C    sing N N 341 
TRP CA  CB   sing N N 342 
TRP CA  HA   sing N N 343 
TRP C   O    doub N N 344 
TRP C   OXT  sing N N 345 
TRP CB  CG   sing N N 346 
TRP CB  HB2  sing N N 347 
TRP CB  HB3  sing N N 348 
TRP CG  CD1  doub Y N 349 
TRP CG  CD2  sing Y N 350 
TRP CD1 NE1  sing Y N 351 
TRP CD1 HD1  sing N N 352 
TRP CD2 CE2  doub Y N 353 
TRP CD2 CE3  sing Y N 354 
TRP NE1 CE2  sing Y N 355 
TRP NE1 HE1  sing N N 356 
TRP CE2 CZ2  sing Y N 357 
TRP CE3 CZ3  doub Y N 358 
TRP CE3 HE3  sing N N 359 
TRP CZ2 CH2  doub Y N 360 
TRP CZ2 HZ2  sing N N 361 
TRP CZ3 CH2  sing Y N 362 
TRP CZ3 HZ3  sing N N 363 
TRP CH2 HH2  sing N N 364 
TRP OXT HXT  sing N N 365 
TYR N   CA   sing N N 366 
TYR N   H    sing N N 367 
TYR N   H2   sing N N 368 
TYR CA  C    sing N N 369 
TYR CA  CB   sing N N 370 
TYR CA  HA   sing N N 371 
TYR C   O    doub N N 372 
TYR C   OXT  sing N N 373 
TYR CB  CG   sing N N 374 
TYR CB  HB2  sing N N 375 
TYR CB  HB3  sing N N 376 
TYR CG  CD1  doub Y N 377 
TYR CG  CD2  sing Y N 378 
TYR CD1 CE1  sing Y N 379 
TYR CD1 HD1  sing N N 380 
TYR CD2 CE2  doub Y N 381 
TYR CD2 HD2  sing N N 382 
TYR CE1 CZ   doub Y N 383 
TYR CE1 HE1  sing N N 384 
TYR CE2 CZ   sing Y N 385 
TYR CE2 HE2  sing N N 386 
TYR CZ  OH   sing N N 387 
TYR OH  HH   sing N N 388 
TYR OXT HXT  sing N N 389 
VAL N   CA   sing N N 390 
VAL N   H    sing N N 391 
VAL N   H2   sing N N 392 
VAL CA  C    sing N N 393 
VAL CA  CB   sing N N 394 
VAL CA  HA   sing N N 395 
VAL C   O    doub N N 396 
VAL C   OXT  sing N N 397 
VAL CB  CG1  sing N N 398 
VAL CB  CG2  sing N N 399 
VAL CB  HB   sing N N 400 
VAL CG1 HG11 sing N N 401 
VAL CG1 HG12 sing N N 402 
VAL CG1 HG13 sing N N 403 
VAL CG2 HG21 sing N N 404 
VAL CG2 HG22 sing N N 405 
VAL CG2 HG23 sing N N 406 
VAL OXT HXT  sing N N 407 
# 
_pdbx_initial_refinement_model.accession_code   ? 
_pdbx_initial_refinement_model.id               1 
_pdbx_initial_refinement_model.entity_id_list   ? 
_pdbx_initial_refinement_model.type             other 
_pdbx_initial_refinement_model.source_name      ? 
_pdbx_initial_refinement_model.details          'Apo BRD4_BD2' 
# 
_atom_sites.entry_id                    5UEP 
_atom_sites.fract_transf_matrix[1][1]   -0.01116851 
_atom_sites.fract_transf_matrix[1][2]   -0.01035388 
_atom_sites.fract_transf_matrix[1][3]   -0.00883163 
_atom_sites.fract_transf_matrix[2][1]   0.00091145 
_atom_sites.fract_transf_matrix[2][2]   -0.00935264 
_atom_sites.fract_transf_matrix[2][3]   0.00981207 
_atom_sites.fract_transf_matrix[3][1]   -0.02296495 
_atom_sites.fract_transf_matrix[3][2]   0.01265951 
_atom_sites.fract_transf_matrix[3][3]   0.01420000 
_atom_sites.fract_transf_vector[1]      -0.188607 
_atom_sites.fract_transf_vector[2]      0.026126 
_atom_sites.fract_transf_vector[3]      -0.165456 
# 
loop_
_atom_type.symbol 
C 
N 
O 
S 
# 
loop_
_atom_site.group_PDB 
_atom_site.id 
_atom_site.type_symbol 
_atom_site.label_atom_id 
_atom_site.label_alt_id 
_atom_site.label_comp_id 
_atom_site.label_asym_id 
_atom_site.label_entity_id 
_atom_site.label_seq_id 
_atom_site.pdbx_PDB_ins_code 
_atom_site.Cartn_x 
_atom_site.Cartn_y 
_atom_site.Cartn_z 
_atom_site.occupancy 
_atom_site.B_iso_or_equiv 
_atom_site.pdbx_formal_charge 
_atom_site.auth_seq_id 
_atom_site.auth_comp_id 
_atom_site.auth_asym_id 
_atom_site.auth_atom_id 
_atom_site.pdbx_PDB_model_num 
ATOM   1    N N   . SER A 1 1   ? 6.448   4.748   -22.789 1.00 74.36 ? 349 SER A N   1 
ATOM   2    C CA  . SER A 1 1   ? 7.650   4.983   -21.993 1.00 73.90 ? 349 SER A CA  1 
ATOM   3    C C   . SER A 1 1   ? 7.486   4.447   -20.567 1.00 76.43 ? 349 SER A C   1 
ATOM   4    O O   . SER A 1 1   ? 6.569   4.864   -19.849 1.00 76.08 ? 349 SER A O   1 
ATOM   5    C CB  . SER A 1 1   ? 8.001   6.468   -21.977 1.00 77.58 ? 349 SER A CB  1 
ATOM   6    O OG  . SER A 1 1   ? 9.254   6.697   -21.353 1.00 86.43 ? 349 SER A OG  1 
ATOM   7    N N   . HIS A 1 2   ? 8.368   3.504   -20.171 1.00 71.30 ? 350 HIS A N   1 
ATOM   8    C CA  . HIS A 1 2   ? 8.368   2.886   -18.841 1.00 70.07 ? 350 HIS A CA  1 
ATOM   9    C C   . HIS A 1 2   ? 8.763   3.895   -17.762 1.00 70.75 ? 350 HIS A C   1 
ATOM   10   O O   . HIS A 1 2   ? 8.279   3.797   -16.633 1.00 70.04 ? 350 HIS A O   1 
ATOM   11   C CB  . HIS A 1 2   ? 9.268   1.636   -18.801 1.00 70.81 ? 350 HIS A CB  1 
ATOM   12   C CG  . HIS A 1 2   ? 8.553   0.341   -19.069 1.00 74.14 ? 350 HIS A CG  1 
ATOM   13   N ND1 . HIS A 1 2   ? 9.243   -0.857  -19.144 1.00 75.86 ? 350 HIS A ND1 1 
ATOM   14   C CD2 . HIS A 1 2   ? 7.234   0.096   -19.262 1.00 75.94 ? 350 HIS A CD2 1 
ATOM   15   C CE1 . HIS A 1 2   ? 8.329   -1.785  -19.385 1.00 75.34 ? 350 HIS A CE1 1 
ATOM   16   N NE2 . HIS A 1 2   ? 7.105   -1.261  -19.459 1.00 75.70 ? 350 HIS A NE2 1 
ATOM   17   N N   . MET A 1 3   ? 9.616   4.873   -18.124 1.00 65.12 ? 351 MET A N   1 
ATOM   18   C CA  . MET A 1 3   ? 10.071  5.959   -17.257 1.00 63.97 ? 351 MET A CA  1 
ATOM   19   C C   . MET A 1 3   ? 8.867   6.837   -16.903 1.00 62.77 ? 351 MET A C   1 
ATOM   20   O O   . MET A 1 3   ? 8.648   7.115   -15.724 1.00 62.75 ? 351 MET A O   1 
ATOM   21   C CB  . MET A 1 3   ? 11.140  6.796   -17.977 1.00 66.84 ? 351 MET A CB  1 
ATOM   22   C CG  . MET A 1 3   ? 12.066  7.536   -17.049 1.00 71.28 ? 351 MET A CG  1 
ATOM   23   S SD  . MET A 1 3   ? 12.798  8.980   -17.856 1.00 76.40 ? 351 MET A SD  1 
ATOM   24   C CE  . MET A 1 3   ? 13.727  9.662   -16.495 1.00 73.18 ? 351 MET A CE  1 
ATOM   25   N N   . GLU A 1 4   ? 8.083   7.239   -17.922 1.00 55.01 ? 352 GLU A N   1 
ATOM   26   C CA  . GLU A 1 4   ? 6.883   8.066   -17.790 1.00 53.26 ? 352 GLU A CA  1 
ATOM   27   C C   . GLU A 1 4   ? 5.790   7.380   -16.967 1.00 51.63 ? 352 GLU A C   1 
ATOM   28   O O   . GLU A 1 4   ? 5.161   8.035   -16.129 1.00 49.64 ? 352 GLU A O   1 
ATOM   29   C CB  . GLU A 1 4   ? 6.347   8.481   -19.172 1.00 55.13 ? 352 GLU A CB  1 
ATOM   30   C CG  . GLU A 1 4   ? 7.131   9.616   -19.825 1.00 67.44 ? 352 GLU A CG  1 
ATOM   31   C CD  . GLU A 1 4   ? 7.184   10.927  -19.057 1.00 89.97 ? 352 GLU A CD  1 
ATOM   32   O OE1 . GLU A 1 4   ? 6.138   11.349  -18.512 1.00 89.15 ? 352 GLU A OE1 1 
ATOM   33   O OE2 . GLU A 1 4   ? 8.276   11.538  -19.008 1.00 81.77 ? 352 GLU A OE2 1 
ATOM   34   N N   . GLN A 1 5   ? 5.586   6.058   -17.180 1.00 44.79 ? 353 GLN A N   1 
ATOM   35   C CA  . GLN A 1 5   ? 4.591   5.310   -16.419 1.00 42.60 ? 353 GLN A CA  1 
ATOM   36   C C   . GLN A 1 5   ? 5.029   5.130   -14.938 1.00 42.14 ? 353 GLN A C   1 
ATOM   37   O O   . GLN A 1 5   ? 4.164   5.152   -14.062 1.00 38.93 ? 353 GLN A O   1 
ATOM   38   C CB  . GLN A 1 5   ? 4.192   3.999   -17.117 1.00 44.05 ? 353 GLN A CB  1 
ATOM   39   C CG  . GLN A 1 5   ? 5.024   2.752   -16.855 1.00 50.39 ? 353 GLN A CG  1 
ATOM   40   C CD  . GLN A 1 5   ? 4.368   1.533   -17.474 1.00 69.05 ? 353 GLN A CD  1 
ATOM   41   O OE1 . GLN A 1 5   ? 3.444   1.623   -18.305 1.00 70.10 ? 353 GLN A OE1 1 
ATOM   42   N NE2 . GLN A 1 5   ? 4.830   0.358   -17.092 1.00 45.13 ? 353 GLN A NE2 1 
ATOM   43   N N   . LEU A 1 6   ? 6.356   5.053   -14.662 1.00 37.53 ? 354 LEU A N   1 
ATOM   44   C CA  . LEU A 1 6   ? 6.857   4.996   -13.285 1.00 36.91 ? 354 LEU A CA  1 
ATOM   45   C C   . LEU A 1 6   ? 6.710   6.375   -12.602 1.00 37.37 ? 354 LEU A C   1 
ATOM   46   O O   . LEU A 1 6   ? 6.519   6.436   -11.392 1.00 34.10 ? 354 LEU A O   1 
ATOM   47   C CB  . LEU A 1 6   ? 8.294   4.452   -13.187 1.00 36.89 ? 354 LEU A CB  1 
ATOM   48   C CG  . LEU A 1 6   ? 8.457   2.934   -13.368 1.00 41.48 ? 354 LEU A CG  1 
ATOM   49   C CD1 . LEU A 1 6   ? 9.912   2.571   -13.618 1.00 42.38 ? 354 LEU A CD1 1 
ATOM   50   C CD2 . LEU A 1 6   ? 7.920   2.161   -12.172 1.00 41.47 ? 354 LEU A CD2 1 
ATOM   51   N N   . LYS A 1 7   ? 6.730   7.478   -13.387 1.00 33.31 ? 355 LYS A N   1 
ATOM   52   C CA  . LYS A 1 7   ? 6.504   8.835   -12.870 1.00 32.27 ? 355 LYS A CA  1 
ATOM   53   C C   . LYS A 1 7   ? 5.031   8.976   -12.484 1.00 35.05 ? 355 LYS A C   1 
ATOM   54   O O   . LYS A 1 7   ? 4.687   9.719   -11.565 1.00 33.94 ? 355 LYS A O   1 
ATOM   55   C CB  . LYS A 1 7   ? 6.834   9.896   -13.935 1.00 35.83 ? 355 LYS A CB  1 
ATOM   56   C CG  . LYS A 1 7   ? 8.322   10.064  -14.230 1.00 55.60 ? 355 LYS A CG  1 
ATOM   57   C CD  . LYS A 1 7   ? 8.551   11.202  -15.226 1.00 71.04 ? 355 LYS A CD  1 
ATOM   58   C CE  . LYS A 1 7   ? 9.850   11.070  -15.984 1.00 86.77 ? 355 LYS A CE  1 
ATOM   59   N NZ  . LYS A 1 7   ? 9.745   10.085  -17.095 1.00 97.35 ? 355 LYS A NZ  1 
ATOM   60   N N   . CYS A 1 8   ? 4.152   8.286   -13.218 1.00 32.80 ? 356 CYS A N   1 
ATOM   61   C CA  . CYS A 1 8   ? 2.741   8.276   -12.907 0.00 32.70 ? 356 CYS A CA  1 
ATOM   62   C C   . CYS A 1 8   ? 2.528   7.508   -11.608 1.00 31.22 ? 356 CYS A C   1 
ATOM   63   O O   . CYS A 1 8   ? 1.757   7.956   -10.766 1.00 29.15 ? 356 CYS A O   1 
ATOM   64   C CB  . CYS A 1 8   ? 1.963   7.665   -14.059 1.00 34.50 ? 356 CYS A CB  1 
ATOM   65   S SG  A CYS A 1 8   ? 1.564   8.845   -15.378 0.50 37.95 ? 356 CYS A SG  1 
ATOM   66   S SG  B CYS A 1 8   ? 0.191   7.553   -13.771 0.50 39.10 ? 356 CYS A SG  1 
ATOM   67   N N   . CYS A 1 9   ? 3.257   6.397   -11.434 1.00 27.60 ? 357 CYS A N   1 
ATOM   68   C CA  . CYS A 1 9   ? 3.226   5.572   -10.216 1.00 27.66 ? 357 CYS A CA  1 
ATOM   69   C C   . CYS A 1 9   ? 3.639   6.392   -9.013  1.00 30.86 ? 357 CYS A C   1 
ATOM   70   O O   . CYS A 1 9   ? 2.988   6.316   -7.966  1.00 28.20 ? 357 CYS A O   1 
ATOM   71   C CB  . CYS A 1 9   ? 4.103   4.340   -10.380 1.00 28.91 ? 357 CYS A CB  1 
ATOM   72   S SG  . CYS A 1 9   ? 3.428   3.125   -11.535 1.00 33.25 ? 357 CYS A SG  1 
ATOM   73   N N   . SER A 1 10  ? 4.689   7.237   -9.174  1.00 27.72 ? 358 SER A N   1 
ATOM   74   C CA  . SER A 1 10  ? 5.122   8.135   -8.097  1.00 27.45 ? 358 SER A CA  1 
ATOM   75   C C   . SER A 1 10  ? 4.022   9.166   -7.788  1.00 28.21 ? 358 SER A C   1 
ATOM   76   O O   . SER A 1 10  ? 3.832   9.482   -6.629  1.00 26.96 ? 358 SER A O   1 
ATOM   77   C CB  . SER A 1 10  ? 6.446   8.814   -8.449  1.00 30.36 ? 358 SER A CB  1 
ATOM   78   O OG  A SER A 1 10  ? 7.486   7.851   -8.494  0.50 34.01 ? 358 SER A OG  1 
ATOM   79   O OG  B SER A 1 10  ? 6.783   9.785   -7.474  0.50 37.87 ? 358 SER A OG  1 
ATOM   80   N N   . GLY A 1 11  ? 3.274   9.619   -8.812  1.00 25.53 ? 359 GLY A N   1 
ATOM   81   C CA  . GLY A 1 11  ? 2.158   10.548  -8.631  1.00 24.03 ? 359 GLY A CA  1 
ATOM   82   C C   . GLY A 1 11  ? 0.986   9.888   -7.904  1.00 26.78 ? 359 GLY A C   1 
ATOM   83   O O   . GLY A 1 11  ? 0.351   10.505  -7.048  1.00 25.56 ? 359 GLY A O   1 
ATOM   84   N N   . ILE A 1 12  ? 0.716   8.598   -8.210  1.00 24.48 ? 360 ILE A N   1 
ATOM   85   C CA  . ILE A 1 12  ? -0.368  7.882   -7.519  1.00 23.41 ? 360 ILE A CA  1 
ATOM   86   C C   . ILE A 1 12  ? -0.006  7.750   -6.027  1.00 25.60 ? 360 ILE A C   1 
ATOM   87   O O   . ILE A 1 12  ? -0.813  8.069   -5.164  1.00 23.19 ? 360 ILE A O   1 
ATOM   88   C CB  . ILE A 1 12  ? -0.653  6.520   -8.196  1.00 26.25 ? 360 ILE A CB  1 
ATOM   89   C CG1 . ILE A 1 12  ? -1.228  6.756   -9.630  1.00 26.92 ? 360 ILE A CG1 1 
ATOM   90   C CG2 . ILE A 1 12  ? -1.628  5.680   -7.320  1.00 26.29 ? 360 ILE A CG2 1 
ATOM   91   C CD1 . ILE A 1 12  ? -1.349  5.504   -10.470 1.00 28.88 ? 360 ILE A CD1 1 
ATOM   92   N N   . LEU A 1 13  ? 1.218   7.303   -5.743  1.00 22.82 ? 361 LEU A N   1 
ATOM   93   C CA  . LEU A 1 13  ? 1.648   7.178   -4.349  1.00 23.70 ? 361 LEU A CA  1 
ATOM   94   C C   . LEU A 1 13  ? 1.625   8.518   -3.604  1.00 26.20 ? 361 LEU A C   1 
ATOM   95   O O   . LEU A 1 13  ? 1.227   8.570   -2.444  1.00 24.64 ? 361 LEU A O   1 
ATOM   96   C CB  . LEU A 1 13  ? 3.005   6.485   -4.281  1.00 24.23 ? 361 LEU A CB  1 
ATOM   97   C CG  . LEU A 1 13  ? 3.389   5.942   -2.913  1.00 29.28 ? 361 LEU A CG  1 
ATOM   98   C CD1 . LEU A 1 13  ? 2.469   4.779   -2.506  1.00 28.88 ? 361 LEU A CD1 1 
ATOM   99   C CD2 . LEU A 1 13  ? 4.829   5.468   -2.944  1.00 30.31 ? 361 LEU A CD2 1 
ATOM   100  N N   . LYS A 1 14  ? 1.967   9.625   -4.298  1.00 26.14 ? 362 LYS A N   1 
ATOM   101  C CA  . LYS A 1 14  ? 1.951   10.951  -3.692  1.00 25.85 ? 362 LYS A CA  1 
ATOM   102  C C   . LYS A 1 14  ? 0.529   11.306  -3.246  1.00 27.61 ? 362 LYS A C   1 
ATOM   103  O O   . LYS A 1 14  ? 0.348   11.783  -2.138  1.00 28.00 ? 362 LYS A O   1 
ATOM   104  C CB  . LYS A 1 14  ? 2.504   12.000  -4.681  1.00 28.90 ? 362 LYS A CB  1 
ATOM   105  C CG  . LYS A 1 14  ? 2.667   13.390  -4.066  1.00 35.53 ? 362 LYS A CG  1 
ATOM   106  C CD  . LYS A 1 14  ? 3.215   14.377  -5.081  1.00 41.60 ? 362 LYS A CD  1 
ATOM   107  C CE  . LYS A 1 14  ? 3.138   15.795  -4.574  1.00 52.86 ? 362 LYS A CE  1 
ATOM   108  N NZ  . LYS A 1 14  ? 3.556   16.766  -5.620  1.00 65.72 ? 362 LYS A NZ  1 
ATOM   109  N N   . GLU A 1 15  ? -0.484  10.994  -4.065  1.00 23.88 ? 363 GLU A N   1 
ATOM   110  C CA  . GLU A 1 15  ? -1.868  11.264  -3.680  1.00 23.58 ? 363 GLU A CA  1 
ATOM   111  C C   . GLU A 1 15  ? -2.284  10.400  -2.498  1.00 27.22 ? 363 GLU A C   1 
ATOM   112  O O   . GLU A 1 15  ? -2.961  10.878  -1.598  1.00 26.79 ? 363 GLU A O   1 
ATOM   113  C CB  . GLU A 1 15  ? -2.832  11.019  -4.840  1.00 24.59 ? 363 GLU A CB  1 
ATOM   114  C CG  . GLU A 1 15  ? -4.242  11.419  -4.412  1.00 26.52 ? 363 GLU A CG  1 
ATOM   115  C CD  . GLU A 1 15  ? -5.328  11.370  -5.458  1.00 35.84 ? 363 GLU A CD  1 
ATOM   116  O OE1 . GLU A 1 15  ? -4.994  11.295  -6.660  1.00 37.25 ? 363 GLU A OE1 1 
ATOM   117  O OE2 . GLU A 1 15  ? -6.520  11.423  -5.072  1.00 29.31 ? 363 GLU A OE2 1 
ATOM   118  N N   . MET A 1 16  ? -1.889  9.119   -2.505  1.00 23.67 ? 364 MET A N   1 
ATOM   119  C CA  . MET A 1 16  ? -2.246  8.232   -1.394  1.00 21.96 ? 364 MET A CA  1 
ATOM   120  C C   . MET A 1 16  ? -1.693  8.753   -0.047  1.00 26.36 ? 364 MET A C   1 
ATOM   121  O O   . MET A 1 16  ? -2.284  8.490   1.002   1.00 26.06 ? 364 MET A O   1 
ATOM   122  C CB  . MET A 1 16  ? -1.747  6.819   -1.690  1.00 22.87 ? 364 MET A CB  1 
ATOM   123  C CG  . MET A 1 16  ? -2.551  6.111   -2.807  1.00 23.44 ? 364 MET A CG  1 
ATOM   124  S SD  . MET A 1 16  ? -1.709  4.640   -3.416  1.00 25.01 ? 364 MET A SD  1 
ATOM   125  C CE  . MET A 1 16  ? -1.839  3.526   -1.980  1.00 24.04 ? 364 MET A CE  1 
ATOM   126  N N   . PHE A 1 17  ? -0.559  9.482   -0.082  1.00 24.69 ? 365 PHE A N   1 
ATOM   127  C CA  . PHE A 1 17  ? 0.064   10.088  1.098   1.00 24.67 ? 365 PHE A CA  1 
ATOM   128  C C   . PHE A 1 17  ? -0.528  11.478  1.418   1.00 30.30 ? 365 PHE A C   1 
ATOM   129  O O   . PHE A 1 17  ? -0.182  12.060  2.455   1.00 30.27 ? 365 PHE A O   1 
ATOM   130  C CB  . PHE A 1 17  ? 1.578   10.256  0.855   1.00 25.62 ? 365 PHE A CB  1 
ATOM   131  C CG  . PHE A 1 17  ? 2.478   9.116   1.273   1.00 25.55 ? 365 PHE A CG  1 
ATOM   132  C CD1 . PHE A 1 17  ? 2.616   8.772   2.617   1.00 27.62 ? 365 PHE A CD1 1 
ATOM   133  C CD2 . PHE A 1 17  ? 3.246   8.437   0.332   1.00 26.63 ? 365 PHE A CD2 1 
ATOM   134  C CE1 . PHE A 1 17  ? 3.465   7.735   3.003   1.00 28.41 ? 365 PHE A CE1 1 
ATOM   135  C CE2 . PHE A 1 17  ? 4.115   7.418   0.718   1.00 28.88 ? 365 PHE A CE2 1 
ATOM   136  C CZ  . PHE A 1 17  ? 4.226   7.074   2.052   1.00 26.89 ? 365 PHE A CZ  1 
ATOM   137  N N   . ALA A 1 18  ? -1.360  12.030  0.513   1.00 28.23 ? 366 ALA A N   1 
ATOM   138  C CA  . ALA A 1 18  ? -1.936  13.378  0.642   1.00 29.32 ? 366 ALA A CA  1 
ATOM   139  C C   . ALA A 1 18  ? -2.897  13.574  1.806   1.00 33.14 ? 366 ALA A C   1 
ATOM   140  O O   . ALA A 1 18  ? -3.584  12.639  2.201   1.00 31.64 ? 366 ALA A O   1 
ATOM   141  C CB  . ALA A 1 18  ? -2.620  13.784  -0.650  1.00 30.47 ? 366 ALA A CB  1 
ATOM   142  N N   . LYS A 1 19  ? -3.004  14.828  2.300   1.00 31.66 ? 367 LYS A N   1 
ATOM   143  C CA  . LYS A 1 19  ? -3.913  15.200  3.405   1.00 31.86 ? 367 LYS A CA  1 
ATOM   144  C C   . LYS A 1 19  ? -5.358  14.790  3.129   1.00 33.65 ? 367 LYS A C   1 
ATOM   145  O O   . LYS A 1 19  ? -6.051  14.400  4.052   1.00 33.68 ? 367 LYS A O   1 
ATOM   146  C CB  . LYS A 1 19  ? -3.858  16.717  3.673   1.00 34.73 ? 367 LYS A CB  1 
ATOM   147  C CG  . LYS A 1 19  ? -2.643  17.174  4.463   1.00 57.37 ? 367 LYS A CG  1 
ATOM   148  C CD  . LYS A 1 19  ? -2.703  18.683  4.730   1.00 69.38 ? 367 LYS A CD  1 
ATOM   149  C CE  . LYS A 1 19  ? -1.367  19.264  5.136   1.00 80.15 ? 367 LYS A CE  1 
ATOM   150  N NZ  . LYS A 1 19  ? -0.505  19.558  3.956   1.00 88.63 ? 367 LYS A NZ  1 
ATOM   151  N N   . LYS A 1 20  ? -5.804  14.857  1.856   1.00 29.42 ? 368 LYS A N   1 
ATOM   152  C CA  . LYS A 1 20  ? -7.164  14.494  1.446   1.00 28.72 ? 368 LYS A CA  1 
ATOM   153  C C   . LYS A 1 20  ? -7.555  13.094  1.895   1.00 29.97 ? 368 LYS A C   1 
ATOM   154  O O   . LYS A 1 20  ? -8.698  12.902  2.281   1.00 29.43 ? 368 LYS A O   1 
ATOM   155  C CB  . LYS A 1 20  ? -7.311  14.631  -0.086  1.00 31.34 ? 368 LYS A CB  1 
ATOM   156  C CG  . LYS A 1 20  ? -8.648  14.216  -0.653  1.00 37.75 ? 368 LYS A CG  1 
ATOM   157  C CD  . LYS A 1 20  ? -8.726  14.487  -2.135  1.00 41.40 ? 368 LYS A CD  1 
ATOM   158  C CE  . LYS A 1 20  ? -10.078 14.105  -2.680  1.00 51.55 ? 368 LYS A CE  1 
ATOM   159  N NZ  . LYS A 1 20  ? -10.105 14.189  -4.164  1.00 58.20 ? 368 LYS A NZ  1 
ATOM   160  N N   . HIS A 1 21  ? -6.607  12.126  1.867   1.00 24.92 ? 369 HIS A N   1 
ATOM   161  C CA  . HIS A 1 21  ? -6.860  10.709  2.185   1.00 24.17 ? 369 HIS A CA  1 
ATOM   162  C C   . HIS A 1 21  ? -6.320  10.256  3.557   1.00 27.08 ? 369 HIS A C   1 
ATOM   163  O O   . HIS A 1 21  ? -6.501  9.098   3.927   1.00 27.32 ? 369 HIS A O   1 
ATOM   164  C CB  . HIS A 1 21  ? -6.236  9.837   1.057   1.00 24.57 ? 369 HIS A CB  1 
ATOM   165  C CG  . HIS A 1 21  ? -6.726  10.217  -0.312  1.00 27.47 ? 369 HIS A CG  1 
ATOM   166  N ND1 . HIS A 1 21  ? -8.056  10.053  -0.671  1.00 29.28 ? 369 HIS A ND1 1 
ATOM   167  C CD2 . HIS A 1 21  ? -6.065  10.785  -1.344  1.00 29.09 ? 369 HIS A CD2 1 
ATOM   168  C CE1 . HIS A 1 21  ? -8.160  10.509  -1.910  1.00 28.73 ? 369 HIS A CE1 1 
ATOM   169  N NE2 . HIS A 1 21  ? -6.991  10.960  -2.360  1.00 29.32 ? 369 HIS A NE2 1 
ATOM   170  N N   . ALA A 1 22  ? -5.677  11.162  4.311   1.00 25.62 ? 370 ALA A N   1 
ATOM   171  C CA  . ALA A 1 22  ? -5.005  10.851  5.581   1.00 26.19 ? 370 ALA A CA  1 
ATOM   172  C C   . ALA A 1 22  ? -5.879  10.170  6.625   1.00 30.39 ? 370 ALA A C   1 
ATOM   173  O O   . ALA A 1 22  ? -5.387  9.318   7.358   1.00 30.83 ? 370 ALA A O   1 
ATOM   174  C CB  . ALA A 1 22  ? -4.344  12.096  6.157   1.00 27.28 ? 370 ALA A CB  1 
ATOM   175  N N   . ALA A 1 23  ? -7.185  10.486  6.658   1.00 27.40 ? 371 ALA A N   1 
ATOM   176  C CA  . ALA A 1 23  ? -8.107  9.893   7.626   1.00 27.44 ? 371 ALA A CA  1 
ATOM   177  C C   . ALA A 1 23  ? -8.206  8.363   7.539   1.00 30.28 ? 371 ALA A C   1 
ATOM   178  O O   . ALA A 1 23  ? -8.482  7.721   8.547   1.00 29.62 ? 371 ALA A O   1 
ATOM   179  C CB  . ALA A 1 23  ? -9.484  10.518  7.484   1.00 28.04 ? 371 ALA A CB  1 
ATOM   180  N N   . TYR A 1 24  ? -7.948  7.778   6.346   1.00 24.81 ? 372 TYR A N   1 
ATOM   181  C CA  . TYR A 1 24  ? -7.978  6.338   6.168   1.00 21.89 ? 372 TYR A CA  1 
ATOM   182  C C   . TYR A 1 24  ? -6.646  5.779   5.652   1.00 24.03 ? 372 TYR A C   1 
ATOM   183  O O   . TYR A 1 24  ? -6.427  4.591   5.809   1.00 25.10 ? 372 TYR A O   1 
ATOM   184  C CB  . TYR A 1 24  ? -9.141  5.889   5.260   1.00 22.37 ? 372 TYR A CB  1 
ATOM   185  C CG  . TYR A 1 24  ? -9.342  6.738   4.020   1.00 23.24 ? 372 TYR A CG  1 
ATOM   186  C CD1 . TYR A 1 24  ? -10.186 7.845   4.040   1.00 24.42 ? 372 TYR A CD1 1 
ATOM   187  C CD2 . TYR A 1 24  ? -8.754  6.387   2.805   1.00 22.73 ? 372 TYR A CD2 1 
ATOM   188  C CE1 . TYR A 1 24  ? -10.446 8.575   2.886   1.00 23.48 ? 372 TYR A CE1 1 
ATOM   189  C CE2 . TYR A 1 24  ? -8.986  7.127   1.650   1.00 22.98 ? 372 TYR A CE2 1 
ATOM   190  C CZ  . TYR A 1 24  ? -9.830  8.226   1.700   1.00 27.71 ? 372 TYR A CZ  1 
ATOM   191  O OH  . TYR A 1 24  ? -10.099 8.943   0.575   1.00 29.04 ? 372 TYR A OH  1 
ATOM   192  N N   . ALA A 1 25  ? -5.759  6.612   5.090   1.00 20.74 ? 373 ALA A N   1 
ATOM   193  C CA  . ALA A 1 25  ? -4.474  6.086   4.581   1.00 20.55 ? 373 ALA A CA  1 
ATOM   194  C C   . ALA A 1 25  ? -3.414  5.873   5.677   1.00 24.70 ? 373 ALA A C   1 
ATOM   195  O O   . ALA A 1 25  ? -2.518  5.054   5.477   1.00 21.17 ? 373 ALA A O   1 
ATOM   196  C CB  . ALA A 1 25  ? -3.913  7.010   3.528   1.00 20.77 ? 373 ALA A CB  1 
ATOM   197  N N   . TRP A 1 26  ? -3.492  6.609   6.811   1.00 25.11 ? 374 TRP A N   1 
ATOM   198  C CA  . TRP A 1 26  ? -2.445  6.581   7.850   1.00 25.74 ? 374 TRP A CA  1 
ATOM   199  C C   . TRP A 1 26  ? -2.011  5.155   8.322   1.00 26.31 ? 374 TRP A C   1 
ATOM   200  O O   . TRP A 1 26  ? -0.814  4.991   8.542   1.00 26.26 ? 374 TRP A O   1 
ATOM   201  C CB  . TRP A 1 26  ? -2.773  7.489   9.053   1.00 25.59 ? 374 TRP A CB  1 
ATOM   202  C CG  . TRP A 1 26  ? -3.904  7.026   9.915   1.00 27.72 ? 374 TRP A CG  1 
ATOM   203  C CD1 . TRP A 1 26  ? -5.214  7.393   9.820   1.00 31.04 ? 374 TRP A CD1 1 
ATOM   204  C CD2 . TRP A 1 26  ? -3.832  6.065   10.975  1.00 27.93 ? 374 TRP A CD2 1 
ATOM   205  N NE1 . TRP A 1 26  ? -5.959  6.730   10.763  1.00 31.03 ? 374 TRP A NE1 1 
ATOM   206  C CE2 . TRP A 1 26  ? -5.137  5.905   11.485  1.00 32.18 ? 374 TRP A CE2 1 
ATOM   207  C CE3 . TRP A 1 26  ? -2.783  5.315   11.543  1.00 29.52 ? 374 TRP A CE3 1 
ATOM   208  C CZ2 . TRP A 1 26  ? -5.423  5.045   12.555  1.00 31.48 ? 374 TRP A CZ2 1 
ATOM   209  C CZ3 . TRP A 1 26  ? -3.071  4.447   12.586  1.00 31.38 ? 374 TRP A CZ3 1 
ATOM   210  C CH2 . TRP A 1 26  ? -4.377  4.312   13.076  1.00 31.95 ? 374 TRP A CH2 1 
ATOM   211  N N   . PRO A 1 27  ? -2.859  4.103   8.434   1.00 23.16 ? 375 PRO A N   1 
ATOM   212  C CA  . PRO A 1 27  ? -2.333  2.800   8.869   1.00 22.14 ? 375 PRO A CA  1 
ATOM   213  C C   . PRO A 1 27  ? -1.366  2.161   7.873   1.00 22.74 ? 375 PRO A C   1 
ATOM   214  O O   . PRO A 1 27  ? -0.697  1.199   8.221   1.00 23.50 ? 375 PRO A O   1 
ATOM   215  C CB  . PRO A 1 27  ? -3.584  1.934   8.942   1.00 23.87 ? 375 PRO A CB  1 
ATOM   216  C CG  . PRO A 1 27  ? -4.722  2.911   9.171   1.00 27.07 ? 375 PRO A CG  1 
ATOM   217  C CD  . PRO A 1 27  ? -4.330  4.040   8.271   1.00 23.65 ? 375 PRO A CD  1 
ATOM   218  N N   . PHE A 1 28  ? -1.352  2.665   6.636   1.00 19.89 ? 376 PHE A N   1 
ATOM   219  C CA  . PHE A 1 28  ? -0.542  2.116   5.531   1.00 18.40 ? 376 PHE A CA  1 
ATOM   220  C C   . PHE A 1 28  ? 0.725   2.889   5.264   1.00 23.68 ? 376 PHE A C   1 
ATOM   221  O O   . PHE A 1 28  ? 1.544   2.452   4.437   1.00 22.82 ? 376 PHE A O   1 
ATOM   222  C CB  . PHE A 1 28  ? -1.414  2.057   4.252   1.00 18.42 ? 376 PHE A CB  1 
ATOM   223  C CG  . PHE A 1 28  ? -2.676  1.281   4.538   1.00 19.11 ? 376 PHE A CG  1 
ATOM   224  C CD1 . PHE A 1 28  ? -2.642  -0.101  4.666   1.00 21.74 ? 376 PHE A CD1 1 
ATOM   225  C CD2 . PHE A 1 28  ? -3.858  1.947   4.872   1.00 19.83 ? 376 PHE A CD2 1 
ATOM   226  C CE1 . PHE A 1 28  ? -3.781  -0.813  5.069   1.00 22.21 ? 376 PHE A CE1 1 
ATOM   227  C CE2 . PHE A 1 28  ? -4.996  1.233   5.254   1.00 22.68 ? 376 PHE A CE2 1 
ATOM   228  C CZ  . PHE A 1 28  ? -4.940  -0.136  5.378   1.00 20.19 ? 376 PHE A CZ  1 
ATOM   229  N N   . TYR A 1 29  ? 0.907   4.018   5.953   1.00 22.44 ? 377 TYR A N   1 
ATOM   230  C CA  . TYR A 1 29  ? 2.081   4.877   5.762   1.00 22.65 ? 377 TYR A CA  1 
ATOM   231  C C   . TYR A 1 29  ? 3.430   4.190   6.004   1.00 25.72 ? 377 TYR A C   1 
ATOM   232  O O   . TYR A 1 29  ? 4.341   4.366   5.213   1.00 26.15 ? 377 TYR A O   1 
ATOM   233  C CB  . TYR A 1 29  ? 2.006   6.098   6.677   1.00 24.80 ? 377 TYR A CB  1 
ATOM   234  C CG  . TYR A 1 29  ? 1.033   7.193   6.289   1.00 25.93 ? 377 TYR A CG  1 
ATOM   235  C CD1 . TYR A 1 29  ? 0.304   7.127   5.098   1.00 26.16 ? 377 TYR A CD1 1 
ATOM   236  C CD2 . TYR A 1 29  ? 0.848   8.303   7.107   1.00 27.61 ? 377 TYR A CD2 1 
ATOM   237  C CE1 . TYR A 1 29  ? -0.614  8.126   4.755   1.00 24.29 ? 377 TYR A CE1 1 
ATOM   238  C CE2 . TYR A 1 29  ? -0.025  9.330   6.749   1.00 28.24 ? 377 TYR A CE2 1 
ATOM   239  C CZ  . TYR A 1 29  ? -0.754  9.236   5.573   1.00 30.43 ? 377 TYR A CZ  1 
ATOM   240  O OH  . TYR A 1 29  ? -1.616  10.261  5.252   1.00 27.80 ? 377 TYR A OH  1 
ATOM   241  N N   . LYS A 1 30  ? 3.559   3.437   7.109   1.00 23.13 ? 378 LYS A N   1 
ATOM   242  C CA  . LYS A 1 30  ? 4.800   2.825   7.543   1.00 22.88 ? 378 LYS A CA  1 
ATOM   243  C C   . LYS A 1 30  ? 4.632   1.349   7.798   1.00 26.09 ? 378 LYS A C   1 
ATOM   244  O O   . LYS A 1 30  ? 3.486   0.897   7.928   1.00 24.74 ? 378 LYS A O   1 
ATOM   245  C CB  . LYS A 1 30  ? 5.292   3.532   8.831   1.00 26.13 ? 378 LYS A CB  1 
ATOM   246  C CG  . LYS A 1 30  ? 5.594   5.016   8.669   1.00 38.90 ? 378 LYS A CG  1 
ATOM   247  C CD  . LYS A 1 30  ? 6.994   5.256   8.114   1.00 54.76 ? 378 LYS A CD  1 
ATOM   248  C CE  . LYS A 1 30  ? 7.292   6.717   7.861   1.00 68.86 ? 378 LYS A CE  1 
ATOM   249  N NZ  . LYS A 1 30  ? 8.607   6.896   7.184   1.00 79.79 ? 378 LYS A NZ  1 
ATOM   250  N N   . PRO A 1 31  ? 5.736   0.549   7.872   1.00 24.26 ? 379 PRO A N   1 
ATOM   251  C CA  . PRO A 1 31  ? 5.571   -0.880  8.165   1.00 24.18 ? 379 PRO A CA  1 
ATOM   252  C C   . PRO A 1 31  ? 4.754   -1.115  9.431   1.00 25.94 ? 379 PRO A C   1 
ATOM   253  O O   . PRO A 1 31  ? 4.800   -0.302  10.364  1.00 24.43 ? 379 PRO A O   1 
ATOM   254  C CB  . PRO A 1 31  ? 7.011   -1.363  8.364   1.00 26.78 ? 379 PRO A CB  1 
ATOM   255  C CG  . PRO A 1 31  ? 7.835   -0.418  7.590   1.00 30.96 ? 379 PRO A CG  1 
ATOM   256  C CD  . PRO A 1 31  ? 7.171   0.907   7.766   1.00 26.47 ? 379 PRO A CD  1 
ATOM   257  N N   . VAL A 1 32  ? 3.954   -2.186  9.424   1.00 23.85 ? 380 VAL A N   1 
ATOM   258  C CA  . VAL A 1 32  ? 3.130   -2.575  10.568  1.00 24.74 ? 380 VAL A CA  1 
ATOM   259  C C   . VAL A 1 32  ? 4.124   -2.812  11.737  1.00 28.87 ? 380 VAL A C   1 
ATOM   260  O O   . VAL A 1 32  ? 5.158   -3.451  11.537  1.00 27.05 ? 380 VAL A O   1 
ATOM   261  C CB  . VAL A 1 32  ? 2.288   -3.844  10.255  1.00 28.11 ? 380 VAL A CB  1 
ATOM   262  C CG1 . VAL A 1 32  ? 1.649   -4.423  11.525  1.00 28.52 ? 380 VAL A CG1 1 
ATOM   263  C CG2 . VAL A 1 32  ? 1.220   -3.564  9.176   1.00 27.48 ? 380 VAL A CG2 1 
ATOM   264  N N   . ASP A 1 33  ? 3.831   -2.240  12.906  1.00 28.40 ? 381 ASP A N   1 
ATOM   265  C CA  . ASP A 1 33  ? 4.670   -2.439  14.099  1.00 29.23 ? 381 ASP A CA  1 
ATOM   266  C C   . ASP A 1 33  ? 4.270   -3.797  14.711  1.00 30.22 ? 381 ASP A C   1 
ATOM   267  O O   . ASP A 1 33  ? 3.297   -3.875  15.444  1.00 29.40 ? 381 ASP A O   1 
ATOM   268  C CB  . ASP A 1 33  ? 4.474   -1.287  15.104  1.00 31.26 ? 381 ASP A CB  1 
ATOM   269  C CG  . ASP A 1 33  ? 5.298   -1.454  16.385  1.00 39.06 ? 381 ASP A CG  1 
ATOM   270  O OD1 . ASP A 1 33  ? 6.219   -2.323  16.403  1.00 36.31 ? 381 ASP A OD1 1 
ATOM   271  O OD2 . ASP A 1 33  ? 5.000   -0.754  17.372  1.00 47.06 ? 381 ASP A OD2 1 
ATOM   272  N N   . VAL A 1 34  ? 5.025   -4.844  14.399  1.00 27.78 ? 382 VAL A N   1 
ATOM   273  C CA  . VAL A 1 34  ? 4.747   -6.231  14.807  1.00 29.73 ? 382 VAL A CA  1 
ATOM   274  C C   . VAL A 1 34  ? 4.971   -6.462  16.312  1.00 36.96 ? 382 VAL A C   1 
ATOM   275  O O   . VAL A 1 34  ? 4.618   -7.528  16.824  1.00 38.38 ? 382 VAL A O   1 
ATOM   276  C CB  . VAL A 1 34  ? 5.478   -7.286  13.943  1.00 34.62 ? 382 VAL A CB  1 
ATOM   277  C CG1 . VAL A 1 34  ? 5.048   -7.193  12.474  1.00 35.12 ? 382 VAL A CG1 1 
ATOM   278  C CG2 . VAL A 1 34  ? 7.001   -7.199  14.082  1.00 34.22 ? 382 VAL A CG2 1 
ATOM   279  N N   . GLU A 1 35  ? 5.526   -5.463  17.008  1.00 33.62 ? 383 GLU A N   1 
ATOM   280  C CA  . GLU A 1 35  ? 5.791   -5.553  18.445  1.00 34.10 ? 383 GLU A CA  1 
ATOM   281  C C   . GLU A 1 35  ? 4.649   -4.962  19.282  1.00 38.44 ? 383 GLU A C   1 
ATOM   282  O O   . GLU A 1 35  ? 4.718   -4.984  20.506  1.00 39.47 ? 383 GLU A O   1 
ATOM   283  C CB  . GLU A 1 35  ? 7.135   -4.887  18.788  1.00 35.48 ? 383 GLU A CB  1 
ATOM   284  C CG  . GLU A 1 35  ? 8.347   -5.496  18.091  1.00 47.00 ? 383 GLU A CG  1 
ATOM   285  C CD  . GLU A 1 35  ? 8.644   -6.962  18.351  1.00 73.03 ? 383 GLU A CD  1 
ATOM   286  O OE1 . GLU A 1 35  ? 8.482   -7.416  19.509  1.00 76.67 ? 383 GLU A OE1 1 
ATOM   287  O OE2 . GLU A 1 35  ? 9.083   -7.648  17.400  1.00 67.81 ? 383 GLU A OE2 1 
ATOM   288  N N   . ALA A 1 36  ? 3.609   -4.417  18.629  1.00 32.87 ? 384 ALA A N   1 
ATOM   289  C CA  . ALA A 1 36  ? 2.462   -3.828  19.317  1.00 31.94 ? 384 ALA A CA  1 
ATOM   290  C C   . ALA A 1 36  ? 1.549   -4.941  19.862  1.00 33.76 ? 384 ALA A C   1 
ATOM   291  O O   . ALA A 1 36  ? 1.541   -6.050  19.331  1.00 33.20 ? 384 ALA A O   1 
ATOM   292  C CB  . ALA A 1 36  ? 1.682   -2.936  18.356  1.00 32.83 ? 384 ALA A CB  1 
ATOM   293  N N   . LEU A 1 37  ? 0.783   -4.640  20.917  1.00 30.67 ? 385 LEU A N   1 
ATOM   294  C CA  . LEU A 1 37  ? -0.130  -5.611  21.506  1.00 30.00 ? 385 LEU A CA  1 
ATOM   295  C C   . LEU A 1 37  ? -1.179  -6.015  20.457  1.00 35.31 ? 385 LEU A C   1 
ATOM   296  O O   . LEU A 1 37  ? -1.713  -5.154  19.760  1.00 36.99 ? 385 LEU A O   1 
ATOM   297  C CB  . LEU A 1 37  ? -0.796  -5.011  22.751  1.00 29.86 ? 385 LEU A CB  1 
ATOM   298  C CG  . LEU A 1 37  ? -1.739  -5.924  23.534  1.00 33.82 ? 385 LEU A CG  1 
ATOM   299  C CD1 . LEU A 1 37  ? -1.004  -7.099  24.158  1.00 31.96 ? 385 LEU A CD1 1 
ATOM   300  C CD2 . LEU A 1 37  ? -2.496  -5.132  24.567  1.00 34.83 ? 385 LEU A CD2 1 
ATOM   301  N N   . GLY A 1 38  ? -1.432  -7.311  20.353  1.00 31.29 ? 386 GLY A N   1 
ATOM   302  C CA  . GLY A 1 38  ? -2.349  -7.906  19.382  1.00 31.12 ? 386 GLY A CA  1 
ATOM   303  C C   . GLY A 1 38  ? -1.683  -8.343  18.083  1.00 33.18 ? 386 GLY A C   1 
ATOM   304  O O   . GLY A 1 38  ? -2.300  -9.069  17.302  1.00 33.75 ? 386 GLY A O   1 
ATOM   305  N N   . LEU A 1 39  ? -0.417  -7.949  17.841  1.00 28.61 ? 387 LEU A N   1 
ATOM   306  C CA  . LEU A 1 39  ? 0.276   -8.294  16.584  1.00 28.18 ? 387 LEU A CA  1 
ATOM   307  C C   . LEU A 1 39  ? 1.372   -9.348  16.717  1.00 31.68 ? 387 LEU A C   1 
ATOM   308  O O   . LEU A 1 39  ? 2.233   -9.459  15.833  1.00 29.99 ? 387 LEU A O   1 
ATOM   309  C CB  . LEU A 1 39  ? 0.811   -7.031  15.899  1.00 28.51 ? 387 LEU A CB  1 
ATOM   310  C CG  . LEU A 1 39  ? -0.293  -6.141  15.357  1.00 34.39 ? 387 LEU A CG  1 
ATOM   311  C CD1 . LEU A 1 39  ? 0.061   -4.750  15.481  1.00 36.15 ? 387 LEU A CD1 1 
ATOM   312  C CD2 . LEU A 1 39  ? -0.582  -6.462  13.924  1.00 37.34 ? 387 LEU A CD2 1 
ATOM   313  N N   . HIS A 1 40  ? 1.302   -10.177 17.778  1.00 28.74 ? 388 HIS A N   1 
ATOM   314  C CA  . HIS A 1 40  ? 2.291   -11.239 18.047  1.00 28.27 ? 388 HIS A CA  1 
ATOM   315  C C   . HIS A 1 40  ? 2.346   -12.323 16.963  1.00 33.37 ? 388 HIS A C   1 
ATOM   316  O O   . HIS A 1 40  ? 3.358   -13.009 16.828  1.00 34.24 ? 388 HIS A O   1 
ATOM   317  C CB  . HIS A 1 40  ? 1.990   -11.898 19.413  1.00 28.48 ? 388 HIS A CB  1 
ATOM   318  C CG  . HIS A 1 40  ? 0.610   -12.456 19.516  1.00 30.51 ? 388 HIS A CG  1 
ATOM   319  N ND1 . HIS A 1 40  ? -0.426  -11.712 20.034  1.00 32.07 ? 388 HIS A ND1 1 
ATOM   320  C CD2 . HIS A 1 40  ? 0.141   -13.671 19.160  1.00 32.52 ? 388 HIS A CD2 1 
ATOM   321  C CE1 . HIS A 1 40  ? -1.496  -12.483 19.973  1.00 31.78 ? 388 HIS A CE1 1 
ATOM   322  N NE2 . HIS A 1 40  ? -1.203  -13.675 19.462  1.00 32.77 ? 388 HIS A NE2 1 
ATOM   323  N N   . ASP A 1 41  ? 1.242   -12.501 16.235  1.00 29.40 ? 389 ASP A N   1 
ATOM   324  C CA  . ASP A 1 41  ? 1.076   -13.486 15.163  1.00 29.00 ? 389 ASP A CA  1 
ATOM   325  C C   . ASP A 1 41  ? 1.194   -12.899 13.727  1.00 30.76 ? 389 ASP A C   1 
ATOM   326  O O   . ASP A 1 41  ? 1.068   -13.649 12.761  1.00 30.07 ? 389 ASP A O   1 
ATOM   327  C CB  . ASP A 1 41  ? -0.280  -14.199 15.333  1.00 30.51 ? 389 ASP A CB  1 
ATOM   328  C CG  . ASP A 1 41  ? -1.499  -13.286 15.323  1.00 36.59 ? 389 ASP A CG  1 
ATOM   329  O OD1 . ASP A 1 41  ? -1.325  -12.047 15.417  1.00 37.39 ? 389 ASP A OD1 1 
ATOM   330  O OD2 . ASP A 1 41  ? -2.617  -13.802 15.226  1.00 39.10 ? 389 ASP A OD2 1 
ATOM   331  N N   . TYR A 1 42  ? 1.451   -11.584 13.590  1.00 26.87 ? 390 TYR A N   1 
ATOM   332  C CA  . TYR A 1 42  ? 1.517   -10.939 12.276  1.00 26.69 ? 390 TYR A CA  1 
ATOM   333  C C   . TYR A 1 42  ? 2.524   -11.596 11.330  1.00 31.83 ? 390 TYR A C   1 
ATOM   334  O O   . TYR A 1 42  ? 2.174   -11.922 10.203  1.00 30.45 ? 390 TYR A O   1 
ATOM   335  C CB  . TYR A 1 42  ? 1.814   -9.443  12.426  1.00 26.29 ? 390 TYR A CB  1 
ATOM   336  C CG  . TYR A 1 42  ? 1.543   -8.697  11.140  1.00 25.23 ? 390 TYR A CG  1 
ATOM   337  C CD1 . TYR A 1 42  ? 0.248   -8.333  10.784  1.00 25.92 ? 390 TYR A CD1 1 
ATOM   338  C CD2 . TYR A 1 42  ? 2.572   -8.402  10.255  1.00 25.82 ? 390 TYR A CD2 1 
ATOM   339  C CE1 . TYR A 1 42  ? -0.016  -7.691  9.570   1.00 25.42 ? 390 TYR A CE1 1 
ATOM   340  C CE2 . TYR A 1 42  ? 2.324   -7.753  9.045   1.00 26.70 ? 390 TYR A CE2 1 
ATOM   341  C CZ  . TYR A 1 42  ? 1.026   -7.405  8.707   1.00 28.15 ? 390 TYR A CZ  1 
ATOM   342  O OH  . TYR A 1 42  ? 0.780   -6.784  7.503   1.00 26.54 ? 390 TYR A OH  1 
ATOM   343  N N   . CYS A 1 43  ? 3.752   -11.808 11.806  1.00 32.19 ? 391 CYS A N   1 
ATOM   344  C CA  . CYS A 1 43  ? 4.854   -12.402 11.050  1.00 34.66 ? 391 CYS A CA  1 
ATOM   345  C C   . CYS A 1 43  ? 4.626   -13.868 10.681  1.00 38.23 ? 391 CYS A C   1 
ATOM   346  O O   . CYS A 1 43  ? 5.182   -14.322 9.680   1.00 39.94 ? 391 CYS A O   1 
ATOM   347  C CB  . CYS A 1 43  ? 6.173   -12.202 11.785  1.00 37.22 ? 391 CYS A CB  1 
ATOM   348  S SG  . CYS A 1 43  ? 6.673   -10.469 11.928  1.00 42.31 ? 391 CYS A SG  1 
ATOM   349  N N   . ASP A 1 44  ? 3.798   -14.597 11.448  1.00 33.70 ? 392 ASP A N   1 
ATOM   350  C CA  . ASP A 1 44  ? 3.458   -15.985 11.125  1.00 34.26 ? 392 ASP A CA  1 
ATOM   351  C C   . ASP A 1 44  ? 2.442   -16.040 9.987   1.00 39.34 ? 392 ASP A C   1 
ATOM   352  O O   . ASP A 1 44  ? 2.379   -17.047 9.280   1.00 41.04 ? 392 ASP A O   1 
ATOM   353  C CB  . ASP A 1 44  ? 2.818   -16.697 12.317  1.00 36.61 ? 392 ASP A CB  1 
ATOM   354  C CG  . ASP A 1 44  ? 3.664   -16.837 13.555  1.00 49.39 ? 392 ASP A CG  1 
ATOM   355  O OD1 . ASP A 1 44  ? 4.901   -16.604 13.467  1.00 49.32 ? 392 ASP A OD1 1 
ATOM   356  O OD2 . ASP A 1 44  ? 3.096   -17.169 14.612  1.00 55.93 ? 392 ASP A OD2 1 
ATOM   357  N N   . ILE A 1 45  ? 1.592   -15.004 9.874   1.00 32.91 ? 393 ILE A N   1 
ATOM   358  C CA  . ILE A 1 45  ? 0.508   -14.968 8.892   1.00 31.65 ? 393 ILE A CA  1 
ATOM   359  C C   . ILE A 1 45  ? 0.931   -14.247 7.616   1.00 32.93 ? 393 ILE A C   1 
ATOM   360  O O   . ILE A 1 45  ? 0.640   -14.706 6.506   1.00 32.87 ? 393 ILE A O   1 
ATOM   361  C CB  . ILE A 1 45  ? -0.774  -14.376 9.560   1.00 34.52 ? 393 ILE A CB  1 
ATOM   362  C CG1 . ILE A 1 45  ? -1.228  -15.279 10.744  1.00 34.60 ? 393 ILE A CG1 1 
ATOM   363  C CG2 . ILE A 1 45  ? -1.930  -14.200 8.537   1.00 34.73 ? 393 ILE A CG2 1 
ATOM   364  C CD1 . ILE A 1 45  ? -2.204  -14.631 11.752  1.00 31.62 ? 393 ILE A CD1 1 
ATOM   365  N N   . ILE A 1 46  ? 1.620   -13.128 7.780   1.00 27.60 ? 394 ILE A N   1 
ATOM   366  C CA  . ILE A 1 46  ? 2.060   -12.265 6.685   1.00 26.81 ? 394 ILE A CA  1 
ATOM   367  C C   . ILE A 1 46  ? 3.505   -12.534 6.371   1.00 31.77 ? 394 ILE A C   1 
ATOM   368  O O   . ILE A 1 46  ? 4.402   -12.080 7.084   1.00 31.86 ? 394 ILE A O   1 
ATOM   369  C CB  . ILE A 1 46  ? 1.756   -10.774 7.001   1.00 28.30 ? 394 ILE A CB  1 
ATOM   370  C CG1 . ILE A 1 46  ? 0.225   -10.551 7.288   1.00 27.62 ? 394 ILE A CG1 1 
ATOM   371  C CG2 . ILE A 1 46  ? 2.311   -9.834  5.927   1.00 29.43 ? 394 ILE A CG2 1 
ATOM   372  C CD1 . ILE A 1 46  ? -0.821  -11.111 6.184   1.00 26.96 ? 394 ILE A CD1 1 
ATOM   373  N N   . LYS A 1 47  ? 3.724   -13.276 5.297   1.00 30.21 ? 395 LYS A N   1 
ATOM   374  C CA  . LYS A 1 47  ? 5.064   -13.651 4.857   1.00 31.22 ? 395 LYS A CA  1 
ATOM   375  C C   . LYS A 1 47  ? 5.801   -12.508 4.191   1.00 32.91 ? 395 LYS A C   1 
ATOM   376  O O   . LYS A 1 47  ? 7.023   -12.452 4.302   1.00 30.63 ? 395 LYS A O   1 
ATOM   377  C CB  . LYS A 1 47  ? 5.017   -14.886 3.936   1.00 34.57 ? 395 LYS A CB  1 
ATOM   378  C CG  . LYS A 1 47  ? 4.326   -16.107 4.569   1.00 53.82 ? 395 LYS A CG  1 
ATOM   379  C CD  . LYS A 1 47  ? 5.050   -16.643 5.816   1.00 63.88 ? 395 LYS A CD  1 
ATOM   380  C CE  . LYS A 1 47  ? 4.224   -17.655 6.567   1.00 73.44 ? 395 LYS A CE  1 
ATOM   381  N NZ  . LYS A 1 47  ? 4.760   -17.877 7.937   1.00 80.49 ? 395 LYS A NZ  1 
ATOM   382  N N   . HIS A 1 48  ? 5.078   -11.613 3.465   1.00 28.61 ? 396 HIS A N   1 
ATOM   383  C CA  . HIS A 1 48  ? 5.720   -10.494 2.775   1.00 29.60 ? 396 HIS A CA  1 
ATOM   384  C C   . HIS A 1 48  ? 5.059   -9.157  3.145   1.00 32.08 ? 396 HIS A C   1 
ATOM   385  O O   . HIS A 1 48  ? 4.220   -8.652  2.372   1.00 29.96 ? 396 HIS A O   1 
ATOM   386  C CB  . HIS A 1 48  ? 5.699   -10.701 1.242   1.00 32.16 ? 396 HIS A CB  1 
ATOM   387  C CG  . HIS A 1 48  ? 6.390   -11.954 0.818   1.00 37.05 ? 396 HIS A CG  1 
ATOM   388  N ND1 . HIS A 1 48  ? 7.775   -12.041 0.799   1.00 40.10 ? 396 HIS A ND1 1 
ATOM   389  C CD2 . HIS A 1 48  ? 5.867   -13.145 0.446   1.00 40.00 ? 396 HIS A CD2 1 
ATOM   390  C CE1 . HIS A 1 48  ? 8.049   -13.278 0.413   1.00 39.73 ? 396 HIS A CE1 1 
ATOM   391  N NE2 . HIS A 1 48  ? 6.934   -13.981 0.187   1.00 39.99 ? 396 HIS A NE2 1 
ATOM   392  N N   . PRO A 1 49  ? 5.463   -8.546  4.284   1.00 27.06 ? 397 PRO A N   1 
ATOM   393  C CA  . PRO A 1 49  ? 4.872   -7.254  4.678   1.00 26.81 ? 397 PRO A CA  1 
ATOM   394  C C   . PRO A 1 49  ? 5.216   -6.170  3.661   1.00 28.02 ? 397 PRO A C   1 
ATOM   395  O O   . PRO A 1 49  ? 6.250   -6.238  2.991   1.00 27.42 ? 397 PRO A O   1 
ATOM   396  C CB  . PRO A 1 49  ? 5.536   -6.953  6.032   1.00 29.13 ? 397 PRO A CB  1 
ATOM   397  C CG  . PRO A 1 49  ? 6.816   -7.772  6.015   1.00 34.46 ? 397 PRO A CG  1 
ATOM   398  C CD  . PRO A 1 49  ? 6.421   -9.027  5.307   1.00 29.02 ? 397 PRO A CD  1 
ATOM   399  N N   . MET A 1 50  ? 4.337   -5.187  3.522   1.00 21.93 ? 398 MET A N   1 
ATOM   400  C CA  . MET A 1 50  ? 4.532   -4.097  2.562   1.00 20.28 ? 398 MET A CA  1 
ATOM   401  C C   . MET A 1 50  ? 3.770   -2.866  3.069   1.00 22.85 ? 398 MET A C   1 
ATOM   402  O O   . MET A 1 50  ? 2.730   -3.007  3.691   1.00 21.64 ? 398 MET A O   1 
ATOM   403  C CB  . MET A 1 50  ? 4.025   -4.523  1.140   1.00 22.42 ? 398 MET A CB  1 
ATOM   404  C CG  . MET A 1 50  ? 4.367   -3.519  0.042   1.00 25.08 ? 398 MET A CG  1 
ATOM   405  S SD  . MET A 1 50  ? 6.103   -2.938  -0.002  1.00 27.94 ? 398 MET A SD  1 
ATOM   406  C CE  . MET A 1 50  ? 7.008   -4.537  -0.235  1.00 25.81 ? 398 MET A CE  1 
ATOM   407  N N   . ASP A 1 51  ? 4.306   -1.674  2.824   1.00 20.70 ? 399 ASP A N   1 
ATOM   408  C CA  . ASP A 1 51  ? 3.660   -0.426  3.252   1.00 20.89 ? 399 ASP A CA  1 
ATOM   409  C C   . ASP A 1 51  ? 4.053   0.680   2.278   1.00 23.12 ? 399 ASP A C   1 
ATOM   410  O O   . ASP A 1 51  ? 4.984   0.515   1.480   1.00 24.31 ? 399 ASP A O   1 
ATOM   411  C CB  . ASP A 1 51  ? 4.115   -0.080  4.683   1.00 22.93 ? 399 ASP A CB  1 
ATOM   412  C CG  . ASP A 1 51  ? 5.593   0.216   4.666   1.00 25.58 ? 399 ASP A CG  1 
ATOM   413  O OD1 . ASP A 1 51  ? 6.381   -0.739  4.625   1.00 26.24 ? 399 ASP A OD1 1 
ATOM   414  O OD2 . ASP A 1 51  ? 5.950   1.385   4.503   1.00 27.62 ? 399 ASP A OD2 1 
ATOM   415  N N   . MET A 1 52  ? 3.386   1.818   2.367   1.00 20.90 ? 400 MET A N   1 
ATOM   416  C CA  . MET A 1 52  ? 3.605   2.935   1.434   1.00 19.60 ? 400 MET A CA  1 
ATOM   417  C C   . MET A 1 52  ? 5.013   3.538   1.478   1.00 25.82 ? 400 MET A C   1 
ATOM   418  O O   . MET A 1 52  ? 5.539   3.911   0.423   1.00 24.44 ? 400 MET A O   1 
ATOM   419  C CB  . MET A 1 52  ? 2.540   4.009   1.647   1.00 20.69 ? 400 MET A CB  1 
ATOM   420  C CG  . MET A 1 52  ? 1.161   3.586   1.158   1.00 22.44 ? 400 MET A CG  1 
ATOM   421  S SD  . MET A 1 52  ? -0.113  4.672   1.857   1.00 25.19 ? 400 MET A SD  1 
ATOM   422  C CE  . MET A 1 52  ? 0.411   6.233   1.205   1.00 22.25 ? 400 MET A CE  1 
ATOM   423  N N   . SER A 1 53  ? 5.651   3.598   2.668   1.00 23.43 ? 401 SER A N   1 
ATOM   424  C CA  . SER A 1 53  ? 7.016   4.139   2.720   1.00 23.55 ? 401 SER A CA  1 
ATOM   425  C C   . SER A 1 53  ? 8.009   3.214   2.030   1.00 24.82 ? 401 SER A C   1 
ATOM   426  O O   . SER A 1 53  ? 8.863   3.722   1.294   1.00 25.07 ? 401 SER A O   1 
ATOM   427  C CB  . SER A 1 53  ? 7.440   4.460   4.153   1.00 26.68 ? 401 SER A CB  1 
ATOM   428  O OG  . SER A 1 53  ? 6.666   5.563   4.604   1.00 31.89 ? 401 SER A OG  1 
ATOM   429  N N   . THR A 1 54  ? 7.833   1.881   2.171   1.00 22.38 ? 402 THR A N   1 
ATOM   430  C CA  . THR A 1 54  ? 8.702   0.869   1.528   1.00 22.56 ? 402 THR A CA  1 
ATOM   431  C C   . THR A 1 54  ? 8.516   0.953   0.010   1.00 26.73 ? 402 THR A C   1 
ATOM   432  O O   . THR A 1 54  ? 9.504   0.885   -0.740  1.00 25.12 ? 402 THR A O   1 
ATOM   433  C CB  . THR A 1 54  ? 8.435   -0.526  2.080   1.00 29.04 ? 402 THR A CB  1 
ATOM   434  O OG1 . THR A 1 54  ? 8.748   -0.508  3.472   1.00 29.30 ? 402 THR A OG1 1 
ATOM   435  C CG2 . THR A 1 54  ? 9.260   -1.632  1.376   1.00 28.10 ? 402 THR A CG2 1 
ATOM   436  N N   . ILE A 1 55  ? 7.258   1.134   -0.442  1.00 23.04 ? 403 ILE A N   1 
ATOM   437  C CA  . ILE A 1 55  ? 6.981   1.298   -1.887  1.00 22.67 ? 403 ILE A CA  1 
ATOM   438  C C   . ILE A 1 55  ? 7.668   2.577   -2.422  1.00 25.94 ? 403 ILE A C   1 
ATOM   439  O O   . ILE A 1 55  ? 8.270   2.543   -3.503  1.00 26.62 ? 403 ILE A O   1 
ATOM   440  C CB  . ILE A 1 55  ? 5.458   1.286   -2.189  1.00 23.21 ? 403 ILE A CB  1 
ATOM   441  C CG1 . ILE A 1 55  ? 4.846   -0.089  -1.870  1.00 23.25 ? 403 ILE A CG1 1 
ATOM   442  C CG2 . ILE A 1 55  ? 5.186   1.698   -3.650  1.00 25.85 ? 403 ILE A CG2 1 
ATOM   443  C CD1 . ILE A 1 55  ? 3.302   -0.150  -1.965  1.00 23.52 ? 403 ILE A CD1 1 
ATOM   444  N N   . LYS A 1 56  ? 7.583   3.678   -1.672  1.00 23.12 ? 404 LYS A N   1 
ATOM   445  C CA  . LYS A 1 56  ? 8.222   4.936   -2.061  1.00 24.25 ? 404 LYS A CA  1 
ATOM   446  C C   . LYS A 1 56  ? 9.741   4.738   -2.206  1.00 31.08 ? 404 LYS A C   1 
ATOM   447  O O   . LYS A 1 56  ? 10.317  5.217   -3.184  1.00 32.48 ? 404 LYS A O   1 
ATOM   448  C CB  . LYS A 1 56  ? 7.864   6.077   -1.091  1.00 25.07 ? 404 LYS A CB  1 
ATOM   449  C CG  . LYS A 1 56  ? 8.537   7.399   -1.470  1.00 35.27 ? 404 LYS A CG  1 
ATOM   450  C CD  . LYS A 1 56  ? 7.927   8.595   -0.767  1.00 45.51 ? 404 LYS A CD  1 
ATOM   451  C CE  . LYS A 1 56  ? 8.581   9.872   -1.244  1.00 53.76 ? 404 LYS A CE  1 
ATOM   452  N NZ  . LYS A 1 56  ? 8.059   11.055  -0.513  1.00 65.00 ? 404 LYS A NZ  1 
ATOM   453  N N   . SER A 1 57  ? 10.367  4.011   -1.256  1.00 28.41 ? 405 SER A N   1 
ATOM   454  C CA  . SER A 1 57  ? 11.801  3.722   -1.305  1.00 29.19 ? 405 SER A CA  1 
ATOM   455  C C   . SER A 1 57  ? 12.147  2.804   -2.479  1.00 33.30 ? 405 SER A C   1 
ATOM   456  O O   . SER A 1 57  ? 13.211  2.971   -3.088  1.00 34.71 ? 405 SER A O   1 
ATOM   457  C CB  . SER A 1 57  ? 12.272  3.098   0.009   1.00 33.17 ? 405 SER A CB  1 
ATOM   458  O OG  . SER A 1 57  ? 12.100  4.036   1.061   1.00 41.08 ? 405 SER A OG  1 
ATOM   459  N N   . LYS A 1 58  ? 11.269  1.836   -2.795  1.00 28.09 ? 406 LYS A N   1 
ATOM   460  C CA  . LYS A 1 58  ? 11.495  0.916   -3.915  1.00 26.50 ? 406 LYS A CA  1 
ATOM   461  C C   . LYS A 1 58  ? 11.448  1.685   -5.230  1.00 32.57 ? 406 LYS A C   1 
ATOM   462  O O   . LYS A 1 58  ? 12.326  1.468   -6.076  1.00 32.36 ? 406 LYS A O   1 
ATOM   463  C CB  . LYS A 1 58  ? 10.546  -0.268  -3.878  1.00 26.07 ? 406 LYS A CB  1 
ATOM   464  C CG  . LYS A 1 58  ? 10.955  -1.266  -2.778  1.00 23.32 ? 406 LYS A CG  1 
ATOM   465  C CD  . LYS A 1 58  ? 10.065  -2.512  -2.689  1.00 27.18 ? 406 LYS A CD  1 
ATOM   466  C CE  . LYS A 1 58  ? 10.177  -3.419  -3.890  1.00 31.16 ? 406 LYS A CE  1 
ATOM   467  N NZ  . LYS A 1 58  ? 9.497   -4.715  -3.638  1.00 34.33 ? 406 LYS A NZ  1 
ATOM   468  N N   . LEU A 1 59  ? 10.513  2.673   -5.349  1.00 29.60 ? 407 LEU A N   1 
ATOM   469  C CA  . LEU A 1 59  ? 10.454  3.550   -6.530  1.00 30.38 ? 407 LEU A CA  1 
ATOM   470  C C   . LEU A 1 59  ? 11.751  4.345   -6.648  1.00 36.92 ? 407 LEU A C   1 
ATOM   471  O O   . LEU A 1 59  ? 12.306  4.449   -7.738  1.00 36.71 ? 407 LEU A O   1 
ATOM   472  C CB  . LEU A 1 59  ? 9.272   4.541   -6.465  1.00 30.40 ? 407 LEU A CB  1 
ATOM   473  C CG  . LEU A 1 59  ? 7.891   3.996   -6.851  1.00 34.12 ? 407 LEU A CG  1 
ATOM   474  C CD1 . LEU A 1 59  ? 6.794   4.923   -6.346  1.00 33.43 ? 407 LEU A CD1 1 
ATOM   475  C CD2 . LEU A 1 59  ? 7.761   3.800   -8.370  1.00 36.54 ? 407 LEU A CD2 1 
ATOM   476  N N   . GLU A 1 60  ? 12.238  4.887   -5.527  1.00 35.04 ? 408 GLU A N   1 
ATOM   477  C CA  . GLU A 1 60  ? 13.460  5.705   -5.520  1.00 36.32 ? 408 GLU A CA  1 
ATOM   478  C C   . GLU A 1 60  ? 14.712  4.893   -5.866  1.00 39.93 ? 408 GLU A C   1 
ATOM   479  O O   . GLU A 1 60  ? 15.556  5.383   -6.602  1.00 40.20 ? 408 GLU A O   1 
ATOM   480  C CB  . GLU A 1 60  ? 13.600  6.476   -4.196  1.00 37.80 ? 408 GLU A CB  1 
ATOM   481  C CG  . GLU A 1 60  ? 12.595  7.624   -4.108  1.00 47.15 ? 408 GLU A CG  1 
ATOM   482  C CD  . GLU A 1 60  ? 12.385  8.316   -2.771  1.00 67.82 ? 408 GLU A CD  1 
ATOM   483  O OE1 . GLU A 1 60  ? 12.996  7.897   -1.760  1.00 76.20 ? 408 GLU A OE1 1 
ATOM   484  O OE2 . GLU A 1 60  ? 11.599  9.292   -2.738  1.00 49.66 ? 408 GLU A OE2 1 
ATOM   485  N N   . ALA A 1 61  ? 14.783  3.641   -5.408  1.00 37.04 ? 409 ALA A N   1 
ATOM   486  C CA  . ALA A 1 61  ? 15.880  2.712   -5.678  1.00 36.69 ? 409 ALA A CA  1 
ATOM   487  C C   . ALA A 1 61  ? 15.729  1.969   -7.026  1.00 39.20 ? 409 ALA A C   1 
ATOM   488  O O   . ALA A 1 61  ? 16.521  1.058   -7.304  1.00 38.63 ? 409 ALA A O   1 
ATOM   489  C CB  . ALA A 1 61  ? 15.989  1.709   -4.538  1.00 37.21 ? 409 ALA A CB  1 
ATOM   490  N N   . ARG A 1 62  ? 14.707  2.337   -7.851  1.00 36.05 ? 410 ARG A N   1 
ATOM   491  C CA  . ARG A 1 62  ? 14.394  1.731   -9.161  1.00 35.15 ? 410 ARG A CA  1 
ATOM   492  C C   . ARG A 1 62  ? 14.213  0.213   -9.057  1.00 38.09 ? 410 ARG A C   1 
ATOM   493  O O   . ARG A 1 62  ? 14.769  -0.553  -9.866  1.00 39.23 ? 410 ARG A O   1 
ATOM   494  C CB  . ARG A 1 62  ? 15.466  2.071   -10.226 1.00 35.96 ? 410 ARG A CB  1 
ATOM   495  C CG  . ARG A 1 62  ? 15.849  3.544   -10.307 1.00 42.50 ? 410 ARG A CG  1 
ATOM   496  C CD  . ARG A 1 62  ? 17.047  3.738   -11.231 1.00 50.35 ? 410 ARG A CD  1 
ATOM   497  N NE  . ARG A 1 62  ? 16.696  3.499   -12.633 1.00 49.87 ? 410 ARG A NE  1 
ATOM   498  C CZ  . ARG A 1 62  ? 17.428  3.891   -13.670 1.00 58.47 ? 410 ARG A CZ  1 
ATOM   499  N NH1 . ARG A 1 62  ? 18.568  4.549   -13.478 1.00 38.51 ? 410 ARG A NH1 1 
ATOM   500  N NH2 . ARG A 1 62  ? 17.024  3.634   -14.906 1.00 44.10 ? 410 ARG A NH2 1 
ATOM   501  N N   . GLU A 1 63  ? 13.452  -0.226  -8.056  1.00 30.61 ? 411 GLU A N   1 
ATOM   502  C CA  . GLU A 1 63  ? 13.207  -1.643  -7.829  1.00 29.88 ? 411 GLU A CA  1 
ATOM   503  C C   . GLU A 1 63  ? 12.020  -2.176  -8.617  1.00 33.01 ? 411 GLU A C   1 
ATOM   504  O O   . GLU A 1 63  ? 11.754  -3.386  -8.574  1.00 32.12 ? 411 GLU A O   1 
ATOM   505  C CB  . GLU A 1 63  ? 13.082  -1.960  -6.336  1.00 31.20 ? 411 GLU A CB  1 
ATOM   506  C CG  . GLU A 1 63  ? 14.404  -1.872  -5.598  1.00 40.50 ? 411 GLU A CG  1 
ATOM   507  C CD  . GLU A 1 63  ? 14.348  -2.254  -4.134  1.00 54.04 ? 411 GLU A CD  1 
ATOM   508  O OE1 . GLU A 1 63  ? 13.862  -3.365  -3.808  1.00 47.98 ? 411 GLU A OE1 1 
ATOM   509  O OE2 . GLU A 1 63  ? 14.838  -1.449  -3.313  1.00 47.44 ? 411 GLU A OE2 1 
ATOM   510  N N   . TYR A 1 64  ? 11.292  -1.279  -9.318  1.00 28.45 ? 412 TYR A N   1 
ATOM   511  C CA  . TYR A 1 64  ? 10.148  -1.670  -10.156 1.00 27.11 ? 412 TYR A CA  1 
ATOM   512  C C   . TYR A 1 64  ? 10.501  -1.482  -11.617 1.00 30.22 ? 412 TYR A C   1 
ATOM   513  O O   . TYR A 1 64  ? 10.837  -0.374  -12.026 1.00 28.56 ? 412 TYR A O   1 
ATOM   514  C CB  . TYR A 1 64  ? 8.877   -0.856  -9.807  1.00 27.44 ? 412 TYR A CB  1 
ATOM   515  C CG  . TYR A 1 64  ? 8.462   -0.957  -8.357  1.00 26.45 ? 412 TYR A CG  1 
ATOM   516  C CD1 . TYR A 1 64  ? 8.123   -2.182  -7.793  1.00 28.98 ? 412 TYR A CD1 1 
ATOM   517  C CD2 . TYR A 1 64  ? 8.327   0.183   -7.571  1.00 26.74 ? 412 TYR A CD2 1 
ATOM   518  C CE1 . TYR A 1 64  ? 7.732   -2.278  -6.460  1.00 29.01 ? 412 TYR A CE1 1 
ATOM   519  C CE2 . TYR A 1 64  ? 7.883   0.103   -6.251  1.00 25.60 ? 412 TYR A CE2 1 
ATOM   520  C CZ  . TYR A 1 64  ? 7.597   -1.128  -5.699  1.00 31.60 ? 412 TYR A CZ  1 
ATOM   521  O OH  . TYR A 1 64  ? 7.199   -1.207  -4.384  1.00 29.52 ? 412 TYR A OH  1 
ATOM   522  N N   . ARG A 1 65  ? 10.402  -2.559  -12.418 1.00 29.06 ? 413 ARG A N   1 
ATOM   523  C CA  . ARG A 1 65  ? 10.679  -2.469  -13.870 1.00 29.61 ? 413 ARG A CA  1 
ATOM   524  C C   . ARG A 1 65  ? 9.593   -1.696  -14.595 1.00 34.03 ? 413 ARG A C   1 
ATOM   525  O O   . ARG A 1 65  ? 9.865   -1.055  -15.609 1.00 32.82 ? 413 ARG A O   1 
ATOM   526  C CB  . ARG A 1 65  ? 10.775  -3.870  -14.503 1.00 31.52 ? 413 ARG A CB  1 
ATOM   527  C CG  . ARG A 1 65  ? 12.067  -4.591  -14.202 1.00 44.05 ? 413 ARG A CG  1 
ATOM   528  C CD  . ARG A 1 65  ? 11.838  -6.077  -14.153 1.00 58.16 ? 413 ARG A CD  1 
ATOM   529  N NE  . ARG A 1 65  ? 12.130  -6.737  -15.420 1.00 68.07 ? 413 ARG A NE  1 
ATOM   530  C CZ  . ARG A 1 65  ? 11.416  -7.731  -15.937 1.00 74.29 ? 413 ARG A CZ  1 
ATOM   531  N NH1 . ARG A 1 65  ? 10.316  -8.158  -15.325 1.00 57.76 ? 413 ARG A NH1 1 
ATOM   532  N NH2 . ARG A 1 65  ? 11.786  -8.296  -17.076 1.00 58.41 ? 413 ARG A NH2 1 
ATOM   533  N N   . ASP A 1 66  ? 8.336   -1.762  -14.084 1.00 30.35 ? 414 ASP A N   1 
ATOM   534  C CA  . ASP A 1 66  ? 7.196   -1.169  -14.754 1.00 29.07 ? 414 ASP A CA  1 
ATOM   535  C C   . ASP A 1 66  ? 6.056   -0.906  -13.751 1.00 29.56 ? 414 ASP A C   1 
ATOM   536  O O   . ASP A 1 66  ? 6.166   -1.292  -12.583 1.00 26.64 ? 414 ASP A O   1 
ATOM   537  C CB  . ASP A 1 66  ? 6.714   -2.145  -15.866 1.00 30.57 ? 414 ASP A CB  1 
ATOM   538  C CG  . ASP A 1 66  ? 6.505   -3.600  -15.442 1.00 41.00 ? 414 ASP A CG  1 
ATOM   539  O OD1 . ASP A 1 66  ? 6.088   -3.833  -14.291 1.00 40.26 ? 414 ASP A OD1 1 
ATOM   540  O OD2 . ASP A 1 66  ? 6.695   -4.499  -16.286 1.00 45.87 ? 414 ASP A OD2 1 
ATOM   541  N N   . ALA A 1 67  ? 4.958   -0.300  -14.235 1.00 25.97 ? 415 ALA A N   1 
ATOM   542  C CA  . ALA A 1 67  ? 3.756   -0.006  -13.440 1.00 25.17 ? 415 ALA A CA  1 
ATOM   543  C C   . ALA A 1 67  ? 3.152   -1.256  -12.858 1.00 27.42 ? 415 ALA A C   1 
ATOM   544  O O   . ALA A 1 67  ? 2.666   -1.207  -11.718 1.00 27.22 ? 415 ALA A O   1 
ATOM   545  C CB  . ALA A 1 67  ? 2.724   0.728   -14.289 1.00 26.15 ? 415 ALA A CB  1 
ATOM   546  N N   . GLN A 1 68  ? 3.200   -2.388  -13.602 1.00 24.57 ? 416 GLN A N   1 
ATOM   547  C CA  . GLN A 1 68  ? 2.687   -3.687  -13.152 1.00 25.89 ? 416 GLN A CA  1 
ATOM   548  C C   . GLN A 1 68  ? 3.382   -4.117  -11.844 1.00 29.07 ? 416 GLN A C   1 
ATOM   549  O O   . GLN A 1 68  ? 2.718   -4.564  -10.907 1.00 26.63 ? 416 GLN A O   1 
ATOM   550  C CB  . GLN A 1 68  ? 2.849   -4.755  -14.245 1.00 28.30 ? 416 GLN A CB  1 
ATOM   551  C CG  . GLN A 1 68  ? 2.093   -6.053  -13.966 1.00 56.52 ? 416 GLN A CG  1 
ATOM   552  C CD  . GLN A 1 68  ? 2.180   -7.093  -15.068 1.00 92.44 ? 416 GLN A CD  1 
ATOM   553  O OE1 . GLN A 1 68  ? 2.611   -6.830  -16.201 1.00 90.55 ? 416 GLN A OE1 1 
ATOM   554  N NE2 . GLN A 1 68  ? 1.739   -8.306  -14.758 1.00 90.20 ? 416 GLN A NE2 1 
ATOM   555  N N   . GLU A 1 69  ? 4.713   -3.961  -11.770 1.00 26.10 ? 417 GLU A N   1 
ATOM   556  C CA  . GLU A 1 69  ? 5.454   -4.337  -10.558 1.00 24.77 ? 417 GLU A CA  1 
ATOM   557  C C   . GLU A 1 69  ? 5.134   -3.413  -9.356  1.00 27.80 ? 417 GLU A C   1 
ATOM   558  O O   . GLU A 1 69  ? 4.994   -3.916  -8.242  1.00 27.15 ? 417 GLU A O   1 
ATOM   559  C CB  . GLU A 1 69  ? 6.952   -4.420  -10.836 1.00 27.08 ? 417 GLU A CB  1 
ATOM   560  C CG  . GLU A 1 69  ? 7.279   -5.628  -11.701 1.00 32.27 ? 417 GLU A CG  1 
ATOM   561  C CD  . GLU A 1 69  ? 8.750   -5.801  -12.026 1.00 48.98 ? 417 GLU A CD  1 
ATOM   562  O OE1 . GLU A 1 69  ? 9.582   -5.077  -11.432 1.00 33.23 ? 417 GLU A OE1 1 
ATOM   563  O OE2 . GLU A 1 69  ? 9.067   -6.653  -12.888 1.00 43.59 ? 417 GLU A OE2 1 
ATOM   564  N N   . PHE A 1 70  ? 5.010   -2.099  -9.585  1.00 25.10 ? 418 PHE A N   1 
ATOM   565  C CA  . PHE A 1 70  ? 4.583   -1.117  -8.560  1.00 23.92 ? 418 PHE A CA  1 
ATOM   566  C C   . PHE A 1 70  ? 3.169   -1.501  -8.050  1.00 27.46 ? 418 PHE A C   1 
ATOM   567  O O   . PHE A 1 70  ? 2.956   -1.578  -6.844  1.00 24.17 ? 418 PHE A O   1 
ATOM   568  C CB  . PHE A 1 70  ? 4.573   0.319   -9.125  1.00 24.29 ? 418 PHE A CB  1 
ATOM   569  C CG  . PHE A 1 70  ? 3.756   1.341   -8.346  1.00 24.90 ? 418 PHE A CG  1 
ATOM   570  C CD1 . PHE A 1 70  ? 4.290   1.988   -7.231  1.00 26.07 ? 418 PHE A CD1 1 
ATOM   571  C CD2 . PHE A 1 70  ? 2.456   1.652   -8.723  1.00 25.48 ? 418 PHE A CD2 1 
ATOM   572  C CE1 . PHE A 1 70  ? 3.538   2.932   -6.517  1.00 26.82 ? 418 PHE A CE1 1 
ATOM   573  C CE2 . PHE A 1 70  ? 1.712   2.609   -8.021  1.00 27.54 ? 418 PHE A CE2 1 
ATOM   574  C CZ  . PHE A 1 70  ? 2.259   3.250   -6.924  1.00 25.86 ? 418 PHE A CZ  1 
ATOM   575  N N   . GLY A 1 71  ? 2.238   -1.750  -8.980  1.00 24.27 ? 419 GLY A N   1 
ATOM   576  C CA  . GLY A 1 71  ? 0.872   -2.132  -8.654  1.00 23.51 ? 419 GLY A CA  1 
ATOM   577  C C   . GLY A 1 71  ? 0.804   -3.392  -7.819  1.00 25.64 ? 419 GLY A C   1 
ATOM   578  O O   . GLY A 1 71  ? -0.018  -3.488  -6.908  1.00 21.03 ? 419 GLY A O   1 
ATOM   579  N N   . ALA A 1 72  ? 1.717   -4.356  -8.084  1.00 22.17 ? 420 ALA A N   1 
ATOM   580  C CA  . ALA A 1 72  ? 1.740   -5.621  -7.356  1.00 22.53 ? 420 ALA A CA  1 
ATOM   581  C C   . ALA A 1 72  ? 2.076   -5.369  -5.874  1.00 23.59 ? 420 ALA A C   1 
ATOM   582  O O   . ALA A 1 72  ? 1.462   -5.995  -5.007  1.00 22.79 ? 420 ALA A O   1 
ATOM   583  C CB  . ALA A 1 72  ? 2.774   -6.577  -7.985  1.00 23.59 ? 420 ALA A CB  1 
ATOM   584  N N   . ASP A 1 73  ? 2.953   -4.416  -5.593  1.00 20.91 ? 421 ASP A N   1 
ATOM   585  C CA  . ASP A 1 73  ? 3.326   -4.122  -4.194  1.00 21.70 ? 421 ASP A CA  1 
ATOM   586  C C   . ASP A 1 73  ? 2.210   -3.350  -3.487  1.00 21.70 ? 421 ASP A C   1 
ATOM   587  O O   . ASP A 1 73  ? 1.939   -3.577  -2.312  1.00 20.23 ? 421 ASP A O   1 
ATOM   588  C CB  . ASP A 1 73  ? 4.630   -3.352  -4.127  1.00 24.34 ? 421 ASP A CB  1 
ATOM   589  C CG  . ASP A 1 73  ? 5.859   -4.219  -3.837  1.00 27.81 ? 421 ASP A CG  1 
ATOM   590  O OD1 . ASP A 1 73  ? 5.698   -5.438  -3.637  1.00 30.31 ? 421 ASP A OD1 1 
ATOM   591  O OD2 . ASP A 1 73  ? 6.946   -3.667  -3.744  1.00 26.07 ? 421 ASP A OD2 1 
ATOM   592  N N   . VAL A 1 74  ? 1.520   -2.468  -4.228  1.00 19.23 ? 422 VAL A N   1 
ATOM   593  C CA  . VAL A 1 74  ? 0.386   -1.752  -3.615  1.00 17.27 ? 422 VAL A CA  1 
ATOM   594  C C   . VAL A 1 74  ? -0.681  -2.779  -3.250  1.00 20.02 ? 422 VAL A C   1 
ATOM   595  O O   . VAL A 1 74  ? -1.226  -2.731  -2.145  1.00 19.79 ? 422 VAL A O   1 
ATOM   596  C CB  . VAL A 1 74  ? -0.195  -0.659  -4.533  1.00 19.32 ? 422 VAL A CB  1 
ATOM   597  C CG1 . VAL A 1 74  ? -1.448  -0.038  -3.868  1.00 18.22 ? 422 VAL A CG1 1 
ATOM   598  C CG2 . VAL A 1 74  ? 0.850   0.431   -4.805  1.00 19.47 ? 422 VAL A CG2 1 
ATOM   599  N N   . ARG A 1 75  ? -0.989  -3.683  -4.183  1.00 19.64 ? 423 ARG A N   1 
ATOM   600  C CA  . ARG A 1 75  ? -2.011  -4.693  -3.952  1.00 20.71 ? 423 ARG A CA  1 
ATOM   601  C C   . ARG A 1 75  ? -1.590  -5.692  -2.894  1.00 23.07 ? 423 ARG A C   1 
ATOM   602  O O   . ARG A 1 75  ? -2.448  -6.139  -2.156  1.00 20.99 ? 423 ARG A O   1 
ATOM   603  C CB  . ARG A 1 75  ? -2.450  -5.345  -5.232  1.00 20.89 ? 423 ARG A CB  1 
ATOM   604  C CG  . ARG A 1 75  ? -3.105  -4.306  -6.145  1.00 21.61 ? 423 ARG A CG  1 
ATOM   605  C CD  . ARG A 1 75  ? -3.784  -5.021  -7.220  1.00 33.85 ? 423 ARG A CD  1 
ATOM   606  N NE  . ARG A 1 75  ? -4.493  -4.126  -8.138  1.00 28.76 ? 423 ARG A NE  1 
ATOM   607  C CZ  . ARG A 1 75  ? -4.206  -4.047  -9.425  1.00 32.24 ? 423 ARG A CZ  1 
ATOM   608  N NH1 . ARG A 1 75  ? -3.215  -4.770  -9.936  1.00 25.54 ? 423 ARG A NH1 1 
ATOM   609  N NH2 . ARG A 1 75  ? -4.946  -3.294  -10.227 1.00 24.89 ? 423 ARG A NH2 1 
ATOM   610  N N   . LEU A 1 76  ? -0.280  -5.967  -2.770  1.00 22.45 ? 424 LEU A N   1 
ATOM   611  C CA  . LEU A 1 76  ? 0.250   -6.849  -1.708  1.00 21.99 ? 424 LEU A CA  1 
ATOM   612  C C   . LEU A 1 76  ? -0.032  -6.200  -0.338  1.00 23.91 ? 424 LEU A C   1 
ATOM   613  O O   . LEU A 1 76  ? -0.493  -6.882  0.584   1.00 22.89 ? 424 LEU A O   1 
ATOM   614  C CB  . LEU A 1 76  ? 1.753   -7.063  -1.907  1.00 22.23 ? 424 LEU A CB  1 
ATOM   615  C CG  . LEU A 1 76  ? 2.528   -7.733  -0.758  1.00 26.24 ? 424 LEU A CG  1 
ATOM   616  C CD1 . LEU A 1 76  ? 2.032   -9.148  -0.490  1.00 26.48 ? 424 LEU A CD1 1 
ATOM   617  C CD2 . LEU A 1 76  ? 4.006   -7.685  -1.019  1.00 28.47 ? 424 LEU A CD2 1 
ATOM   618  N N   . MET A 1 77  ? 0.233   -4.883  -0.223  1.00 20.21 ? 425 MET A N   1 
ATOM   619  C CA  . MET A 1 77  ? -0.066  -4.130  0.986   1.00 18.94 ? 425 MET A CA  1 
ATOM   620  C C   . MET A 1 77  ? -1.558  -4.265  1.373   1.00 20.89 ? 425 MET A C   1 
ATOM   621  O O   . MET A 1 77  ? -1.859  -4.581  2.522   1.00 19.07 ? 425 MET A O   1 
ATOM   622  C CB  . MET A 1 77  ? 0.356   -2.675  0.805   1.00 20.14 ? 425 MET A CB  1 
ATOM   623  C CG  . MET A 1 77  ? -0.179  -1.727  1.893   1.00 21.15 ? 425 MET A CG  1 
ATOM   624  S SD  . MET A 1 77  ? 0.351   -0.055  1.527   1.00 23.28 ? 425 MET A SD  1 
ATOM   625  C CE  . MET A 1 77  ? -0.946  0.466   0.344   1.00 20.48 ? 425 MET A CE  1 
ATOM   626  N N   . PHE A 1 78  ? -2.501  -4.121  0.409   1.00 18.50 ? 426 PHE A N   1 
ATOM   627  C CA  . PHE A 1 78  ? -3.918  -4.272  0.782   1.00 17.67 ? 426 PHE A CA  1 
ATOM   628  C C   . PHE A 1 78  ? -4.263  -5.736  1.068   1.00 20.57 ? 426 PHE A C   1 
ATOM   629  O O   . PHE A 1 78  ? -4.991  -6.010  2.011   1.00 20.13 ? 426 PHE A O   1 
ATOM   630  C CB  . PHE A 1 78  ? -4.829  -3.724  -0.341  1.00 18.78 ? 426 PHE A CB  1 
ATOM   631  C CG  . PHE A 1 78  ? -4.666  -2.223  -0.540  1.00 19.84 ? 426 PHE A CG  1 
ATOM   632  C CD1 . PHE A 1 78  ? -4.800  -1.344  0.529   1.00 22.48 ? 426 PHE A CD1 1 
ATOM   633  C CD2 . PHE A 1 78  ? -4.446  -1.696  -1.805  1.00 22.33 ? 426 PHE A CD2 1 
ATOM   634  C CE1 . PHE A 1 78  ? -4.665  0.043   0.339   1.00 23.75 ? 426 PHE A CE1 1 
ATOM   635  C CE2 . PHE A 1 78  ? -4.320  -0.315  -1.991  1.00 24.71 ? 426 PHE A CE2 1 
ATOM   636  C CZ  . PHE A 1 78  ? -4.424  0.538   -0.918  1.00 23.06 ? 426 PHE A CZ  1 
ATOM   637  N N   . SER A 1 79  ? -3.728  -6.677  0.262   1.00 18.21 ? 427 SER A N   1 
ATOM   638  C CA  . SER A 1 79  ? -4.010  -8.100  0.472   1.00 17.88 ? 427 SER A CA  1 
ATOM   639  C C   . SER A 1 79  ? -3.495  -8.579  1.833   1.00 20.74 ? 427 SER A C   1 
ATOM   640  O O   . SER A 1 79  ? -4.191  -9.350  2.457   1.00 22.46 ? 427 SER A O   1 
ATOM   641  C CB  . SER A 1 79  ? -3.427  -8.958  -0.640  1.00 21.06 ? 427 SER A CB  1 
ATOM   642  O OG  . SER A 1 79  ? -4.143  -8.684  -1.839  1.00 22.53 ? 427 SER A OG  1 
ATOM   643  N N   . ASN A 1 80  ? -2.386  -8.010  2.336   1.00 18.50 ? 428 ASN A N   1 
ATOM   644  C CA  . ASN A 1 80  ? -1.866  -8.367  3.678   1.00 18.49 ? 428 ASN A CA  1 
ATOM   645  C C   . ASN A 1 80  ? -2.867  -7.954  4.729   1.00 21.82 ? 428 ASN A C   1 
ATOM   646  O O   . ASN A 1 80  ? -3.177  -8.723  5.637   1.00 22.11 ? 428 ASN A O   1 
ATOM   647  C CB  . ASN A 1 80  ? -0.537  -7.689  3.956   1.00 20.05 ? 428 ASN A CB  1 
ATOM   648  C CG  . ASN A 1 80  ? 0.617   -8.340  3.218   1.00 21.94 ? 428 ASN A CG  1 
ATOM   649  O OD1 . ASN A 1 80  ? 0.515   -9.458  2.715   1.00 22.13 ? 428 ASN A OD1 1 
ATOM   650  N ND2 . ASN A 1 80  ? 1.713   -7.629  3.108   1.00 20.40 ? 428 ASN A ND2 1 
ATOM   651  N N   . CYS A 1 81  ? -3.407  -6.763  4.566   1.00 18.08 ? 429 CYS A N   1 
ATOM   652  C CA  . CYS A 1 81  ? -4.434  -6.253  5.474   1.00 18.87 ? 429 CYS A CA  1 
ATOM   653  C C   . CYS A 1 81  ? -5.703  -7.141  5.475   1.00 22.84 ? 429 CYS A C   1 
ATOM   654  O O   . CYS A 1 81  ? -6.234  -7.468  6.558   1.00 21.93 ? 429 CYS A O   1 
ATOM   655  C CB  . CYS A 1 81  ? -4.745  -4.802  5.128   1.00 18.78 ? 429 CYS A CB  1 
ATOM   656  S SG  . CYS A 1 81  ? -5.915  -4.020  6.245   1.00 22.61 ? 429 CYS A SG  1 
ATOM   657  N N   . TYR A 1 82  ? -6.223  -7.496  4.270   1.00 18.02 ? 430 TYR A N   1 
ATOM   658  C CA  . TYR A 1 82  ? -7.409  -8.343  4.166   1.00 19.15 ? 430 TYR A CA  1 
ATOM   659  C C   . TYR A 1 82  ? -7.174  -9.749  4.706   1.00 24.02 ? 430 TYR A C   1 
ATOM   660  O O   . TYR A 1 82  ? -8.092  -10.314 5.274   1.00 24.83 ? 430 TYR A O   1 
ATOM   661  C CB  . TYR A 1 82  ? -7.934  -8.438  2.714   1.00 19.70 ? 430 TYR A CB  1 
ATOM   662  C CG  . TYR A 1 82  ? -8.195  -7.099  2.050   1.00 19.70 ? 430 TYR A CG  1 
ATOM   663  C CD1 . TYR A 1 82  ? -8.819  -6.062  2.741   1.00 21.62 ? 430 TYR A CD1 1 
ATOM   664  C CD2 . TYR A 1 82  ? -7.848  -6.882  0.717   1.00 21.68 ? 430 TYR A CD2 1 
ATOM   665  C CE1 . TYR A 1 82  ? -8.988  -4.802  2.158   1.00 20.17 ? 430 TYR A CE1 1 
ATOM   666  C CE2 . TYR A 1 82  ? -8.042  -5.631  0.115   1.00 22.94 ? 430 TYR A CE2 1 
ATOM   667  C CZ  . TYR A 1 82  ? -8.637  -4.608  0.834   1.00 25.87 ? 430 TYR A CZ  1 
ATOM   668  O OH  . TYR A 1 82  ? -8.856  -3.378  0.265   1.00 22.51 ? 430 TYR A OH  1 
ATOM   669  N N   . LYS A 1 83  ? -5.970  -10.311 4.511   1.00 21.01 ? 431 LYS A N   1 
ATOM   670  C CA  . LYS A 1 83  ? -5.637  -11.658 4.980   1.00 22.08 ? 431 LYS A CA  1 
ATOM   671  C C   . LYS A 1 83  ? -5.531  -11.720 6.497   1.00 27.28 ? 431 LYS A C   1 
ATOM   672  O O   . LYS A 1 83  ? -6.010  -12.675 7.116   1.00 26.75 ? 431 LYS A O   1 
ATOM   673  C CB  . LYS A 1 83  ? -4.300  -12.117 4.373   1.00 23.05 ? 431 LYS A CB  1 
ATOM   674  C CG  . LYS A 1 83  ? -3.895  -13.543 4.772   1.00 27.20 ? 431 LYS A CG  1 
ATOM   675  C CD  . LYS A 1 83  ? -2.543  -13.905 4.194   1.00 30.29 ? 431 LYS A CD  1 
ATOM   676  C CE  . LYS A 1 83  ? -2.204  -15.340 4.549   1.00 45.32 ? 431 LYS A CE  1 
ATOM   677  N NZ  . LYS A 1 83  ? -0.910  -15.764 3.957   1.00 57.58 ? 431 LYS A NZ  1 
ATOM   678  N N   . TYR A 1 84  ? -4.873  -10.732 7.084   1.00 23.34 ? 432 TYR A N   1 
ATOM   679  C CA  . TYR A 1 84  ? -4.583  -10.753 8.520   1.00 22.79 ? 432 TYR A CA  1 
ATOM   680  C C   . TYR A 1 84  ? -5.769  -10.467 9.415   1.00 29.12 ? 432 TYR A C   1 
ATOM   681  O O   . TYR A 1 84  ? -5.947  -11.144 10.432  1.00 29.31 ? 432 TYR A O   1 
ATOM   682  C CB  . TYR A 1 84  ? -3.419  -9.790  8.842   1.00 23.13 ? 432 TYR A CB  1 
ATOM   683  C CG  . TYR A 1 84  ? -3.068  -9.760  10.314  1.00 24.57 ? 432 TYR A CG  1 
ATOM   684  C CD1 . TYR A 1 84  ? -2.495  -10.870 10.936  1.00 26.89 ? 432 TYR A CD1 1 
ATOM   685  C CD2 . TYR A 1 84  ? -3.410  -8.671  11.108  1.00 25.91 ? 432 TYR A CD2 1 
ATOM   686  C CE1 . TYR A 1 84  ? -2.230  -10.871 12.305  1.00 27.78 ? 432 TYR A CE1 1 
ATOM   687  C CE2 . TYR A 1 84  ? -3.152  -8.665  12.480  1.00 26.56 ? 432 TYR A CE2 1 
ATOM   688  C CZ  . TYR A 1 84  ? -2.575  -9.774  13.074  1.00 32.98 ? 432 TYR A CZ  1 
ATOM   689  O OH  . TYR A 1 84  ? -2.320  -9.764  14.430  1.00 30.37 ? 432 TYR A OH  1 
ATOM   690  N N   . ASN A 1 85  ? -6.534  -9.443  9.081   1.00 26.25 ? 433 ASN A N   1 
ATOM   691  C CA  . ASN A 1 85  ? -7.590  -8.905  9.921   1.00 27.82 ? 433 ASN A CA  1 
ATOM   692  C C   . ASN A 1 85  ? -8.953  -9.546  9.769   1.00 36.27 ? 433 ASN A C   1 
ATOM   693  O O   . ASN A 1 85  ? -9.262  -10.011 8.678   1.00 36.20 ? 433 ASN A O   1 
ATOM   694  C CB  . ASN A 1 85  ? -7.695  -7.403  9.671   1.00 25.73 ? 433 ASN A CB  1 
ATOM   695  C CG  . ASN A 1 85  ? -6.451  -6.669  10.064  1.00 37.31 ? 433 ASN A CG  1 
ATOM   696  O OD1 . ASN A 1 85  ? -6.182  -6.467  11.252  1.00 28.13 ? 433 ASN A OD1 1 
ATOM   697  N ND2 . ASN A 1 85  ? -5.650  -6.265  9.074   1.00 23.86 ? 433 ASN A ND2 1 
ATOM   698  N N   . PRO A 1 86  ? -9.829  -9.489  10.806  1.00 35.75 ? 434 PRO A N   1 
ATOM   699  C CA  . PRO A 1 86  ? -11.209 -9.973  10.603  1.00 35.60 ? 434 PRO A CA  1 
ATOM   700  C C   . PRO A 1 86  ? -11.946 -9.025  9.632   1.00 38.95 ? 434 PRO A C   1 
ATOM   701  O O   . PRO A 1 86  ? -11.664 -7.823  9.619   1.00 37.19 ? 434 PRO A O   1 
ATOM   702  C CB  . PRO A 1 86  ? -11.822 -9.946  12.009  1.00 37.18 ? 434 PRO A CB  1 
ATOM   703  C CG  . PRO A 1 86  ? -11.002 -8.983  12.783  1.00 41.98 ? 434 PRO A CG  1 
ATOM   704  C CD  . PRO A 1 86  ? -9.621  -8.963  12.174  1.00 37.37 ? 434 PRO A CD  1 
ATOM   705  N N   . PRO A 1 87  ? -12.871 -9.541  8.798   1.00 37.20 ? 435 PRO A N   1 
ATOM   706  C CA  . PRO A 1 87  ? -13.548 -8.678  7.798   1.00 37.11 ? 435 PRO A CA  1 
ATOM   707  C C   . PRO A 1 87  ? -14.248 -7.402  8.300   1.00 42.30 ? 435 PRO A C   1 
ATOM   708  O O   . PRO A 1 87  ? -14.400 -6.445  7.527   1.00 41.66 ? 435 PRO A O   1 
ATOM   709  C CB  . PRO A 1 87  ? -14.558 -9.623  7.135   1.00 39.16 ? 435 PRO A CB  1 
ATOM   710  C CG  . PRO A 1 87  ? -14.603 -10.849 7.985   1.00 43.71 ? 435 PRO A CG  1 
ATOM   711  C CD  . PRO A 1 87  ? -13.272 -10.952 8.643   1.00 39.08 ? 435 PRO A CD  1 
ATOM   712  N N   . ASP A 1 88  ? -14.648 -7.368  9.583   1.00 39.11 ? 436 ASP A N   1 
ATOM   713  C CA  . ASP A 1 88  ? -15.328 -6.221  10.200  1.00 39.07 ? 436 ASP A CA  1 
ATOM   714  C C   . ASP A 1 88  ? -14.385 -5.224  10.879  1.00 40.38 ? 436 ASP A C   1 
ATOM   715  O O   . ASP A 1 88  ? -14.845 -4.212  11.412  1.00 39.85 ? 436 ASP A O   1 
ATOM   716  C CB  . ASP A 1 88  ? -16.415 -6.707  11.181  1.00 41.95 ? 436 ASP A CB  1 
ATOM   717  C CG  . ASP A 1 88  ? -15.927 -7.615  12.302  1.00 58.81 ? 436 ASP A CG  1 
ATOM   718  O OD1 . ASP A 1 88  ? -15.217 -8.612  12.002  1.00 59.54 ? 436 ASP A OD1 1 
ATOM   719  O OD2 . ASP A 1 88  ? -16.335 -7.390  13.466  1.00 68.02 ? 436 ASP A OD2 1 
ATOM   720  N N   . HIS A 1 89  ? -13.066 -5.486  10.848  1.00 35.13 ? 437 HIS A N   1 
ATOM   721  C CA  . HIS A 1 89  ? -12.087 -4.603  11.469  1.00 34.20 ? 437 HIS A CA  1 
ATOM   722  C C   . HIS A 1 89  ? -12.086 -3.240  10.767  1.00 35.41 ? 437 HIS A C   1 
ATOM   723  O O   . HIS A 1 89  ? -12.214 -3.183  9.541   1.00 33.35 ? 437 HIS A O   1 
ATOM   724  C CB  . HIS A 1 89  ? -10.688 -5.235  11.420  1.00 35.06 ? 437 HIS A CB  1 
ATOM   725  C CG  . HIS A 1 89  ? -9.731  -4.698  12.436  1.00 38.71 ? 437 HIS A CG  1 
ATOM   726  N ND1 . HIS A 1 89  ? -9.274  -3.381  12.385  1.00 40.39 ? 437 HIS A ND1 1 
ATOM   727  C CD2 . HIS A 1 89  ? -9.132  -5.329  13.476  1.00 40.74 ? 437 HIS A CD2 1 
ATOM   728  C CE1 . HIS A 1 89  ? -8.430  -3.253  13.395  1.00 40.13 ? 437 HIS A CE1 1 
ATOM   729  N NE2 . HIS A 1 89  ? -8.305  -4.403  14.077  1.00 40.59 ? 437 HIS A NE2 1 
ATOM   730  N N   . GLU A 1 90  ? -11.997 -2.150  11.561  1.00 31.88 ? 438 GLU A N   1 
ATOM   731  C CA  . GLU A 1 90  ? -11.920 -0.762  11.102  1.00 31.49 ? 438 GLU A CA  1 
ATOM   732  C C   . GLU A 1 90  ? -10.849 -0.603  9.993   1.00 30.67 ? 438 GLU A C   1 
ATOM   733  O O   . GLU A 1 90  ? -11.081 0.132   9.039   1.00 29.12 ? 438 GLU A O   1 
ATOM   734  C CB  . GLU A 1 90  ? -11.506 0.136   12.276  1.00 33.85 ? 438 GLU A CB  1 
ATOM   735  C CG  . GLU A 1 90  ? -11.691 1.626   12.044  1.00 52.17 ? 438 GLU A CG  1 
ATOM   736  C CD  . GLU A 1 90  ? -11.328 2.510   13.226  1.00 83.15 ? 438 GLU A CD  1 
ATOM   737  O OE1 . GLU A 1 90  ? -11.464 2.057   14.386  1.00 77.78 ? 438 GLU A OE1 1 
ATOM   738  O OE2 . GLU A 1 90  ? -10.936 3.675   12.987  1.00 83.40 ? 438 GLU A OE2 1 
ATOM   739  N N   . VAL A 1 91  ? -9.675  -1.251  10.163  1.00 26.20 ? 439 VAL A N   1 
ATOM   740  C CA  . VAL A 1 91  ? -8.547  -1.101  9.229   1.00 24.42 ? 439 VAL A CA  1 
ATOM   741  C C   . VAL A 1 91  ? -8.880  -1.693  7.848   1.00 26.23 ? 439 VAL A C   1 
ATOM   742  O O   . VAL A 1 91  ? -8.402  -1.178  6.837   1.00 25.05 ? 439 VAL A O   1 
ATOM   743  C CB  . VAL A 1 91  ? -7.204  -1.621  9.812   1.00 27.07 ? 439 VAL A CB  1 
ATOM   744  C CG1 . VAL A 1 91  ? -7.108  -3.144  9.776   1.00 27.22 ? 439 VAL A CG1 1 
ATOM   745  C CG2 . VAL A 1 91  ? -6.017  -0.983  9.101   1.00 26.13 ? 439 VAL A CG2 1 
ATOM   746  N N   . VAL A 1 92  ? -9.708  -2.750  7.810   1.00 23.75 ? 440 VAL A N   1 
ATOM   747  C CA  . VAL A 1 92  ? -10.146 -3.359  6.547   1.00 23.51 ? 440 VAL A CA  1 
ATOM   748  C C   . VAL A 1 92  ? -10.990 -2.355  5.744   1.00 26.61 ? 440 VAL A C   1 
ATOM   749  O O   . VAL A 1 92  ? -10.777 -2.192  4.547   1.00 24.34 ? 440 VAL A O   1 
ATOM   750  C CB  . VAL A 1 92  ? -10.844 -4.722  6.760   1.00 26.73 ? 440 VAL A CB  1 
ATOM   751  C CG1 . VAL A 1 92  ? -11.544 -5.187  5.486   1.00 26.78 ? 440 VAL A CG1 1 
ATOM   752  C CG2 . VAL A 1 92  ? -9.839  -5.777  7.220   1.00 26.19 ? 440 VAL A CG2 1 
ATOM   753  N N   . ALA A 1 93  ? -11.883 -1.602  6.429   1.00 25.07 ? 441 ALA A N   1 
ATOM   754  C CA  . ALA A 1 93  ? -12.687 -0.575  5.773   1.00 24.66 ? 441 ALA A CA  1 
ATOM   755  C C   . ALA A 1 93  ? -11.800 0.586   5.294   1.00 25.67 ? 441 ALA A C   1 
ATOM   756  O O   . ALA A 1 93  ? -12.058 1.182   4.242   1.00 25.20 ? 441 ALA A O   1 
ATOM   757  C CB  . ALA A 1 93  ? -13.775 -0.070  6.727   1.00 25.15 ? 441 ALA A CB  1 
ATOM   758  N N   . MET A 1 94  ? -10.740 0.888   6.041   1.00 21.64 ? 442 MET A N   1 
ATOM   759  C CA  . MET A 1 94  ? -9.804  1.947   5.659   1.00 20.63 ? 442 MET A CA  1 
ATOM   760  C C   . MET A 1 94  ? -8.998  1.507   4.423   1.00 22.48 ? 442 MET A C   1 
ATOM   761  O O   . MET A 1 94  ? -8.796  2.311   3.520   1.00 21.63 ? 442 MET A O   1 
ATOM   762  C CB  . MET A 1 94  ? -8.885  2.302   6.829   1.00 22.75 ? 442 MET A CB  1 
ATOM   763  C CG  . MET A 1 94  ? -9.645  2.968   7.984   1.00 27.38 ? 442 MET A CG  1 
ATOM   764  S SD  . MET A 1 94  ? -8.631  2.995   9.472   1.00 33.05 ? 442 MET A SD  1 
ATOM   765  C CE  . MET A 1 94  ? -8.055  4.558   9.377   1.00 29.82 ? 442 MET A CE  1 
ATOM   766  N N   . ALA A 1 95  ? -8.567  0.242   4.392   1.00 20.68 ? 443 ALA A N   1 
ATOM   767  C CA  . ALA A 1 95  ? -7.834  -0.347  3.269   1.00 20.43 ? 443 ALA A CA  1 
ATOM   768  C C   . ALA A 1 95  ? -8.717  -0.251  1.991   1.00 23.83 ? 443 ALA A C   1 
ATOM   769  O O   . ALA A 1 95  ? -8.229  0.150   0.945   1.00 20.55 ? 443 ALA A O   1 
ATOM   770  C CB  . ALA A 1 95  ? -7.512  -1.804  3.568   1.00 21.39 ? 443 ALA A CB  1 
ATOM   771  N N   . ARG A 1 96  ? -10.015 -0.549  2.102   1.00 22.07 ? 444 ARG A N   1 
ATOM   772  C CA  . ARG A 1 96  ? -10.949 -0.446  0.967   1.00 22.35 ? 444 ARG A CA  1 
ATOM   773  C C   . ARG A 1 96  ? -11.075 0.937   0.410   1.00 25.74 ? 444 ARG A C   1 
ATOM   774  O O   . ARG A 1 96  ? -11.049 1.087   -0.821  1.00 25.48 ? 444 ARG A O   1 
ATOM   775  C CB  . ARG A 1 96  ? -12.324 -1.009  1.303   1.00 23.60 ? 444 ARG A CB  1 
ATOM   776  C CG  . ARG A 1 96  ? -12.286 -2.497  1.383   1.00 28.24 ? 444 ARG A CG  1 
ATOM   777  C CD  . ARG A 1 96  ? -13.579 -2.994  1.951   1.00 35.16 ? 444 ARG A CD  1 
ATOM   778  N NE  . ARG A 1 96  ? -13.639 -4.448  1.893   1.00 42.29 ? 444 ARG A NE  1 
ATOM   779  C CZ  . ARG A 1 96  ? -14.257 -5.204  2.788   1.00 50.56 ? 444 ARG A CZ  1 
ATOM   780  N NH1 . ARG A 1 96  ? -14.855 -4.651  3.838   1.00 45.45 ? 444 ARG A NH1 1 
ATOM   781  N NH2 . ARG A 1 96  ? -14.283 -6.515  2.645   1.00 40.97 ? 444 ARG A NH2 1 
ATOM   782  N N   . LYS A 1 97  ? -11.159 1.954   1.295   1.00 23.63 ? 445 LYS A N   1 
ATOM   783  C CA  . LYS A 1 97  ? -11.235 3.362   0.889   1.00 22.71 ? 445 LYS A CA  1 
ATOM   784  C C   . LYS A 1 97  ? -9.953  3.767   0.177   1.00 24.13 ? 445 LYS A C   1 
ATOM   785  O O   . LYS A 1 97  ? -10.015 4.465   -0.843  1.00 22.22 ? 445 LYS A O   1 
ATOM   786  C CB  . LYS A 1 97  ? -11.490 4.280   2.089   1.00 25.10 ? 445 LYS A CB  1 
ATOM   787  C CG  . LYS A 1 97  ? -12.915 4.160   2.630   1.00 29.58 ? 445 LYS A CG  1 
ATOM   788  C CD  . LYS A 1 97  ? -13.060 5.079   3.825   1.00 31.01 ? 445 LYS A CD  1 
ATOM   789  C CE  . LYS A 1 97  ? -14.343 4.895   4.576   1.00 44.66 ? 445 LYS A CE  1 
ATOM   790  N NZ  . LYS A 1 97  ? -14.324 5.654   5.850   1.00 57.21 ? 445 LYS A NZ  1 
ATOM   791  N N   . LEU A 1 98  ? -8.802  3.331   0.703   1.00 21.23 ? 446 LEU A N   1 
ATOM   792  C CA  . LEU A 1 98  ? -7.524  3.670   0.055   1.00 21.57 ? 446 LEU A CA  1 
ATOM   793  C C   . LEU A 1 98  ? -7.343  2.915   -1.279  1.00 22.06 ? 446 LEU A C   1 
ATOM   794  O O   . LEU A 1 98  ? -6.863  3.493   -2.275  1.00 20.68 ? 446 LEU A O   1 
ATOM   795  C CB  . LEU A 1 98  ? -6.333  3.454   1.002   1.00 21.68 ? 446 LEU A CB  1 
ATOM   796  C CG  . LEU A 1 98  ? -4.989  4.023   0.499   1.00 26.82 ? 446 LEU A CG  1 
ATOM   797  C CD1 . LEU A 1 98  ? -5.084  5.538   0.214   1.00 27.45 ? 446 LEU A CD1 1 
ATOM   798  C CD2 . LEU A 1 98  ? -3.870  3.724   1.483   1.00 25.44 ? 446 LEU A CD2 1 
ATOM   799  N N   . GLN A 1 99  ? -7.792  1.646   -1.314  1.00 17.53 ? 447 GLN A N   1 
ATOM   800  C CA  . GLN A 1 99  ? -7.696  0.875   -2.539  1.00 17.94 ? 447 GLN A CA  1 
ATOM   801  C C   . GLN A 1 99  ? -8.587  1.497   -3.621  1.00 22.12 ? 447 GLN A C   1 
ATOM   802  O O   . GLN A 1 99  ? -8.191  1.487   -4.763  1.00 21.39 ? 447 GLN A O   1 
ATOM   803  C CB  . GLN A 1 99  ? -7.993  -0.618  -2.317  1.00 18.73 ? 447 GLN A CB  1 
ATOM   804  C CG  . GLN A 1 99  ? -7.685  -1.426  -3.573  1.00 19.40 ? 447 GLN A CG  1 
ATOM   805  C CD  . GLN A 1 99  ? -7.585  -2.902  -3.340  1.00 32.36 ? 447 GLN A CD  1 
ATOM   806  O OE1 . GLN A 1 99  ? -8.019  -3.445  -2.317  1.00 27.58 ? 447 GLN A OE1 1 
ATOM   807  N NE2 . GLN A 1 99  ? -7.001  -3.586  -4.300  1.00 26.70 ? 447 GLN A NE2 1 
ATOM   808  N N   . ASP A 1 100 ? -9.730  2.122   -3.248  1.00 21.58 ? 448 ASP A N   1 
ATOM   809  C CA  . ASP A 1 100 ? -10.619 2.808   -4.207  1.00 22.20 ? 448 ASP A CA  1 
ATOM   810  C C   . ASP A 1 100 ? -9.843  3.918   -4.883  1.00 25.13 ? 448 ASP A C   1 
ATOM   811  O O   . ASP A 1 100 ? -9.942  4.066   -6.091  1.00 26.75 ? 448 ASP A O   1 
ATOM   812  C CB  . ASP A 1 100 ? -11.840 3.461   -3.493  1.00 23.78 ? 448 ASP A CB  1 
ATOM   813  C CG  . ASP A 1 100 ? -12.903 2.544   -2.924  1.00 41.24 ? 448 ASP A CG  1 
ATOM   814  O OD1 . ASP A 1 100 ? -12.895 1.340   -3.261  1.00 43.08 ? 448 ASP A OD1 1 
ATOM   815  O OD2 . ASP A 1 100 ? -13.772 3.043   -2.148  1.00 50.39 ? 448 ASP A OD2 1 
ATOM   816  N N   . VAL A 1 101 ? -9.036  4.675   -4.124  1.00 20.90 ? 449 VAL A N   1 
ATOM   817  C CA  . VAL A 1 101 ? -8.209  5.762   -4.644  1.00 22.12 ? 449 VAL A CA  1 
ATOM   818  C C   . VAL A 1 101 ? -7.191  5.193   -5.634  1.00 22.83 ? 449 VAL A C   1 
ATOM   819  O O   . VAL A 1 101 ? -7.121  5.625   -6.782  1.00 22.19 ? 449 VAL A O   1 
ATOM   820  C CB  . VAL A 1 101 ? -7.493  6.507   -3.482  1.00 29.39 ? 449 VAL A CB  1 
ATOM   821  C CG1 . VAL A 1 101 ? -6.558  7.590   -4.010  1.00 30.00 ? 449 VAL A CG1 1 
ATOM   822  C CG2 . VAL A 1 101 ? -8.515  7.092   -2.500  1.00 30.39 ? 449 VAL A CG2 1 
ATOM   823  N N   . PHE A 1 102 ? -6.430  4.210   -5.183  1.00 18.05 ? 450 PHE A N   1 
ATOM   824  C CA  . PHE A 1 102 ? -5.410  3.550   -5.998  1.00 16.81 ? 450 PHE A CA  1 
ATOM   825  C C   . PHE A 1 102 ? -5.994  2.965   -7.290  1.00 19.99 ? 450 PHE A C   1 
ATOM   826  O O   . PHE A 1 102 ? -5.457  3.240   -8.366  1.00 20.81 ? 450 PHE A O   1 
ATOM   827  C CB  . PHE A 1 102 ? -4.748  2.432   -5.205  1.00 18.07 ? 450 PHE A CB  1 
ATOM   828  C CG  . PHE A 1 102 ? -3.864  1.589   -6.087  1.00 17.97 ? 450 PHE A CG  1 
ATOM   829  C CD1 . PHE A 1 102 ? -2.675  2.097   -6.588  1.00 20.20 ? 450 PHE A CD1 1 
ATOM   830  C CD2 . PHE A 1 102 ? -4.242  0.306   -6.453  1.00 20.00 ? 450 PHE A CD2 1 
ATOM   831  C CE1 . PHE A 1 102 ? -1.855  1.314   -7.404  1.00 19.40 ? 450 PHE A CE1 1 
ATOM   832  C CE2 . PHE A 1 102 ? -3.425  -0.474  -7.284  1.00 22.70 ? 450 PHE A CE2 1 
ATOM   833  C CZ  . PHE A 1 102 ? -2.248  0.046   -7.765  1.00 19.63 ? 450 PHE A CZ  1 
ATOM   834  N N   . GLU A 1 103 ? -7.018  2.090   -7.181  1.00 17.40 ? 451 GLU A N   1 
ATOM   835  C CA  . GLU A 1 103 ? -7.553  1.379   -8.353  1.00 17.58 ? 451 GLU A CA  1 
ATOM   836  C C   . GLU A 1 103 ? -8.058  2.342   -9.405  1.00 21.44 ? 451 GLU A C   1 
ATOM   837  O O   . GLU A 1 103 ? -7.771  2.127   -10.574 1.00 20.80 ? 451 GLU A O   1 
ATOM   838  C CB  . GLU A 1 103 ? -8.661  0.377   -7.989  1.00 18.96 ? 451 GLU A CB  1 
ATOM   839  C CG  . GLU A 1 103 ? -8.201  -0.824  -7.152  1.00 20.47 ? 451 GLU A CG  1 
ATOM   840  C CD  . GLU A 1 103 ? -7.151  -1.760  -7.724  1.00 30.45 ? 451 GLU A CD  1 
ATOM   841  O OE1 . GLU A 1 103 ? -6.986  -1.817  -8.968  1.00 28.54 ? 451 GLU A OE1 1 
ATOM   842  O OE2 . GLU A 1 103 ? -6.544  -2.506  -6.918  1.00 26.53 ? 451 GLU A OE2 1 
ATOM   843  N N   . MET A 1 104 ? -8.734  3.421   -8.993  1.00 20.59 ? 452 MET A N   1 
ATOM   844  C CA  . MET A 1 104 ? -9.232  4.410   -9.983  1.00 21.50 ? 452 MET A CA  1 
ATOM   845  C C   . MET A 1 104 ? -8.055  5.089   -10.731 1.00 25.15 ? 452 MET A C   1 
ATOM   846  O O   . MET A 1 104 ? -8.048  5.129   -11.960 1.00 23.63 ? 452 MET A O   1 
ATOM   847  C CB  . MET A 1 104 ? -10.111 5.476   -9.315  1.00 24.23 ? 452 MET A CB  1 
ATOM   848  C CG  A MET A 1 104 ? -11.390 4.920   -8.714  0.50 27.29 ? 452 MET A CG  1 
ATOM   849  C CG  B MET A 1 104 ? -10.850 6.349   -10.292 0.50 28.90 ? 452 MET A CG  1 
ATOM   850  S SD  A MET A 1 104 ? -12.544 4.103   -9.849  0.50 30.98 ? 452 MET A SD  1 
ATOM   851  S SD  B MET A 1 104 ? -12.130 5.409   -11.154 0.50 33.57 ? 452 MET A SD  1 
ATOM   852  C CE  A MET A 1 104 ? -13.380 5.472   -10.446 0.50 28.81 ? 452 MET A CE  1 
ATOM   853  C CE  B MET A 1 104 ? -13.457 5.567   -10.041 0.50 31.36 ? 452 MET A CE  1 
ATOM   854  N N   . ARG A 1 105 ? -7.060  5.598   -9.985  1.00 23.30 ? 453 ARG A N   1 
ATOM   855  C CA  . ARG A 1 105 ? -5.886  6.235   -10.592 1.00 22.51 ? 453 ARG A CA  1 
ATOM   856  C C   . ARG A 1 105 ? -5.061  5.287   -11.463 1.00 24.03 ? 453 ARG A C   1 
ATOM   857  O O   . ARG A 1 105 ? -4.680  5.667   -12.571 1.00 24.55 ? 453 ARG A O   1 
ATOM   858  C CB  . ARG A 1 105 ? -4.984  6.878   -9.515  1.00 21.84 ? 453 ARG A CB  1 
ATOM   859  C CG  . ARG A 1 105 ? -5.639  7.964   -8.689  1.00 22.80 ? 453 ARG A CG  1 
ATOM   860  C CD  . ARG A 1 105 ? -6.111  9.104   -9.584  1.00 28.50 ? 453 ARG A CD  1 
ATOM   861  N NE  . ARG A 1 105 ? -6.395  10.301  -8.810  1.00 33.32 ? 453 ARG A NE  1 
ATOM   862  C CZ  . ARG A 1 105 ? -6.898  11.419  -9.317  1.00 39.86 ? 453 ARG A CZ  1 
ATOM   863  N NH1 . ARG A 1 105 ? -7.224  11.486  -10.601 1.00 29.92 ? 453 ARG A NH1 1 
ATOM   864  N NH2 . ARG A 1 105 ? -7.107  12.465  -8.539  1.00 33.30 ? 453 ARG A NH2 1 
ATOM   865  N N   . PHE A 1 106 ? -4.798  4.062   -10.981 1.00 18.78 ? 454 PHE A N   1 
ATOM   866  C CA  . PHE A 1 106 ? -4.015  3.028   -11.679 1.00 18.66 ? 454 PHE A CA  1 
ATOM   867  C C   . PHE A 1 106 ? -4.699  2.612   -12.989 1.00 25.88 ? 454 PHE A C   1 
ATOM   868  O O   . PHE A 1 106 ? -4.024  2.354   -13.990 1.00 25.87 ? 454 PHE A O   1 
ATOM   869  C CB  . PHE A 1 106 ? -3.832  1.788   -10.768 1.00 19.63 ? 454 PHE A CB  1 
ATOM   870  C CG  . PHE A 1 106 ? -2.745  0.828   -11.199 1.00 21.55 ? 454 PHE A CG  1 
ATOM   871  C CD1 . PHE A 1 106 ? -1.408  1.224   -11.213 1.00 24.61 ? 454 PHE A CD1 1 
ATOM   872  C CD2 . PHE A 1 106 ? -3.052  -0.476  -11.561 1.00 24.79 ? 454 PHE A CD2 1 
ATOM   873  C CE1 . PHE A 1 106 ? -0.394  0.324   -11.581 1.00 25.96 ? 454 PHE A CE1 1 
ATOM   874  C CE2 . PHE A 1 106 ? -2.038  -1.377  -11.925 1.00 28.17 ? 454 PHE A CE2 1 
ATOM   875  C CZ  . PHE A 1 106 ? -0.716  -0.966  -11.935 1.00 25.75 ? 454 PHE A CZ  1 
ATOM   876  N N   . ALA A 1 107 ? -6.039  2.546   -12.980 1.00 23.08 ? 455 ALA A N   1 
ATOM   877  C CA  . ALA A 1 107 ? -6.783  2.136   -14.170 1.00 23.57 ? 455 ALA A CA  1 
ATOM   878  C C   . ALA A 1 107 ? -6.739  3.211   -15.251 1.00 28.53 ? 455 ALA A C   1 
ATOM   879  O O   . ALA A 1 107 ? -6.728  2.880   -16.430 1.00 30.12 ? 455 ALA A O   1 
ATOM   880  C CB  . ALA A 1 107 ? -8.222  1.833   -13.803 1.00 24.98 ? 455 ALA A CB  1 
ATOM   881  N N   . LYS A 1 108 ? -6.726  4.475   -14.846 1.00 26.60 ? 456 LYS A N   1 
ATOM   882  C CA  . LYS A 1 108 ? -6.800  5.649   -15.749 1.00 28.12 ? 456 LYS A CA  1 
ATOM   883  C C   . LYS A 1 108 ? -5.442  6.202   -16.148 1.00 37.66 ? 456 LYS A C   1 
ATOM   884  O O   . LYS A 1 108 ? -5.378  7.193   -16.880 1.00 40.94 ? 456 LYS A O   1 
ATOM   885  C CB  . LYS A 1 108 ? -7.676  6.743   -15.127 1.00 29.06 ? 456 LYS A CB  1 
ATOM   886  C CG  . LYS A 1 108 ? -9.171  6.429   -15.156 1.00 32.63 ? 456 LYS A CG  1 
ATOM   887  C CD  . LYS A 1 108 ? -9.993  7.480   -14.427 1.00 34.73 ? 456 LYS A CD  1 
ATOM   888  C CE  . LYS A 1 108 ? -11.463 7.148   -14.307 1.00 39.09 ? 456 LYS A CE  1 
ATOM   889  N NZ  A LYS A 1 108 ? -12.148 7.978   -13.285 0.50 45.05 ? 456 LYS A NZ  1 
ATOM   890  N NZ  B LYS A 1 108 ? -12.123 6.877   -15.622 0.50 38.25 ? 456 LYS A NZ  1 
ATOM   891  N N   . MET A 1 109 ? -4.362  5.566   -15.697 1.00 34.75 ? 457 MET A N   1 
ATOM   892  C CA  . MET A 1 109 ? -3.008  6.002   -16.033 1.00 56.24 ? 457 MET A CA  1 
ATOM   893  C C   . MET A 1 109 ? -2.581  5.525   -17.421 1.00 98.19 ? 457 MET A C   1 
ATOM   894  O O   . MET A 1 109 ? -3.111  5.991   -18.424 1.00 68.50 ? 457 MET A O   1 
ATOM   895  C CB  . MET A 1 109 ? -2.011  5.581   -14.950 1.00 58.34 ? 457 MET A CB  1 
ATOM   896  C CG  . MET A 1 109 ? -1.625  4.124   -14.980 1.00 61.85 ? 457 MET A CG  1 
ATOM   897  S SD  . MET A 1 109 ? -0.133  3.806   -14.016 1.00 65.40 ? 457 MET A SD  1 
ATOM   898  C CE  . MET A 1 109 ? 1.085   4.139   -15.233 1.00 61.97 ? 457 MET A CE  1 
HETATM 899  C C4  . 88P B 2 .   ? -2.436  -2.746  10.396  1.00 30.65 ? 501 88P A C4  1 
HETATM 900  C C5  . 88P B 2 .   ? -2.930  -4.083  10.290  1.00 31.28 ? 501 88P A C5  1 
HETATM 901  C C6  . 88P B 2 .   ? -2.951  -4.841  11.597  1.00 33.71 ? 501 88P A C6  1 
HETATM 902  C C7  . 88P B 2 .   ? -1.729  -0.799  11.330  1.00 35.43 ? 501 88P A C7  1 
HETATM 903  C C8  . 88P B 2 .   ? -2.086  -1.904  9.369   1.00 31.52 ? 501 88P A C8  1 
HETATM 904  C C10 . 88P B 2 .   ? -1.046  1.149   14.310  1.00 41.96 ? 501 88P A C10 1 
HETATM 905  C C3  . 88P B 2 .   ? -2.220  -2.062  11.626  1.00 32.15 ? 501 88P A C3  1 
HETATM 906  C C9  . 88P B 2 .   ? -1.367  0.336   12.142  1.00 38.54 ? 501 88P A C9  1 
HETATM 907  C C2  . 88P B 2 .   ? -2.517  -2.711  12.931  1.00 31.20 ? 501 88P A C2  1 
HETATM 908  C C1  . 88P B 2 .   ? -3.420  -3.924  12.727  1.00 32.22 ? 501 88P A C1  1 
HETATM 909  C C12 . 88P B 2 .   ? -2.108  -2.089  7.908   1.00 32.16 ? 501 88P A C12 1 
HETATM 910  C C11 . 88P B 2 .   ? -2.063  1.523   15.358  1.00 42.62 ? 501 88P A C11 1 
HETATM 911  N N13 . 88P B 2 .   ? -1.662  -0.743  9.961   1.00 33.63 ? 501 88P A N13 1 
HETATM 912  O O14 . 88P B 2 .   ? -3.316  -4.591  9.248   1.00 26.47 ? 501 88P A O14 1 
HETATM 913  O O16 . 88P B 2 .   ? -0.953  1.393   11.675  1.00 37.63 ? 501 88P A O16 1 
HETATM 914  O O15 . 88P B 2 .   ? -1.588  0.119   13.477  1.00 40.99 ? 501 88P A O15 1 
HETATM 915  O O   . HOH C 3 .   ? -10.449 -9.714  6.461   1.00 39.05 ? 601 HOH A O   1 
HETATM 916  O O   . HOH C 3 .   ? -2.932  10.137  3.032   1.00 25.25 ? 602 HOH A O   1 
HETATM 917  O O   . HOH C 3 .   ? 1.357   13.740  -0.728  1.00 33.67 ? 603 HOH A O   1 
HETATM 918  O O   . HOH C 3 .   ? -3.541  13.327  -7.543  1.00 34.49 ? 604 HOH A O   1 
HETATM 919  O O   . HOH C 3 .   ? -0.978  -4.068  4.978   1.00 26.00 ? 605 HOH A O   1 
HETATM 920  O O   . HOH C 3 .   ? -6.583  -9.628  -2.322  1.00 26.60 ? 606 HOH A O   1 
HETATM 921  O O   . HOH C 3 .   ? -11.354 12.704  2.285   1.00 50.70 ? 607 HOH A O   1 
HETATM 922  O O   . HOH C 3 .   ? 10.449  -2.094  4.785   1.00 57.59 ? 608 HOH A O   1 
HETATM 923  O O   . HOH C 3 .   ? 7.933   -7.877  1.712   1.00 43.45 ? 609 HOH A O   1 
HETATM 924  O O   . HOH C 3 .   ? 3.517   -15.738 16.833  1.00 44.97 ? 610 HOH A O   1 
HETATM 925  O O   . HOH C 3 .   ? 6.189   -3.315  5.327   1.00 28.49 ? 611 HOH A O   1 
HETATM 926  O O   . HOH C 3 .   ? 1.232   -0.486  7.427   1.00 27.04 ? 612 HOH A O   1 
HETATM 927  O O   . HOH C 3 .   ? -1.604  -5.633  7.065   1.00 27.23 ? 613 HOH A O   1 
HETATM 928  O O   . HOH C 3 .   ? 14.368  0.128   -1.193  1.00 57.73 ? 614 HOH A O   1 
HETATM 929  O O   . HOH C 3 .   ? -0.327  13.092  -7.317  1.00 33.73 ? 615 HOH A O   1 
HETATM 930  O O   . HOH C 3 .   ? 0.810   -2.131  5.357   1.00 30.10 ? 616 HOH A O   1 
HETATM 931  O O   . HOH C 3 .   ? 3.314   -8.117  19.102  1.00 38.09 ? 617 HOH A O   1 
HETATM 932  O O   . HOH C 3 .   ? -2.699  -16.486 15.058  1.00 54.64 ? 618 HOH A O   1 
HETATM 933  O O   . HOH C 3 .   ? -8.513  8.656   11.077  1.00 45.30 ? 619 HOH A O   1 
HETATM 934  O O   . HOH C 3 .   ? 11.082  4.240   -10.133 1.00 39.76 ? 620 HOH A O   1 
HETATM 935  O O   . HOH C 3 .   ? 0.349   -5.862  -11.083 1.00 36.21 ? 621 HOH A O   1 
HETATM 936  O O   . HOH C 3 .   ? -5.023  -12.783 14.517  1.00 57.57 ? 622 HOH A O   1 
HETATM 937  O O   . HOH C 3 .   ? -0.917  -10.863 0.888   1.00 40.11 ? 623 HOH A O   1 
HETATM 938  O O   . HOH C 3 .   ? 2.785   0.803   17.550  1.00 63.29 ? 624 HOH A O   1 
HETATM 939  O O   . HOH C 3 .   ? 5.807   -11.999 17.437  1.00 63.95 ? 625 HOH A O   1 
HETATM 940  O O   . HOH C 3 .   ? 6.252   -6.090  -7.203  1.00 34.66 ? 626 HOH A O   1 
HETATM 941  O O   . HOH C 3 .   ? 11.639  7.793   -22.065 1.00 61.18 ? 627 HOH A O   1 
HETATM 942  O O   . HOH C 3 .   ? -2.655  -9.325  -4.027  1.00 37.29 ? 628 HOH A O   1 
HETATM 943  O O   . HOH C 3 .   ? 12.297  6.974   0.706   1.00 70.45 ? 629 HOH A O   1 
HETATM 944  O O   . HOH C 3 .   ? 4.365   -13.847 14.436  1.00 57.04 ? 630 HOH A O   1 
HETATM 945  O O   . HOH C 3 .   ? -11.586 -1.019  -2.853  1.00 51.67 ? 631 HOH A O   1 
HETATM 946  O O   . HOH C 3 .   ? 6.779   0.814   11.876  1.00 44.92 ? 632 HOH A O   1 
HETATM 947  O O   . HOH C 3 .   ? 17.176  -1.486  -10.758 1.00 35.04 ? 633 HOH A O   1 
HETATM 948  O O   . HOH C 3 .   ? 2.176   -11.615 2.475   1.00 29.52 ? 634 HOH A O   1 
HETATM 949  O O   . HOH C 3 .   ? 8.442   -5.770  -17.964 1.00 65.16 ? 635 HOH A O   1 
HETATM 950  O O   . HOH C 3 .   ? -11.348 6.997   -0.889  1.00 33.44 ? 636 HOH A O   1 
HETATM 951  O O   . HOH C 3 .   ? -11.400 11.273  -0.042  1.00 44.28 ? 637 HOH A O   1 
HETATM 952  O O   . HOH C 3 .   ? -5.888  15.915  6.327   1.00 65.49 ? 638 HOH A O   1 
HETATM 953  O O   . HOH C 3 .   ? -14.648 0.943   3.372   1.00 37.93 ? 639 HOH A O   1 
HETATM 954  O O   . HOH C 3 .   ? 9.677   -5.565  -8.728  1.00 45.96 ? 640 HOH A O   1 
HETATM 955  O O   . HOH C 3 .   ? 4.724   -7.561  -5.091  1.00 33.92 ? 641 HOH A O   1 
HETATM 956  O O   . HOH C 3 .   ? 7.584   -7.194  -2.653  1.00 38.06 ? 642 HOH A O   1 
HETATM 957  O O   . HOH C 3 .   ? 0.282   -8.493  -5.091  1.00 43.51 ? 643 HOH A O   1 
HETATM 958  O O   . HOH C 3 .   ? 10.612  -5.674  -1.289  1.00 51.10 ? 644 HOH A O   1 
HETATM 959  O O   . HOH C 3 .   ? -14.542 -3.679  7.654   1.00 38.22 ? 645 HOH A O   1 
HETATM 960  O O   . HOH C 3 .   ? 8.040   8.356   -5.448  1.00 49.84 ? 646 HOH A O   1 
HETATM 961  O O   . HOH C 3 .   ? 5.647   9.174   -4.535  1.00 36.80 ? 647 HOH A O   1 
HETATM 962  O O   . HOH C 3 .   ? 7.655   -10.032 17.151  1.00 59.72 ? 648 HOH A O   1 
HETATM 963  O O   . HOH C 3 .   ? 3.928   3.977   -21.866 1.00 57.04 ? 649 HOH A O   1 
HETATM 964  O O   . HOH C 3 .   ? 10.044  6.120   2.117   1.00 41.25 ? 650 HOH A O   1 
HETATM 965  O O   . HOH C 3 .   ? -4.648  8.434   -12.987 1.00 37.08 ? 651 HOH A O   1 
HETATM 966  O O   . HOH C 3 .   ? 2.079   -5.324  5.498   1.00 23.36 ? 652 HOH A O   1 
HETATM 967  O O   . HOH C 3 .   ? -13.187 3.793   7.607   1.00 58.72 ? 653 HOH A O   1 
HETATM 968  O O   . HOH C 3 .   ? -13.627 8.281   5.155   1.00 65.90 ? 654 HOH A O   1 
HETATM 969  O O   . HOH C 3 .   ? 11.895  2.599   3.463   1.00 51.07 ? 655 HOH A O   1 
HETATM 970  O O   . HOH C 3 .   ? 7.485   8.014   3.501   1.00 56.20 ? 656 HOH A O   1 
HETATM 971  O O   . HOH C 3 .   ? -1.854  -4.661  -12.391 1.00 47.46 ? 657 HOH A O   1 
HETATM 972  O O   . HOH C 3 .   ? -3.228  -15.638 19.291  1.00 40.87 ? 658 HOH A O   1 
HETATM 973  O O   . HOH C 3 .   ? 11.170  1.485   -9.919  1.00 41.14 ? 659 HOH A O   1 
HETATM 974  O O   . HOH C 3 .   ? -6.513  -7.902  13.672  1.00 33.61 ? 660 HOH A O   1 
HETATM 975  O O   . HOH C 3 .   ? -6.288  0.134   -17.046 1.00 46.28 ? 661 HOH A O   1 
HETATM 976  O O   . HOH C 3 .   ? 9.850   1.651   4.970   1.00 51.89 ? 662 HOH A O   1 
HETATM 977  O O   . HOH C 3 .   ? 13.830  -2.798  -11.362 1.00 34.41 ? 663 HOH A O   1 
HETATM 978  O O   . HOH C 3 .   ? 15.403  4.266   -1.776  1.00 40.44 ? 664 HOH A O   1 
HETATM 979  O O   . HOH C 3 .   ? 1.687   -0.342  13.020  1.00 36.28 ? 665 HOH A O   1 
HETATM 980  O O   . HOH C 3 .   ? 8.773   -4.923  3.368   1.00 67.73 ? 666 HOH A O   1 
HETATM 981  O O   . HOH C 3 .   ? 1.519   -14.009 3.596   1.00 40.43 ? 667 HOH A O   1 
HETATM 982  O O   . HOH C 3 .   ? -0.819  13.033  5.340   1.00 51.74 ? 668 HOH A O   1 
HETATM 983  O O   . HOH C 3 .   ? 7.073   -12.834 8.070   1.00 56.50 ? 669 HOH A O   1 
HETATM 984  O O   . HOH C 3 .   ? -12.105 -2.263  14.461  1.00 42.18 ? 670 HOH A O   1 
HETATM 985  O O   . HOH C 3 .   ? -11.163 6.594   8.552   1.00 55.29 ? 671 HOH A O   1 
HETATM 986  O O   . HOH C 3 .   ? -17.176 5.263   6.350   1.00 56.05 ? 672 HOH A O   1 
HETATM 987  O O   . HOH C 3 .   ? 5.663   -2.276  21.067  1.00 64.43 ? 673 HOH A O   1 
HETATM 988  O O   . HOH C 3 .   ? -8.551  -3.953  -10.220 1.00 23.52 ? 674 HOH A O   1 
HETATM 989  O O   . HOH C 3 .   ? 4.119   -3.875  7.036   1.00 26.23 ? 675 HOH A O   1 
HETATM 990  O O   . HOH C 3 .   ? 5.706   -5.162  9.192   1.00 31.76 ? 676 HOH A O   1 
HETATM 991  O O   . HOH C 3 .   ? -6.107  -10.591 13.341  1.00 46.38 ? 677 HOH A O   1 
HETATM 992  O O   . HOH C 3 .   ? -4.384  -7.893  15.549  1.00 38.08 ? 678 HOH A O   1 
HETATM 993  O O   . HOH C 3 .   ? 0.742   6.815   10.294  1.00 48.95 ? 679 HOH A O   1 
HETATM 994  O O   . HOH C 3 .   ? 1.537   3.412   9.458   1.00 29.73 ? 680 HOH A O   1 
HETATM 995  O O   . HOH C 3 .   ? 4.514   -10.910 14.561  1.00 39.66 ? 681 HOH A O   1 
HETATM 996  O O   . HOH C 3 .   ? 3.348   -2.274  -16.618 1.00 39.32 ? 682 HOH A O   1 
HETATM 997  O O   . HOH C 3 .   ? -11.710 -6.143  0.267   1.00 36.58 ? 683 HOH A O   1 
HETATM 998  O O   . HOH C 3 .   ? 1.832   0.917   10.533  1.00 42.77 ? 684 HOH A O   1 
HETATM 999  O O   . HOH C 3 .   ? -4.493  16.674  -0.214  1.00 29.17 ? 685 HOH A O   1 
HETATM 1000 O O   . HOH C 3 .   ? -7.111  9.394   -12.819 1.00 40.05 ? 686 HOH A O   1 
HETATM 1001 O O   . HOH C 3 .   ? -1.089  -6.810  -9.031  1.00 27.99 ? 687 HOH A O   1 
HETATM 1002 O O   . HOH C 3 .   ? 9.730   6.605   -10.253 1.00 56.91 ? 688 HOH A O   1 
HETATM 1003 O O   . HOH C 3 .   ? 7.874   -4.208  12.885  1.00 41.78 ? 689 HOH A O   1 
HETATM 1004 O O   . HOH C 3 .   ? -8.522  6.380   12.534  1.00 79.70 ? 690 HOH A O   1 
HETATM 1005 O O   . HOH C 3 .   ? 1.316   -1.812  22.168  1.00 41.28 ? 691 HOH A O   1 
HETATM 1006 O O   . HOH C 3 .   ? -8.890  8.101   -7.615  1.00 54.06 ? 692 HOH A O   1 
HETATM 1007 O O   . HOH C 3 .   ? 7.903   -9.625  -12.279 1.00 59.92 ? 693 HOH A O   1 
HETATM 1008 O O   . HOH C 3 .   ? -11.635 -0.657  -5.523  1.00 48.36 ? 694 HOH A O   1 
HETATM 1009 O O   . HOH C 3 .   ? 1.825   -8.268  -11.475 1.00 50.33 ? 695 HOH A O   1 
HETATM 1010 O O   . HOH C 3 .   ? 5.138   10.880  -2.027  1.00 43.13 ? 696 HOH A O   1 
HETATM 1011 O O   . HOH C 3 .   ? 13.376  0.955   -13.692 1.00 66.81 ? 697 HOH A O   1 
HETATM 1012 O O   . HOH C 3 .   ? -8.417  -13.354 10.470  1.00 62.05 ? 698 HOH A O   1 
HETATM 1013 O O   . HOH C 3 .   ? 0.721   -1.777  15.032  1.00 44.65 ? 699 HOH A O   1 
HETATM 1014 O O   . HOH C 3 .   ? -4.061  11.034  9.932   1.00 51.41 ? 700 HOH A O   1 
HETATM 1015 O O   . HOH C 3 .   ? 18.757  -1.309  -6.397  1.00 50.89 ? 701 HOH A O   1 
HETATM 1016 O O   . HOH C 3 .   ? 9.797   -9.724  2.331   1.00 53.47 ? 702 HOH A O   1 
HETATM 1017 O O   . HOH C 3 .   ? 6.389   10.257  2.400   1.00 49.39 ? 703 HOH A O   1 
HETATM 1018 O O   . HOH C 3 .   ? -3.776  9.806   -15.182 1.00 46.06 ? 704 HOH A O   1 
HETATM 1019 O O   . HOH C 3 .   ? 9.437   3.499   6.888   1.00 53.32 ? 705 HOH A O   1 
HETATM 1020 O O   . HOH C 3 .   ? -16.049 -1.340  4.015   1.00 39.63 ? 706 HOH A O   1 
HETATM 1021 O O   . HOH C 3 .   ? -15.342 1.577   0.666   1.00 44.91 ? 707 HOH A O   1 
HETATM 1022 O O   . HOH C 3 .   ? -1.452  -1.678  16.598  1.00 52.14 ? 708 HOH A O   1 
HETATM 1023 O O   . HOH C 3 .   ? -11.568 7.350   -6.257  1.00 44.07 ? 709 HOH A O   1 
HETATM 1024 O O   . HOH C 3 .   ? 4.069   -11.000 -13.656 0.50 83.94 ? 710 HOH A O   1 
HETATM 1025 O O   . HOH C 3 .   ? -5.063  -6.054  21.603  1.00 53.65 ? 711 HOH A O   1 
HETATM 1026 O O   . HOH C 3 .   ? -2.326  -7.286  -12.850 1.00 47.06 ? 712 HOH A O   1 
HETATM 1027 O O   . HOH C 3 .   ? -16.278 2.237   5.200   1.00 58.76 ? 713 HOH A O   1 
HETATM 1028 O O   . HOH C 3 .   ? 16.463  1.909   -0.873  1.00 45.41 ? 714 HOH A O   1 
HETATM 1029 O O   . HOH C 3 .   ? -0.871  0.356   -15.821 1.00 66.64 ? 715 HOH A O   1 
HETATM 1030 O O   . HOH C 3 .   ? 13.191  5.571   -20.137 1.00 72.72 ? 716 HOH A O   1 
HETATM 1031 O O   . HOH C 3 .   ? -2.501  -12.245 -3.270  1.00 68.42 ? 717 HOH A O   1 
HETATM 1032 O O   . HOH C 3 .   ? -4.704  -5.147  16.151  1.00 65.85 ? 718 HOH A O   1 
HETATM 1033 O O   . HOH C 3 .   ? 1.730   14.160  -8.738  1.00 46.14 ? 719 HOH A O   1 
HETATM 1034 O O   . HOH C 3 .   ? 8.707   -4.109  5.979   1.00 41.30 ? 720 HOH A O   1 
HETATM 1035 O O   . HOH C 3 .   ? -0.794  -3.776  -14.689 1.00 46.41 ? 721 HOH A O   1 
HETATM 1036 O O   . HOH C 3 .   ? 3.902   -1.451  22.954  1.00 56.99 ? 722 HOH A O   1 
HETATM 1037 O O   . HOH C 3 .   ? 4.541   8.924   6.514   1.00 50.12 ? 723 HOH A O   1 
HETATM 1038 O O   . HOH C 3 .   ? 2.759   -12.660 -0.363  1.00 53.45 ? 724 HOH A O   1 
HETATM 1039 O O   . HOH C 3 .   ? 19.827  2.659   -4.827  1.00 62.49 ? 725 HOH A O   1 
HETATM 1040 O O   . HOH C 3 .   ? 13.625  4.910   5.167   1.00 72.91 ? 726 HOH A O   1 
HETATM 1041 O O   . HOH C 3 .   ? -3.669  8.766   14.025  1.00 57.04 ? 727 HOH A O   1 
HETATM 1042 O O   . HOH C 3 .   ? -4.122  -2.197  16.355  1.00 65.83 ? 728 HOH A O   1 
HETATM 1043 O O   . HOH C 3 .   ? -7.704  8.539   14.547  1.00 70.89 ? 729 HOH A O   1 
HETATM 1044 O O   . HOH C 3 .   ? 5.991   -8.324  -9.224  1.00 44.18 ? 730 HOH A O   1 
HETATM 1045 O O   . HOH C 3 .   ? -6.306  0.627   13.026  1.00 54.80 ? 731 HOH A O   1 
HETATM 1046 O O   . HOH C 3 .   ? 10.668  -5.126  1.365   1.00 51.38 ? 732 HOH A O   1 
HETATM 1047 O O   . HOH C 3 .   ? 8.243   3.001   11.222  1.00 56.81 ? 733 HOH A O   1 
HETATM 1048 O O   . HOH C 3 .   ? 4.264   8.394   9.166   1.00 51.52 ? 734 HOH A O   1 
HETATM 1049 O O   . HOH C 3 .   ? 9.825   -3.264  9.611   1.00 59.08 ? 735 HOH A O   1 
HETATM 1050 O O   . HOH C 3 .   ? 10.137  2.578   9.318   1.00 54.94 ? 736 HOH A O   1 
HETATM 1051 O O   . HOH C 3 .   ? 3.364   11.333  5.987   1.00 52.78 ? 737 HOH A O   1 
HETATM 1052 O O   . HOH C 3 .   ? -0.111  -11.873 -1.904  1.00 55.22 ? 738 HOH A O   1 
HETATM 1053 O O   . HOH C 3 .   ? 18.831  5.652   0.171   1.00 53.22 ? 739 HOH A O   1 
# 
